data_8Q8Q
#
_entry.id   8Q8Q
#
_cell.length_a   1.00
_cell.length_b   1.00
_cell.length_c   1.00
_cell.angle_alpha   90.00
_cell.angle_beta   90.00
_cell.angle_gamma   90.00
#
_symmetry.space_group_name_H-M   'P 1'
#
loop_
_entity.id
_entity.type
_entity.pdbx_description
1 polymer 'Magnesium channel Mrs2'
2 non-polymer '(1R)-2-{[(R)-(2-AMINOETHOXY)(HYDROXY)PHOSPHORYL]OXY}-1-[(DODECANOYLOXY)METHYL]ETHYL (9Z)-OCTADEC-9-ENOATE'
3 non-polymer 'MAGNESIUM ION'
#
_entity_poly.entity_id   1
_entity_poly.type   'polypeptide(L)'
_entity_poly.pdbx_seq_one_letter_code
;SGFSSEESSGRLTWRELLFGSGARKQSEAMKEEEIMMRLQEDSGAIFQRRSLTSKAALDPRLRCTEVDGNGNVIMVDGEL
KKSELIAKYGLLPRDLRKIDSSNLPHILVRPSAILINLLHLKVLIKHDRVLLFDVYGSTSSYPQSAFMYDLQGKLQQKQT
GGANSLPYEFRALEAVLMSVTAELEADFEAVRDPVIRILSELEDDIDREKLRILLVLSKRVSTFEQKAKLVRDAIEELLE
ADDDLAAMYLTEKTHDLYRGEDDHTEVELLLESYHKLCDEVVQEASNLVSSIRNTEEIIRAILDANRNSLMLLDLKFSIG
TLGLAMGTFLAGLYGMNLENFIEETNWGFGAITGLSTLLSLVVCWYGLAKLRKVQRVKMNGAGFTRHNHWFRDDSTDVLL
DPSNRERLRKINMMKSHAKQKTAAAKKWPLNKL
;
_entity_poly.pdbx_strand_id   A,B,C,D,E
#
loop_
_chem_comp.id
_chem_comp.type
_chem_comp.name
_chem_comp.formula
LOP non-polymer '(1R)-2-{[(R)-(2-AMINOETHOXY)(HYDROXY)PHOSPHORYL]OXY}-1-[(DODECANOYLOXY)METHYL]ETHYL (9Z)-OCTADEC-9-ENOATE' 'C35 H68 N O8 P'
MG non-polymer 'MAGNESIUM ION' 'Mg 2'
#
# COMPACT_ATOMS: atom_id res chain seq x y z
N ALA A 56 39.33 -16.81 -3.72
CA ALA A 56 40.67 -16.35 -4.04
C ALA A 56 40.62 -15.23 -5.07
N ALA A 57 41.49 -15.32 -6.08
CA ALA A 57 41.59 -14.36 -7.18
C ALA A 57 41.85 -12.94 -6.65
N LEU A 58 43.01 -12.78 -6.03
CA LEU A 58 43.41 -11.48 -5.50
C LEU A 58 43.62 -10.47 -6.63
N ASP A 59 44.23 -10.90 -7.73
CA ASP A 59 44.47 -10.03 -8.87
C ASP A 59 43.67 -10.52 -10.06
N PRO A 60 42.72 -9.73 -10.59
CA PRO A 60 41.83 -10.24 -11.64
C PRO A 60 42.33 -10.10 -13.06
N ARG A 61 43.44 -9.37 -13.29
CA ARG A 61 44.07 -9.23 -14.61
C ARG A 61 43.09 -8.64 -15.64
N LEU A 62 42.73 -7.38 -15.39
CA LEU A 62 41.75 -6.69 -16.22
C LEU A 62 42.27 -6.48 -17.64
N ARG A 63 41.34 -6.45 -18.59
CA ARG A 63 41.66 -6.21 -19.99
C ARG A 63 41.69 -4.71 -20.25
N CYS A 64 42.71 -4.25 -20.97
CA CYS A 64 42.95 -2.82 -21.12
C CYS A 64 43.33 -2.48 -22.55
N THR A 65 43.03 -1.23 -22.93
CA THR A 65 43.48 -0.62 -24.17
C THR A 65 43.85 0.83 -23.86
N GLU A 66 44.91 1.33 -24.51
CA GLU A 66 45.47 2.64 -24.17
C GLU A 66 45.71 3.46 -25.43
N VAL A 67 45.62 4.78 -25.26
CA VAL A 67 45.89 5.75 -26.33
C VAL A 67 46.72 6.88 -25.74
N ASP A 68 47.80 7.25 -26.44
CA ASP A 68 48.76 8.22 -25.93
C ASP A 68 48.34 9.65 -26.33
N GLY A 69 49.27 10.59 -26.19
CA GLY A 69 48.94 11.99 -26.40
C GLY A 69 48.64 12.34 -27.84
N ASN A 70 49.35 11.72 -28.79
CA ASN A 70 49.14 12.02 -30.19
C ASN A 70 47.97 11.28 -30.80
N GLY A 71 47.28 10.44 -30.03
CA GLY A 71 46.14 9.70 -30.52
C GLY A 71 46.45 8.35 -31.11
N ASN A 72 47.73 8.00 -31.25
CA ASN A 72 48.09 6.69 -31.79
C ASN A 72 47.79 5.59 -30.77
N VAL A 73 47.51 4.40 -31.27
CA VAL A 73 47.26 3.24 -30.41
C VAL A 73 48.62 2.76 -29.92
N ILE A 74 49.01 3.19 -28.72
CA ILE A 74 50.31 2.81 -28.18
C ILE A 74 50.27 1.39 -27.66
N MET A 75 49.07 0.87 -27.38
CA MET A 75 48.92 -0.48 -26.86
C MET A 75 47.54 -0.99 -27.27
N VAL A 76 47.50 -2.26 -27.67
CA VAL A 76 46.28 -2.88 -28.17
C VAL A 76 45.79 -3.76 -27.02
N ASP A 77 44.61 -4.38 -27.18
CA ASP A 77 43.93 -5.15 -26.14
C ASP A 77 44.86 -6.12 -25.41
N GLY A 78 45.08 -5.87 -24.12
CA GLY A 78 46.03 -6.65 -23.35
C GLY A 78 45.52 -6.92 -21.95
N GLU A 79 46.32 -7.66 -21.19
CA GLU A 79 45.97 -8.07 -19.83
C GLU A 79 46.92 -7.40 -18.85
N LEU A 80 46.38 -6.54 -17.99
CA LEU A 80 47.16 -5.84 -16.98
C LEU A 80 46.59 -6.14 -15.61
N LYS A 81 47.48 -6.35 -14.63
CA LYS A 81 47.05 -6.60 -13.27
C LYS A 81 46.53 -5.32 -12.62
N LYS A 82 45.77 -5.50 -11.53
CA LYS A 82 45.25 -4.34 -10.80
C LYS A 82 46.38 -3.57 -10.13
N SER A 83 47.36 -4.28 -9.59
CA SER A 83 48.48 -3.61 -8.91
C SER A 83 49.30 -2.77 -9.88
N GLU A 84 49.54 -3.30 -11.09
CA GLU A 84 50.30 -2.54 -12.08
C GLU A 84 49.53 -1.29 -12.53
N LEU A 85 48.21 -1.42 -12.70
CA LEU A 85 47.39 -0.28 -13.07
C LEU A 85 47.41 0.79 -11.98
N ILE A 86 47.30 0.36 -10.72
CA ILE A 86 47.31 1.30 -9.60
C ILE A 86 48.66 2.00 -9.50
N ALA A 87 49.75 1.25 -9.68
CA ALA A 87 51.08 1.84 -9.62
C ALA A 87 51.31 2.81 -10.78
N LYS A 88 50.83 2.48 -11.97
CA LYS A 88 51.05 3.32 -13.14
C LYS A 88 50.24 4.61 -13.05
N TYR A 89 48.96 4.51 -12.72
CA TYR A 89 48.09 5.68 -12.74
C TYR A 89 48.00 6.40 -11.40
N GLY A 90 48.59 5.83 -10.34
CA GLY A 90 48.54 6.47 -9.03
C GLY A 90 47.15 6.58 -8.45
N LEU A 91 46.34 5.53 -8.59
CA LEU A 91 44.95 5.58 -8.15
C LEU A 91 44.84 5.12 -6.70
N LEU A 92 43.61 4.89 -6.25
CA LEU A 92 43.32 4.38 -4.92
C LEU A 92 42.40 3.17 -5.05
N PRO A 93 42.50 2.21 -4.13
CA PRO A 93 41.61 1.03 -4.22
C PRO A 93 40.13 1.36 -4.12
N ARG A 94 39.77 2.40 -3.34
CA ARG A 94 38.37 2.75 -3.18
C ARG A 94 37.76 3.26 -4.48
N ASP A 95 38.50 4.07 -5.25
CA ASP A 95 37.99 4.57 -6.51
C ASP A 95 37.77 3.45 -7.52
N LEU A 96 38.72 2.50 -7.59
CA LEU A 96 38.56 1.38 -8.50
C LEU A 96 37.43 0.45 -8.06
N ARG A 97 37.24 0.30 -6.75
CA ARG A 97 36.11 -0.49 -6.26
C ARG A 97 34.78 0.19 -6.59
N LYS A 98 34.73 1.52 -6.50
CA LYS A 98 33.53 2.25 -6.88
C LYS A 98 33.26 2.11 -8.38
N ILE A 99 34.32 2.13 -9.19
CA ILE A 99 34.15 1.99 -10.63
C ILE A 99 33.66 0.58 -10.99
N ASP A 100 34.22 -0.44 -10.35
CA ASP A 100 33.95 -1.82 -10.73
C ASP A 100 32.49 -2.23 -10.51
N SER A 101 31.74 -1.47 -9.72
CA SER A 101 30.31 -1.73 -9.58
C SER A 101 29.61 -1.39 -10.90
N SER A 102 28.76 -2.32 -11.36
CA SER A 102 28.09 -2.18 -12.65
C SER A 102 26.63 -1.81 -12.51
N ASN A 103 26.25 -1.16 -11.41
CA ASN A 103 24.88 -0.76 -11.17
C ASN A 103 24.67 0.75 -11.09
N LEU A 104 25.68 1.50 -10.65
CA LEU A 104 25.57 2.94 -10.49
C LEU A 104 26.62 3.64 -11.35
N PRO A 105 26.23 4.53 -12.26
CA PRO A 105 27.24 5.29 -13.00
C PRO A 105 27.95 6.28 -12.11
N HIS A 106 29.20 6.60 -12.46
CA HIS A 106 30.01 7.48 -11.64
C HIS A 106 30.92 8.33 -12.51
N ILE A 107 31.01 9.61 -12.17
CA ILE A 107 31.97 10.53 -12.77
C ILE A 107 32.76 11.14 -11.61
N LEU A 108 33.99 10.69 -11.43
CA LEU A 108 34.84 11.12 -10.32
C LEU A 108 36.02 11.91 -10.85
N VAL A 109 36.45 12.90 -10.08
CA VAL A 109 37.61 13.72 -10.42
C VAL A 109 38.65 13.58 -9.31
N ARG A 110 39.90 13.42 -9.71
CA ARG A 110 41.04 13.32 -8.82
C ARG A 110 42.11 14.27 -9.34
N PRO A 111 43.01 14.77 -8.47
CA PRO A 111 43.97 15.81 -8.88
C PRO A 111 44.85 15.48 -10.08
N SER A 112 44.82 14.24 -10.57
CA SER A 112 45.54 13.91 -11.79
C SER A 112 44.76 12.98 -12.71
N ALA A 113 43.45 12.80 -12.49
CA ALA A 113 42.71 11.85 -13.31
C ALA A 113 41.22 12.18 -13.31
N ILE A 114 40.54 11.68 -14.34
CA ILE A 114 39.09 11.69 -14.42
C ILE A 114 38.63 10.24 -14.63
N LEU A 115 37.70 9.78 -13.82
CA LEU A 115 37.26 8.39 -13.80
C LEU A 115 35.80 8.36 -14.22
N ILE A 116 35.49 7.57 -15.25
CA ILE A 116 34.14 7.49 -15.79
C ILE A 116 33.69 6.04 -15.82
N ASN A 117 32.56 5.74 -15.19
CA ASN A 117 31.91 4.44 -15.24
C ASN A 117 30.45 4.70 -15.63
N LEU A 118 30.22 4.81 -16.93
CA LEU A 118 28.90 4.99 -17.52
C LEU A 118 28.34 3.63 -17.93
N LEU A 119 27.32 3.62 -18.80
CA LEU A 119 26.59 2.42 -19.15
C LEU A 119 27.50 1.30 -19.65
N HIS A 120 28.36 1.60 -20.62
CA HIS A 120 29.23 0.57 -21.19
C HIS A 120 30.69 1.02 -21.32
N LEU A 121 31.09 2.07 -20.60
CA LEU A 121 32.43 2.61 -20.70
C LEU A 121 33.08 2.67 -19.32
N LYS A 122 34.30 2.14 -19.22
CA LYS A 122 35.13 2.26 -18.03
C LYS A 122 36.41 2.95 -18.46
N VAL A 123 36.44 4.27 -18.29
CA VAL A 123 37.45 5.13 -18.92
C VAL A 123 38.22 5.89 -17.84
N LEU A 124 39.54 5.91 -18.00
CA LEU A 124 40.45 6.71 -17.18
C LEU A 124 41.10 7.74 -18.09
N ILE A 125 40.83 9.01 -17.85
CA ILE A 125 41.35 10.11 -18.67
C ILE A 125 42.39 10.87 -17.86
N LYS A 126 43.57 11.01 -18.43
CA LYS A 126 44.63 11.84 -17.88
C LYS A 126 44.92 12.99 -18.84
N HIS A 127 45.90 13.82 -18.49
CA HIS A 127 46.26 14.92 -19.35
C HIS A 127 47.09 14.49 -20.55
N ASP A 128 47.53 13.22 -20.60
CA ASP A 128 48.35 12.75 -21.70
C ASP A 128 47.86 11.41 -22.26
N ARG A 129 47.20 10.61 -21.44
CA ARG A 129 46.81 9.26 -21.82
C ARG A 129 45.32 9.03 -21.58
N VAL A 130 44.75 8.11 -22.35
CA VAL A 130 43.38 7.66 -22.17
C VAL A 130 43.37 6.14 -22.14
N LEU A 131 42.75 5.57 -21.11
CA LEU A 131 42.70 4.12 -20.96
C LEU A 131 41.25 3.67 -20.89
N LEU A 132 40.92 2.62 -21.63
CA LEU A 132 39.61 1.98 -21.57
C LEU A 132 39.81 0.55 -21.11
N PHE A 133 39.13 0.16 -20.03
CA PHE A 133 39.36 -1.16 -19.46
C PHE A 133 38.04 -1.89 -19.20
N ASP A 134 38.15 -3.19 -19.01
CA ASP A 134 37.02 -4.07 -18.80
C ASP A 134 37.50 -5.33 -18.09
N VAL A 135 36.54 -6.22 -17.80
CA VAL A 135 36.86 -7.44 -17.05
C VAL A 135 37.64 -8.41 -17.94
N TYR A 136 38.32 -9.36 -17.29
CA TYR A 136 39.09 -10.37 -18.00
C TYR A 136 38.17 -11.33 -18.73
N GLY A 137 38.54 -11.66 -19.97
CA GLY A 137 37.78 -12.59 -20.79
C GLY A 137 36.69 -11.97 -21.63
N SER A 138 36.41 -10.67 -21.45
CA SER A 138 35.40 -10.00 -22.24
C SER A 138 35.91 -9.66 -23.62
N THR A 139 35.00 -9.56 -24.58
CA THR A 139 35.33 -9.24 -25.96
C THR A 139 34.80 -7.85 -26.30
N SER A 140 35.55 -7.12 -27.14
CA SER A 140 35.15 -5.78 -27.52
C SER A 140 33.90 -5.81 -28.39
N SER A 141 32.92 -4.98 -28.05
CA SER A 141 31.67 -4.91 -28.79
C SER A 141 31.73 -3.81 -29.84
N TYR A 142 30.67 -3.73 -30.65
CA TYR A 142 30.58 -2.69 -31.67
C TYR A 142 30.51 -1.28 -31.10
N PRO A 143 29.72 -0.97 -30.06
CA PRO A 143 29.76 0.41 -29.52
C PRO A 143 31.12 0.80 -28.97
N GLN A 144 31.84 -0.13 -28.36
CA GLN A 144 33.18 0.18 -27.84
C GLN A 144 34.15 0.48 -28.98
N SER A 145 34.09 -0.30 -30.05
CA SER A 145 34.94 -0.04 -31.21
C SER A 145 34.59 1.28 -31.88
N ALA A 146 33.29 1.60 -31.97
CA ALA A 146 32.87 2.88 -32.53
C ALA A 146 33.36 4.04 -31.67
N PHE A 147 33.27 3.90 -30.35
CA PHE A 147 33.77 4.93 -29.45
C PHE A 147 35.28 5.10 -29.58
N MET A 148 36.01 3.99 -29.72
CA MET A 148 37.46 4.07 -29.89
C MET A 148 37.82 4.78 -31.19
N TYR A 149 37.12 4.46 -32.27
CA TYR A 149 37.38 5.11 -33.56
C TYR A 149 37.05 6.60 -33.49
N ASP A 150 35.93 6.96 -32.85
CA ASP A 150 35.56 8.36 -32.72
C ASP A 150 36.56 9.12 -31.87
N LEU A 151 37.03 8.51 -30.78
CA LEU A 151 38.02 9.16 -29.92
C LEU A 151 39.33 9.35 -30.67
N GLN A 152 39.75 8.35 -31.44
CA GLN A 152 40.96 8.48 -32.25
C GLN A 152 40.83 9.60 -33.26
N GLY A 153 39.68 9.69 -33.93
CA GLY A 153 39.46 10.74 -34.91
C GLY A 153 39.44 12.13 -34.30
N LYS A 154 38.83 12.25 -33.11
CA LYS A 154 38.77 13.56 -32.46
C LYS A 154 40.12 13.98 -31.90
N LEU A 155 40.90 13.03 -31.36
CA LEU A 155 42.18 13.36 -30.77
C LEU A 155 43.25 13.60 -31.82
N GLN A 156 43.17 12.91 -32.97
CA GLN A 156 44.17 13.12 -34.02
C GLN A 156 44.06 14.49 -34.66
N GLN A 157 42.88 15.10 -34.61
CA GLN A 157 42.68 16.44 -35.18
C GLN A 157 43.37 17.50 -34.33
N SER A 165 39.63 26.59 -29.44
CA SER A 165 40.37 25.36 -29.23
C SER A 165 39.96 24.69 -27.92
N LEU A 166 40.07 23.37 -27.88
CA LEU A 166 39.70 22.60 -26.69
C LEU A 166 40.85 21.67 -26.29
N PRO A 167 41.08 21.49 -25.00
CA PRO A 167 42.15 20.59 -24.54
C PRO A 167 41.85 19.11 -24.79
N TYR A 168 42.78 18.27 -24.33
CA TYR A 168 42.71 16.83 -24.57
C TYR A 168 41.57 16.19 -23.78
N GLU A 169 41.49 16.50 -22.48
CA GLU A 169 40.50 15.86 -21.62
C GLU A 169 39.07 16.27 -21.98
N PHE A 170 38.89 17.52 -22.40
CA PHE A 170 37.56 17.97 -22.79
C PHE A 170 37.10 17.26 -24.07
N ARG A 171 38.02 17.03 -25.01
CA ARG A 171 37.68 16.29 -26.21
C ARG A 171 37.32 14.84 -25.89
N ALA A 172 38.08 14.22 -24.97
CA ALA A 172 37.75 12.86 -24.56
C ALA A 172 36.38 12.79 -23.88
N LEU A 173 36.08 13.76 -23.01
CA LEU A 173 34.79 13.80 -22.34
C LEU A 173 33.66 14.02 -23.34
N GLU A 174 33.89 14.87 -24.35
CA GLU A 174 32.89 15.09 -25.39
C GLU A 174 32.61 13.81 -26.15
N ALA A 175 33.66 13.06 -26.51
CA ALA A 175 33.46 11.79 -27.21
C ALA A 175 32.69 10.79 -26.37
N VAL A 176 33.02 10.70 -25.08
CA VAL A 176 32.32 9.76 -24.19
C VAL A 176 30.83 10.12 -24.08
N LEU A 177 30.55 11.41 -23.88
CA LEU A 177 29.16 11.84 -23.73
C LEU A 177 28.37 11.64 -25.02
N MET A 178 29.00 11.90 -26.18
CA MET A 178 28.34 11.68 -27.46
C MET A 178 27.99 10.21 -27.65
N SER A 179 28.92 9.31 -27.33
CA SER A 179 28.65 7.89 -27.47
C SER A 179 27.53 7.45 -26.55
N VAL A 180 27.52 7.94 -25.30
CA VAL A 180 26.49 7.54 -24.34
C VAL A 180 25.12 8.03 -24.79
N THR A 181 25.03 9.28 -25.26
CA THR A 181 23.74 9.80 -25.70
C THR A 181 23.23 9.08 -26.94
N ALA A 182 24.12 8.74 -27.87
CA ALA A 182 23.71 7.99 -29.06
C ALA A 182 23.18 6.60 -28.68
N GLU A 183 23.86 5.92 -27.76
CA GLU A 183 23.38 4.62 -27.32
C GLU A 183 22.04 4.71 -26.61
N LEU A 184 21.85 5.76 -25.79
CA LEU A 184 20.59 5.95 -25.10
C LEU A 184 19.45 6.17 -26.09
N GLU A 185 19.67 6.99 -27.12
CA GLU A 185 18.63 7.24 -28.11
C GLU A 185 18.29 5.98 -28.89
N ALA A 186 19.32 5.20 -29.28
CA ALA A 186 19.07 3.97 -30.02
C ALA A 186 18.28 2.97 -29.19
N ASP A 187 18.64 2.82 -27.90
CA ASP A 187 17.91 1.92 -27.03
C ASP A 187 16.47 2.37 -26.83
N PHE A 188 16.25 3.68 -26.72
CA PHE A 188 14.89 4.18 -26.56
C PHE A 188 14.04 3.88 -27.78
N GLU A 189 14.58 4.09 -28.99
CA GLU A 189 13.81 3.80 -30.20
C GLU A 189 13.50 2.30 -30.31
N ALA A 190 14.49 1.46 -30.02
CA ALA A 190 14.28 0.01 -30.10
C ALA A 190 13.25 -0.46 -29.09
N VAL A 191 13.21 0.15 -27.91
CA VAL A 191 12.19 -0.19 -26.92
C VAL A 191 10.82 0.32 -27.36
N ARG A 192 10.78 1.52 -27.94
CA ARG A 192 9.50 2.19 -28.18
C ARG A 192 8.73 1.57 -29.34
N ASP A 193 9.42 1.10 -30.38
CA ASP A 193 8.72 0.65 -31.58
C ASP A 193 7.71 -0.50 -31.36
N PRO A 194 8.05 -1.60 -30.67
CA PRO A 194 7.04 -2.68 -30.52
C PRO A 194 5.80 -2.28 -29.75
N VAL A 195 5.93 -1.36 -28.79
CA VAL A 195 4.76 -0.88 -28.04
C VAL A 195 3.81 -0.14 -28.97
N ILE A 196 4.36 0.68 -29.86
CA ILE A 196 3.54 1.39 -30.84
C ILE A 196 2.85 0.39 -31.77
N ARG A 197 3.58 -0.64 -32.21
CA ARG A 197 2.96 -1.64 -33.08
C ARG A 197 1.82 -2.38 -32.38
N ILE A 198 2.02 -2.75 -31.11
CA ILE A 198 0.99 -3.46 -30.36
C ILE A 198 -0.23 -2.58 -30.14
N LEU A 199 0.00 -1.31 -29.79
CA LEU A 199 -1.12 -0.39 -29.59
C LEU A 199 -1.88 -0.13 -30.89
N SER A 200 -1.17 -0.15 -32.03
CA SER A 200 -1.85 -0.03 -33.31
C SER A 200 -2.70 -1.27 -33.61
N GLU A 201 -2.19 -2.44 -33.27
CA GLU A 201 -2.96 -3.67 -33.52
C GLU A 201 -4.16 -3.79 -32.58
N LEU A 202 -4.06 -3.22 -31.38
CA LEU A 202 -5.13 -3.37 -30.39
C LEU A 202 -6.33 -2.48 -30.67
N GLU A 203 -6.23 -1.57 -31.64
CA GLU A 203 -7.34 -0.65 -31.89
C GLU A 203 -8.53 -1.34 -32.53
N ASP A 204 -8.32 -2.51 -33.14
CA ASP A 204 -9.41 -3.21 -33.81
C ASP A 204 -10.21 -4.08 -32.85
N ASP A 205 -9.53 -4.99 -32.14
CA ASP A 205 -10.20 -5.92 -31.24
C ASP A 205 -9.45 -5.97 -29.92
N ILE A 206 -10.15 -6.38 -28.87
CA ILE A 206 -9.61 -6.46 -27.52
C ILE A 206 -9.45 -7.93 -27.15
N ASP A 207 -8.25 -8.30 -26.70
CA ASP A 207 -7.96 -9.68 -26.34
C ASP A 207 -7.02 -9.68 -25.15
N ARG A 208 -7.10 -10.73 -24.33
CA ARG A 208 -6.33 -10.78 -23.09
C ARG A 208 -4.85 -10.99 -23.35
N GLU A 209 -4.51 -11.76 -24.38
CA GLU A 209 -3.11 -11.99 -24.73
C GLU A 209 -2.41 -10.70 -25.11
N LYS A 210 -3.11 -9.83 -25.85
CA LYS A 210 -2.56 -8.53 -26.20
C LYS A 210 -2.34 -7.68 -24.96
N LEU A 211 -3.24 -7.77 -23.97
CA LEU A 211 -3.05 -7.06 -22.71
C LEU A 211 -1.82 -7.57 -21.97
N ARG A 212 -1.60 -8.89 -21.98
CA ARG A 212 -0.42 -9.45 -21.36
C ARG A 212 0.85 -8.97 -22.04
N ILE A 213 0.86 -8.95 -23.38
CA ILE A 213 2.01 -8.45 -24.13
C ILE A 213 2.26 -6.98 -23.82
N LEU A 214 1.17 -6.20 -23.70
CA LEU A 214 1.31 -4.78 -23.37
C LEU A 214 1.94 -4.57 -22.00
N LEU A 215 1.52 -5.37 -21.01
CA LEU A 215 2.12 -5.28 -19.68
C LEU A 215 3.61 -5.67 -19.72
N VAL A 216 3.92 -6.73 -20.48
CA VAL A 216 5.32 -7.18 -20.59
C VAL A 216 6.19 -6.09 -21.19
N LEU A 217 5.69 -5.41 -22.23
CA LEU A 217 6.46 -4.32 -22.83
C LEU A 217 6.55 -3.11 -21.90
N SER A 218 5.48 -2.85 -21.14
CA SER A 218 5.49 -1.73 -20.21
C SER A 218 6.54 -1.90 -19.12
N LYS A 219 6.77 -3.14 -18.68
CA LYS A 219 7.83 -3.39 -17.72
C LYS A 219 9.20 -2.99 -18.26
N ARG A 220 9.48 -3.33 -19.53
CA ARG A 220 10.74 -2.96 -20.14
C ARG A 220 10.87 -1.45 -20.31
N VAL A 221 9.77 -0.79 -20.67
CA VAL A 221 9.79 0.68 -20.77
C VAL A 221 10.11 1.30 -19.43
N SER A 222 9.52 0.78 -18.36
CA SER A 222 9.81 1.30 -17.01
C SER A 222 11.27 1.09 -16.64
N THR A 223 11.83 -0.08 -16.98
CA THR A 223 13.23 -0.35 -16.68
C THR A 223 14.15 0.64 -17.41
N PHE A 224 13.87 0.87 -18.69
CA PHE A 224 14.70 1.82 -19.45
C PHE A 224 14.56 3.23 -18.90
N GLU A 225 13.34 3.61 -18.49
CA GLU A 225 13.14 4.93 -17.90
C GLU A 225 13.95 5.08 -16.62
N GLN A 226 13.99 4.04 -15.78
CA GLN A 226 14.80 4.09 -14.56
C GLN A 226 16.29 4.23 -14.89
N LYS A 227 16.77 3.49 -15.89
CA LYS A 227 18.19 3.58 -16.26
C LYS A 227 18.54 4.99 -16.76
N ALA A 228 17.70 5.55 -17.62
CA ALA A 228 17.96 6.90 -18.14
C ALA A 228 17.90 7.94 -17.03
N LYS A 229 16.97 7.78 -16.09
CA LYS A 229 16.89 8.68 -14.95
C LYS A 229 18.15 8.62 -14.10
N LEU A 230 18.69 7.41 -13.90
CA LEU A 230 19.92 7.27 -13.13
C LEU A 230 21.08 7.99 -13.83
N VAL A 231 21.19 7.83 -15.15
CA VAL A 231 22.27 8.49 -15.88
C VAL A 231 22.14 10.02 -15.80
N ARG A 232 20.91 10.53 -15.97
CA ARG A 232 20.69 11.96 -15.91
C ARG A 232 20.99 12.51 -14.51
N ASP A 233 20.62 11.77 -13.46
CA ASP A 233 20.91 12.21 -12.11
C ASP A 233 22.41 12.26 -11.83
N ALA A 234 23.17 11.32 -12.40
CA ALA A 234 24.62 11.35 -12.24
C ALA A 234 25.21 12.61 -12.87
N ILE A 235 24.77 12.94 -14.09
CA ILE A 235 25.28 14.15 -14.76
C ILE A 235 24.87 15.40 -14.00
N GLU A 236 23.63 15.44 -13.48
CA GLU A 236 23.17 16.59 -12.72
C GLU A 236 23.96 16.76 -11.42
N GLU A 237 24.25 15.66 -10.73
CA GLU A 237 25.02 15.73 -9.50
C GLU A 237 26.45 16.18 -9.76
N LEU A 238 27.02 15.79 -10.90
CA LEU A 238 28.32 16.32 -11.28
C LEU A 238 28.23 17.82 -11.58
N LEU A 239 27.15 18.25 -12.23
CA LEU A 239 27.00 19.67 -12.58
C LEU A 239 26.84 20.55 -11.36
N GLU A 240 26.15 20.05 -10.32
CA GLU A 240 25.85 20.88 -9.16
C GLU A 240 27.09 21.23 -8.36
N ALA A 241 28.10 20.36 -8.36
CA ALA A 241 29.32 20.63 -7.62
C ALA A 241 30.11 21.77 -8.27
N ASP A 242 30.80 22.55 -7.44
CA ASP A 242 31.56 23.70 -7.91
C ASP A 242 33.07 23.47 -7.92
N ASP A 243 33.62 22.83 -6.89
CA ASP A 243 35.06 22.61 -6.83
C ASP A 243 35.51 21.54 -7.82
N ASP A 244 34.63 20.59 -8.16
CA ASP A 244 34.97 19.56 -9.13
C ASP A 244 35.18 20.18 -10.52
N LEU A 245 34.33 21.15 -10.89
CA LEU A 245 34.49 21.82 -12.18
C LEU A 245 35.79 22.61 -12.23
N ALA A 246 36.23 23.15 -11.10
CA ALA A 246 37.53 23.82 -11.04
C ALA A 246 38.67 22.81 -11.12
N ALA A 247 38.49 21.64 -10.54
CA ALA A 247 39.51 20.60 -10.54
C ALA A 247 39.54 19.80 -11.84
N MET A 248 38.59 20.03 -12.74
CA MET A 248 38.56 19.32 -14.02
C MET A 248 39.59 19.85 -15.02
N TYR A 249 40.36 20.87 -14.68
CA TYR A 249 41.37 21.44 -15.56
C TYR A 249 42.71 20.78 -15.23
N LEU A 250 43.21 19.96 -16.15
CA LEU A 250 44.44 19.22 -15.89
C LEU A 250 45.63 19.86 -16.59
N THR A 251 45.43 20.33 -17.83
CA THR A 251 46.53 20.93 -18.58
C THR A 251 47.02 22.21 -17.91
N GLU A 252 46.09 23.03 -17.40
CA GLU A 252 46.50 24.20 -16.64
C GLU A 252 47.12 23.82 -15.30
N LYS A 253 46.72 22.67 -14.74
CA LYS A 253 47.33 22.20 -13.51
C LYS A 253 48.77 21.77 -13.71
N THR A 254 49.10 21.23 -14.88
CA THR A 254 50.49 20.88 -15.16
C THR A 254 51.37 22.11 -15.24
N HIS A 255 50.85 23.21 -15.78
CA HIS A 255 51.59 24.46 -15.90
C HIS A 255 51.48 25.33 -14.65
N ASP A 256 51.04 24.77 -13.52
CA ASP A 256 50.89 25.47 -12.24
C ASP A 256 49.96 26.67 -12.34
N LEU A 257 48.85 26.53 -13.07
CA LEU A 257 47.81 27.55 -13.13
C LEU A 257 46.53 26.97 -12.54
N TYR A 258 45.92 27.71 -11.61
CA TYR A 258 44.70 27.28 -10.93
C TYR A 258 43.55 28.19 -11.35
N ARG A 259 42.44 27.57 -11.77
CA ARG A 259 41.32 28.33 -12.28
C ARG A 259 40.57 29.07 -11.17
N GLY A 260 40.45 28.45 -10.00
CA GLY A 260 39.67 29.02 -8.93
C GLY A 260 38.22 28.58 -8.97
N GLU A 261 37.48 28.96 -7.94
CA GLU A 261 36.10 28.52 -7.77
C GLU A 261 35.10 29.44 -8.47
N ASP A 262 35.59 30.45 -9.18
CA ASP A 262 34.69 31.40 -9.85
C ASP A 262 34.90 31.43 -11.36
N ASP A 263 35.76 30.58 -11.91
CA ASP A 263 36.07 30.58 -13.34
C ASP A 263 35.94 29.15 -13.88
N HIS A 264 34.72 28.80 -14.31
CA HIS A 264 34.48 27.55 -15.02
C HIS A 264 33.31 27.74 -16.00
N THR A 265 33.63 28.00 -17.26
CA THR A 265 32.61 28.33 -18.25
C THR A 265 32.40 27.20 -19.26
N GLU A 266 33.50 26.64 -19.78
CA GLU A 266 33.40 25.63 -20.83
C GLU A 266 32.76 24.33 -20.34
N VAL A 267 33.12 23.88 -19.15
CA VAL A 267 32.62 22.60 -18.64
C VAL A 267 31.12 22.65 -18.37
N GLU A 268 30.63 23.78 -17.87
CA GLU A 268 29.21 23.89 -17.52
C GLU A 268 28.33 23.79 -18.77
N LEU A 269 28.69 24.53 -19.81
CA LEU A 269 27.95 24.46 -21.07
C LEU A 269 28.04 23.07 -21.69
N LEU A 270 29.23 22.47 -21.66
CA LEU A 270 29.44 21.16 -22.24
C LEU A 270 28.60 20.09 -21.55
N LEU A 271 28.46 20.18 -20.22
CA LEU A 271 27.65 19.21 -19.51
C LEU A 271 26.16 19.47 -19.67
N GLU A 272 25.75 20.75 -19.73
CA GLU A 272 24.34 21.08 -19.89
C GLU A 272 23.82 20.63 -21.25
N SER A 273 24.66 20.73 -22.29
CA SER A 273 24.24 20.38 -23.64
C SER A 273 23.88 18.91 -23.78
N TYR A 274 24.32 18.05 -22.86
CA TYR A 274 23.92 16.65 -22.86
C TYR A 274 22.94 16.31 -21.74
N HIS A 275 22.94 17.10 -20.66
CA HIS A 275 21.91 16.94 -19.64
C HIS A 275 20.52 17.19 -20.21
N LYS A 276 20.41 18.17 -21.11
CA LYS A 276 19.12 18.43 -21.77
C LYS A 276 18.69 17.24 -22.62
N LEU A 277 19.64 16.63 -23.33
CA LEU A 277 19.33 15.48 -24.19
C LEU A 277 18.88 14.29 -23.37
N CYS A 278 19.46 14.10 -22.18
CA CYS A 278 18.98 13.02 -21.30
C CYS A 278 17.58 13.32 -20.76
N ASP A 279 17.33 14.57 -20.40
CA ASP A 279 16.04 14.94 -19.83
C ASP A 279 14.90 14.71 -20.81
N GLU A 280 15.14 15.01 -22.09
CA GLU A 280 14.11 14.79 -23.11
C GLU A 280 13.69 13.32 -23.18
N VAL A 281 14.66 12.42 -23.16
CA VAL A 281 14.38 10.98 -23.24
C VAL A 281 13.61 10.52 -22.00
N VAL A 282 13.99 11.03 -20.83
CA VAL A 282 13.28 10.66 -19.60
C VAL A 282 11.81 11.09 -19.68
N GLN A 283 11.57 12.31 -20.14
CA GLN A 283 10.19 12.81 -20.26
C GLN A 283 9.38 11.97 -21.24
N GLU A 284 9.97 11.61 -22.38
CA GLU A 284 9.24 10.82 -23.37
C GLU A 284 8.90 9.43 -22.84
N ALA A 285 9.83 8.81 -22.09
CA ALA A 285 9.54 7.51 -21.50
C ALA A 285 8.40 7.59 -20.49
N SER A 286 8.38 8.65 -19.67
CA SER A 286 7.29 8.80 -18.71
C SER A 286 5.94 8.96 -19.41
N ASN A 287 5.91 9.74 -20.50
CA ASN A 287 4.66 9.90 -21.26
C ASN A 287 4.18 8.58 -21.82
N LEU A 288 5.10 7.77 -22.37
CA LEU A 288 4.72 6.47 -22.91
C LEU A 288 4.13 5.56 -21.83
N VAL A 289 4.74 5.57 -20.63
CA VAL A 289 4.24 4.75 -19.53
C VAL A 289 2.82 5.16 -19.16
N SER A 290 2.56 6.48 -19.08
CA SER A 290 1.22 6.95 -18.73
C SER A 290 0.18 6.52 -19.77
N SER A 291 0.54 6.62 -21.06
CA SER A 291 -0.40 6.20 -22.11
C SER A 291 -0.72 4.72 -22.02
N ILE A 292 0.30 3.89 -21.74
CA ILE A 292 0.07 2.45 -21.60
C ILE A 292 -0.89 2.16 -20.45
N ARG A 293 -0.71 2.85 -19.32
CA ARG A 293 -1.59 2.62 -18.17
C ARG A 293 -3.04 2.99 -18.50
N ASN A 294 -3.24 4.11 -19.19
CA ASN A 294 -4.60 4.51 -19.56
C ASN A 294 -5.26 3.48 -20.47
N THR A 295 -4.51 2.96 -21.46
CA THR A 295 -5.06 1.96 -22.36
C THR A 295 -5.46 0.69 -21.60
N GLU A 296 -4.63 0.27 -20.64
CA GLU A 296 -4.95 -0.92 -19.84
C GLU A 296 -6.25 -0.73 -19.05
N GLU A 297 -6.43 0.46 -18.45
CA GLU A 297 -7.66 0.73 -17.70
C GLU A 297 -8.90 0.66 -18.59
N ILE A 298 -8.81 1.25 -19.80
CA ILE A 298 -9.94 1.22 -20.73
C ILE A 298 -10.29 -0.23 -21.10
N ILE A 299 -9.27 -1.06 -21.36
CA ILE A 299 -9.52 -2.44 -21.74
C ILE A 299 -10.22 -3.20 -20.62
N ARG A 300 -9.79 -2.98 -19.37
CA ARG A 300 -10.42 -3.66 -18.24
C ARG A 300 -11.90 -3.28 -18.10
N ALA A 301 -12.20 -1.99 -18.26
CA ALA A 301 -13.61 -1.56 -18.18
C ALA A 301 -14.46 -2.22 -19.26
N ILE A 302 -13.93 -2.30 -20.48
CA ILE A 302 -14.67 -2.94 -21.58
C ILE A 302 -14.96 -4.40 -21.26
N LEU A 303 -13.96 -5.12 -20.71
CA LEU A 303 -14.16 -6.52 -20.37
C LEU A 303 -15.26 -6.71 -19.31
N ASP A 304 -15.28 -5.83 -18.30
CA ASP A 304 -16.32 -5.93 -17.28
C ASP A 304 -17.71 -5.72 -17.88
N ALA A 305 -17.85 -4.74 -18.77
CA ALA A 305 -19.15 -4.51 -19.43
C ALA A 305 -19.59 -5.74 -20.22
N ASN A 306 -18.64 -6.37 -20.93
CA ASN A 306 -18.97 -7.58 -21.69
C ASN A 306 -19.48 -8.70 -20.78
N ARG A 307 -18.84 -8.88 -19.62
CA ARG A 307 -19.29 -9.93 -18.70
C ARG A 307 -20.73 -9.67 -18.22
N ASN A 308 -21.05 -8.40 -17.90
CA ASN A 308 -22.40 -8.09 -17.46
C ASN A 308 -23.43 -8.37 -18.55
N SER A 309 -23.10 -8.02 -19.80
CA SER A 309 -24.01 -8.28 -20.91
C SER A 309 -24.26 -9.79 -21.09
N LEU A 310 -23.21 -10.60 -20.93
CA LEU A 310 -23.38 -12.05 -21.03
C LEU A 310 -24.32 -12.59 -19.96
N MET A 311 -24.18 -12.07 -18.72
CA MET A 311 -25.08 -12.51 -17.66
C MET A 311 -26.54 -12.17 -17.97
N LEU A 312 -26.79 -10.97 -18.50
CA LEU A 312 -28.15 -10.58 -18.86
C LEU A 312 -28.72 -11.49 -19.96
N LEU A 313 -27.89 -11.84 -20.94
CA LEU A 313 -28.35 -12.74 -22.00
C LEU A 313 -28.73 -14.12 -21.45
N ASP A 314 -27.93 -14.62 -20.49
CA ASP A 314 -28.26 -15.91 -19.88
C ASP A 314 -29.61 -15.85 -19.16
N LEU A 315 -29.87 -14.75 -18.44
CA LEU A 315 -31.16 -14.61 -17.77
C LEU A 315 -32.32 -14.61 -18.76
N LYS A 316 -32.16 -13.92 -19.90
CA LYS A 316 -33.21 -13.90 -20.90
C LYS A 316 -33.48 -15.29 -21.47
N PHE A 317 -32.41 -16.08 -21.68
CA PHE A 317 -32.59 -17.45 -22.16
C PHE A 317 -33.36 -18.30 -21.15
N SER A 318 -33.07 -18.11 -19.85
CA SER A 318 -33.82 -18.85 -18.83
C SER A 318 -35.31 -18.50 -18.86
N ILE A 319 -35.63 -17.21 -19.03
CA ILE A 319 -37.03 -16.80 -19.12
C ILE A 319 -37.72 -17.46 -20.31
N GLY A 320 -37.05 -17.49 -21.46
CA GLY A 320 -37.63 -18.16 -22.62
C GLY A 320 -37.87 -19.64 -22.40
N THR A 321 -36.93 -20.31 -21.72
CA THR A 321 -37.10 -21.74 -21.43
C THR A 321 -38.34 -21.98 -20.57
N LEU A 322 -38.52 -21.16 -19.53
CA LEU A 322 -39.71 -21.31 -18.68
C LEU A 322 -40.99 -21.05 -19.47
N GLY A 323 -40.97 -20.04 -20.35
CA GLY A 323 -42.15 -19.74 -21.15
C GLY A 323 -42.56 -20.87 -22.06
N LEU A 324 -41.58 -21.57 -22.64
CA LEU A 324 -41.93 -22.75 -23.45
C LEU A 324 -42.38 -23.92 -22.59
N ALA A 325 -41.79 -24.07 -21.40
CA ALA A 325 -42.12 -25.18 -20.53
C ALA A 325 -43.58 -25.14 -20.08
N MET A 326 -44.12 -23.94 -19.84
CA MET A 326 -45.51 -23.84 -19.41
C MET A 326 -46.47 -24.37 -20.49
N GLY A 327 -46.25 -23.98 -21.74
CA GLY A 327 -47.09 -24.46 -22.83
C GLY A 327 -46.92 -25.95 -23.07
N THR A 328 -45.69 -26.46 -22.89
CA THR A 328 -45.49 -27.90 -22.99
C THR A 328 -46.28 -28.65 -21.93
N PHE A 329 -46.33 -28.10 -20.70
CA PHE A 329 -47.14 -28.71 -19.65
C PHE A 329 -48.62 -28.74 -20.01
N LEU A 330 -49.13 -27.63 -20.56
CA LEU A 330 -50.55 -27.60 -20.91
C LEU A 330 -50.88 -28.60 -22.02
N ALA A 331 -50.01 -28.72 -23.04
CA ALA A 331 -50.23 -29.71 -24.08
C ALA A 331 -50.18 -31.12 -23.52
N GLY A 332 -49.28 -31.38 -22.57
CA GLY A 332 -49.23 -32.68 -21.93
C GLY A 332 -50.49 -32.99 -21.14
N LEU A 333 -51.11 -31.98 -20.54
CA LEU A 333 -52.36 -32.19 -19.82
C LEU A 333 -53.48 -32.67 -20.74
N TYR A 334 -53.59 -32.08 -21.93
CA TYR A 334 -54.62 -32.51 -22.87
C TYR A 334 -54.19 -33.67 -23.74
N GLY A 335 -52.97 -34.17 -23.59
CA GLY A 335 -52.52 -35.35 -24.29
C GLY A 335 -52.78 -36.67 -23.60
N MET A 336 -53.54 -36.67 -22.50
CA MET A 336 -53.73 -37.88 -21.72
C MET A 336 -54.77 -38.80 -22.35
N ASN A 337 -54.76 -40.07 -21.93
CA ASN A 337 -55.69 -41.07 -22.42
C ASN A 337 -56.91 -41.18 -21.50
N LEU A 338 -57.65 -40.09 -21.41
CA LEU A 338 -58.88 -40.02 -20.62
C LEU A 338 -59.97 -39.34 -21.43
N GLU A 339 -61.08 -39.04 -20.79
CA GLU A 339 -62.21 -38.40 -21.46
C GLU A 339 -62.06 -36.89 -21.39
N ASN A 340 -61.91 -36.25 -22.55
CA ASN A 340 -61.73 -34.81 -22.62
C ASN A 340 -63.06 -34.06 -22.76
N PHE A 341 -64.13 -34.74 -23.16
CA PHE A 341 -65.49 -34.24 -23.34
C PHE A 341 -65.63 -33.28 -24.51
N ILE A 342 -64.55 -32.93 -25.21
CA ILE A 342 -64.59 -32.06 -26.37
C ILE A 342 -64.04 -32.76 -27.61
N GLU A 343 -63.93 -34.09 -27.57
CA GLU A 343 -63.47 -34.86 -28.71
C GLU A 343 -64.52 -34.82 -29.82
N GLU A 344 -64.04 -35.03 -31.05
CA GLU A 344 -64.87 -35.02 -32.27
C GLU A 344 -65.56 -33.67 -32.47
N THR A 345 -64.91 -32.59 -32.04
CA THR A 345 -65.41 -31.23 -32.24
C THR A 345 -64.38 -30.43 -33.03
N ASN A 346 -64.86 -29.52 -33.85
CA ASN A 346 -63.98 -28.77 -34.75
C ASN A 346 -63.18 -27.69 -34.03
N TRP A 347 -63.74 -27.09 -32.98
CA TRP A 347 -63.12 -25.94 -32.33
C TRP A 347 -62.12 -26.31 -31.25
N GLY A 348 -62.05 -27.58 -30.85
CA GLY A 348 -61.22 -27.95 -29.72
C GLY A 348 -59.74 -27.76 -29.98
N PHE A 349 -59.27 -28.19 -31.15
CA PHE A 349 -57.85 -28.09 -31.48
C PHE A 349 -57.39 -26.64 -31.51
N GLY A 350 -58.12 -25.79 -32.24
CA GLY A 350 -57.76 -24.38 -32.29
C GLY A 350 -57.87 -23.70 -30.95
N ALA A 351 -58.89 -24.06 -30.16
CA ALA A 351 -59.06 -23.45 -28.85
C ALA A 351 -57.89 -23.77 -27.93
N ILE A 352 -57.49 -25.04 -27.86
CA ILE A 352 -56.40 -25.42 -26.96
C ILE A 352 -55.06 -24.86 -27.46
N THR A 353 -54.85 -24.85 -28.79
CA THR A 353 -53.62 -24.28 -29.33
C THR A 353 -53.51 -22.80 -29.01
N GLY A 354 -54.60 -22.06 -29.22
CA GLY A 354 -54.59 -20.64 -28.90
C GLY A 354 -54.41 -20.36 -27.42
N LEU A 355 -55.05 -21.17 -26.56
CA LEU A 355 -54.90 -20.98 -25.12
C LEU A 355 -53.47 -21.23 -24.67
N SER A 356 -52.85 -22.31 -25.16
CA SER A 356 -51.47 -22.61 -24.79
C SER A 356 -50.50 -21.54 -25.28
N THR A 357 -50.67 -21.10 -26.52
CA THR A 357 -49.79 -20.04 -27.04
C THR A 357 -49.97 -18.73 -26.27
N LEU A 358 -51.22 -18.39 -25.95
CA LEU A 358 -51.48 -17.16 -25.19
C LEU A 358 -50.86 -17.22 -23.80
N LEU A 359 -50.97 -18.37 -23.12
CA LEU A 359 -50.39 -18.49 -21.79
C LEU A 359 -48.87 -18.44 -21.83
N SER A 360 -48.27 -19.08 -22.84
CA SER A 360 -46.81 -18.99 -22.99
C SER A 360 -46.36 -17.55 -23.22
N LEU A 361 -47.08 -16.81 -24.08
CA LEU A 361 -46.73 -15.42 -24.33
C LEU A 361 -46.91 -14.56 -23.09
N VAL A 362 -47.96 -14.84 -22.30
CA VAL A 362 -48.18 -14.07 -21.08
C VAL A 362 -47.07 -14.32 -20.06
N VAL A 363 -46.64 -15.58 -19.93
CA VAL A 363 -45.54 -15.90 -19.01
C VAL A 363 -44.25 -15.22 -19.45
N CYS A 364 -43.96 -15.25 -20.76
CA CYS A 364 -42.76 -14.60 -21.26
C CYS A 364 -42.81 -13.08 -21.04
N TRP A 365 -43.98 -12.47 -21.27
CA TRP A 365 -44.13 -11.03 -21.07
C TRP A 365 -43.95 -10.65 -19.61
N TYR A 366 -44.53 -11.43 -18.70
CA TYR A 366 -44.38 -11.15 -17.27
C TYR A 366 -42.93 -11.29 -16.82
N GLY A 367 -42.24 -12.33 -17.31
CA GLY A 367 -40.83 -12.50 -16.97
C GLY A 367 -39.97 -11.36 -17.48
N LEU A 368 -40.21 -10.92 -18.72
CA LEU A 368 -39.45 -9.80 -19.27
C LEU A 368 -39.74 -8.51 -18.52
N ALA A 369 -41.00 -8.29 -18.14
CA ALA A 369 -41.35 -7.08 -17.40
C ALA A 369 -40.67 -7.05 -16.05
N LYS A 370 -40.66 -8.18 -15.34
CA LYS A 370 -39.99 -8.18 -14.03
C LYS A 370 -38.47 -8.11 -14.17
N LEU A 371 -37.91 -8.68 -15.24
CA LEU A 371 -36.48 -8.51 -15.49
C LEU A 371 -36.13 -7.05 -15.72
N ARG A 372 -36.97 -6.33 -16.47
CA ARG A 372 -36.75 -4.89 -16.66
C ARG A 372 -36.91 -4.13 -15.35
N LYS A 373 -37.87 -4.52 -14.52
CA LYS A 373 -38.14 -3.80 -13.28
C LYS A 373 -37.03 -4.00 -12.25
N VAL A 374 -36.41 -5.18 -12.23
CA VAL A 374 -35.42 -5.48 -11.20
C VAL A 374 -34.17 -4.63 -11.39
N GLN A 375 -33.65 -4.54 -12.61
CA GLN A 375 -32.40 -3.84 -12.88
C GLN A 375 -32.59 -2.35 -13.17
N ARG A 376 -33.68 -1.75 -12.70
CA ARG A 376 -33.91 -0.33 -12.95
C ARG A 376 -32.94 0.54 -12.16
N VAL A 377 -32.55 0.10 -10.97
CA VAL A 377 -31.64 0.87 -10.12
C VAL A 377 -30.24 0.86 -10.70
N ALA B 56 16.68 -15.28 36.50
CA ALA B 56 18.00 -15.42 37.11
C ALA B 56 19.07 -15.66 36.05
N ALA B 57 19.95 -16.63 36.33
CA ALA B 57 21.03 -17.04 35.44
C ALA B 57 21.94 -15.87 35.10
N LEU B 58 22.61 -15.35 36.13
CA LEU B 58 23.54 -14.23 35.94
C LEU B 58 24.74 -14.64 35.09
N ASP B 59 25.26 -15.85 35.32
CA ASP B 59 26.39 -16.37 34.56
C ASP B 59 25.95 -17.57 33.74
N PRO B 60 26.03 -17.51 32.41
CA PRO B 60 25.47 -18.58 31.58
C PRO B 60 26.40 -19.75 31.29
N ARG B 61 27.69 -19.64 31.63
CA ARG B 61 28.68 -20.72 31.48
C ARG B 61 28.78 -21.18 30.02
N LEU B 62 29.27 -20.27 29.19
CA LEU B 62 29.36 -20.52 27.76
C LEU B 62 30.35 -21.64 27.44
N ARG B 63 30.09 -22.35 26.35
CA ARG B 63 30.96 -23.42 25.88
C ARG B 63 32.04 -22.84 24.98
N CYS B 64 33.28 -23.27 25.21
CA CYS B 64 34.42 -22.64 24.55
C CYS B 64 35.42 -23.69 24.07
N THR B 65 36.16 -23.32 23.02
CA THR B 65 37.30 -24.06 22.51
C THR B 65 38.39 -23.06 22.15
N GLU B 66 39.65 -23.42 22.39
CA GLU B 66 40.76 -22.48 22.26
C GLU B 66 41.90 -23.10 21.47
N VAL B 67 42.65 -22.25 20.77
CA VAL B 67 43.84 -22.64 20.01
C VAL B 67 44.92 -21.61 20.26
N ASP B 68 46.13 -22.08 20.59
CA ASP B 68 47.24 -21.21 20.97
C ASP B 68 48.02 -20.74 19.74
N GLY B 69 49.21 -20.18 19.99
CA GLY B 69 49.98 -19.59 18.91
C GLY B 69 50.51 -20.59 17.90
N ASN B 70 50.92 -21.76 18.37
CA ASN B 70 51.49 -22.77 17.49
C ASN B 70 50.42 -23.59 16.76
N GLY B 71 49.14 -23.34 17.02
CA GLY B 71 48.07 -24.06 16.36
C GLY B 71 47.61 -25.31 17.08
N ASN B 72 48.29 -25.72 18.15
CA ASN B 72 47.86 -26.90 18.89
C ASN B 72 46.59 -26.61 19.67
N VAL B 73 45.79 -27.65 19.90
CA VAL B 73 44.57 -27.53 20.68
C VAL B 73 44.99 -27.49 22.15
N ILE B 74 45.10 -26.28 22.70
CA ILE B 74 45.54 -26.12 24.09
C ILE B 74 44.40 -26.46 25.04
N MET B 75 43.16 -26.39 24.54
CA MET B 75 41.99 -26.68 25.35
C MET B 75 40.88 -27.19 24.44
N VAL B 76 40.15 -28.20 24.93
CA VAL B 76 39.12 -28.86 24.14
C VAL B 76 37.80 -28.34 24.72
N ASP B 77 36.67 -28.70 24.12
CA ASP B 77 35.35 -28.18 24.46
C ASP B 77 35.07 -28.17 25.96
N GLY B 78 34.92 -26.98 26.52
CA GLY B 78 34.77 -26.83 27.96
C GLY B 78 33.76 -25.76 28.30
N GLU B 79 33.54 -25.59 29.60
CA GLU B 79 32.56 -24.63 30.11
C GLU B 79 33.28 -23.53 30.87
N LEU B 80 33.18 -22.30 30.37
CA LEU B 80 33.80 -21.14 30.99
C LEU B 80 32.73 -20.09 31.29
N LYS B 81 32.85 -19.45 32.45
CA LYS B 81 31.90 -18.41 32.83
C LYS B 81 32.17 -17.14 32.04
N LYS B 82 31.16 -16.27 32.00
CA LYS B 82 31.30 -14.99 31.32
C LYS B 82 32.32 -14.10 32.01
N SER B 83 32.33 -14.10 33.34
CA SER B 83 33.28 -13.26 34.09
C SER B 83 34.72 -13.69 33.84
N GLU B 84 34.97 -15.01 33.81
CA GLU B 84 36.31 -15.49 33.55
C GLU B 84 36.76 -15.13 32.14
N LEU B 85 35.87 -15.24 31.16
CA LEU B 85 36.21 -14.87 29.78
C LEU B 85 36.51 -13.38 29.68
N ILE B 86 35.72 -12.55 30.35
CA ILE B 86 35.94 -11.11 30.32
C ILE B 86 37.27 -10.75 30.98
N ALA B 87 37.57 -11.40 32.12
CA ALA B 87 38.83 -11.13 32.81
C ALA B 87 40.03 -11.60 31.98
N LYS B 88 39.90 -12.75 31.32
CA LYS B 88 41.03 -13.28 30.55
C LYS B 88 41.29 -12.45 29.30
N TYR B 89 40.26 -12.13 28.54
CA TYR B 89 40.44 -11.45 27.26
C TYR B 89 40.37 -9.93 27.37
N GLY B 90 40.01 -9.39 28.53
CA GLY B 90 39.93 -7.95 28.70
C GLY B 90 38.87 -7.29 27.85
N LEU B 91 37.70 -7.90 27.75
CA LEU B 91 36.63 -7.41 26.89
C LEU B 91 35.76 -6.42 27.65
N LEU B 92 34.62 -6.07 27.05
CA LEU B 92 33.62 -5.21 27.65
C LEU B 92 32.26 -5.89 27.56
N PRO B 93 31.37 -5.65 28.53
CA PRO B 93 30.04 -6.28 28.46
C PRO B 93 29.23 -5.90 27.24
N ARG B 94 29.39 -4.67 26.74
CA ARG B 94 28.63 -4.23 25.57
C ARG B 94 29.01 -5.00 24.31
N ASP B 95 30.31 -5.27 24.12
CA ASP B 95 30.74 -6.02 22.95
C ASP B 95 30.22 -7.45 22.98
N LEU B 96 30.26 -8.09 24.15
CA LEU B 96 29.74 -9.45 24.27
C LEU B 96 28.23 -9.49 24.10
N ARG B 97 27.53 -8.46 24.58
CA ARG B 97 26.09 -8.37 24.38
C ARG B 97 25.76 -8.18 22.89
N LYS B 98 26.56 -7.39 22.19
CA LYS B 98 26.37 -7.23 20.74
C LYS B 98 26.63 -8.53 20.01
N ILE B 99 27.63 -9.29 20.44
CA ILE B 99 27.96 -10.57 19.80
C ILE B 99 26.84 -11.58 20.04
N ASP B 100 26.31 -11.64 21.27
CA ASP B 100 25.36 -12.68 21.64
C ASP B 100 24.05 -12.60 20.88
N SER B 101 23.75 -11.47 20.24
CA SER B 101 22.59 -11.39 19.38
C SER B 101 22.80 -12.25 18.15
N SER B 102 21.79 -13.07 17.82
CA SER B 102 21.89 -14.02 16.72
C SER B 102 21.10 -13.58 15.49
N ASN B 103 20.89 -12.28 15.33
CA ASN B 103 20.15 -11.76 14.19
C ASN B 103 20.97 -10.87 13.28
N LEU B 104 21.97 -10.17 13.80
CA LEU B 104 22.78 -9.25 13.01
C LEU B 104 24.24 -9.68 13.07
N PRO B 105 24.89 -9.94 11.93
CA PRO B 105 26.33 -10.23 11.96
C PRO B 105 27.13 -9.00 12.33
N HIS B 106 28.30 -9.23 12.92
CA HIS B 106 29.12 -8.13 13.40
C HIS B 106 30.60 -8.48 13.26
N ILE B 107 31.38 -7.51 12.77
CA ILE B 107 32.83 -7.59 12.75
C ILE B 107 33.35 -6.36 13.48
N LEU B 108 33.81 -6.55 14.71
CA LEU B 108 34.25 -5.45 15.56
C LEU B 108 35.76 -5.56 15.80
N VAL B 109 36.42 -4.41 15.91
CA VAL B 109 37.85 -4.35 16.19
C VAL B 109 38.06 -3.58 17.48
N ARG B 110 38.94 -4.10 18.34
CA ARG B 110 39.32 -3.50 19.59
C ARG B 110 40.84 -3.50 19.66
N PRO B 111 41.45 -2.57 20.42
CA PRO B 111 42.92 -2.44 20.40
C PRO B 111 43.73 -3.69 20.73
N SER B 112 43.06 -4.76 21.17
CA SER B 112 43.76 -6.03 21.38
C SER B 112 42.96 -7.23 20.92
N ALA B 113 41.90 -7.04 20.14
CA ALA B 113 41.07 -8.18 19.76
C ALA B 113 40.29 -7.90 18.48
N ILE B 114 39.87 -8.97 17.83
CA ILE B 114 38.93 -8.92 16.72
C ILE B 114 37.77 -9.85 17.06
N LEU B 115 36.55 -9.32 16.95
CA LEU B 115 35.34 -10.02 17.38
C LEU B 115 34.48 -10.28 16.14
N ILE B 116 34.13 -11.54 15.92
CA ILE B 116 33.36 -11.93 14.73
C ILE B 116 32.13 -12.71 15.17
N ASN B 117 30.96 -12.24 14.75
CA ASN B 117 29.69 -12.94 14.94
C ASN B 117 29.03 -13.00 13.56
N LEU B 118 29.40 -14.02 12.80
CA LEU B 118 28.85 -14.31 11.48
C LEU B 118 27.72 -15.34 11.63
N LEU B 119 27.36 -16.00 10.52
CA LEU B 119 26.20 -16.88 10.47
C LEU B 119 26.25 -17.98 11.54
N HIS B 120 27.37 -18.70 11.62
CA HIS B 120 27.48 -19.80 12.58
C HIS B 120 28.79 -19.77 13.36
N LEU B 121 29.50 -18.65 13.40
CA LEU B 121 30.78 -18.55 14.06
C LEU B 121 30.76 -17.41 15.08
N LYS B 122 31.20 -17.70 16.29
CA LYS B 122 31.41 -16.70 17.34
C LYS B 122 32.87 -16.79 17.73
N VAL B 123 33.70 -15.94 17.12
CA VAL B 123 35.15 -16.08 17.15
C VAL B 123 35.78 -14.84 17.76
N LEU B 124 36.74 -15.06 18.66
CA LEU B 124 37.58 -14.02 19.24
C LEU B 124 39.00 -14.29 18.80
N ILE B 125 39.57 -13.38 18.01
CA ILE B 125 40.92 -13.52 17.49
C ILE B 125 41.83 -12.51 18.17
N LYS B 126 42.92 -13.00 18.74
CA LYS B 126 43.97 -12.18 19.31
C LYS B 126 45.26 -12.40 18.52
N HIS B 127 46.32 -11.72 18.94
CA HIS B 127 47.60 -11.89 18.26
C HIS B 127 48.29 -13.19 18.62
N ASP B 128 47.78 -13.95 19.59
CA ASP B 128 48.41 -15.19 20.00
C ASP B 128 47.41 -16.33 20.11
N ARG B 129 46.15 -16.02 20.40
CA ARG B 129 45.14 -17.05 20.68
C ARG B 129 43.92 -16.85 19.79
N VAL B 130 43.20 -17.95 19.55
CA VAL B 130 41.93 -17.93 18.84
C VAL B 130 40.92 -18.72 19.66
N LEU B 131 39.76 -18.12 19.94
CA LEU B 131 38.73 -18.76 20.74
C LEU B 131 37.44 -18.83 19.93
N LEU B 132 36.80 -19.99 19.93
CA LEU B 132 35.48 -20.18 19.33
C LEU B 132 34.52 -20.58 20.44
N PHE B 133 33.42 -19.83 20.59
CA PHE B 133 32.52 -20.09 21.70
C PHE B 133 31.08 -20.14 21.22
N ASP B 134 30.23 -20.70 22.08
CA ASP B 134 28.82 -20.90 21.79
C ASP B 134 28.07 -21.02 23.11
N VAL B 135 26.74 -21.18 23.01
CA VAL B 135 25.90 -21.23 24.20
C VAL B 135 26.09 -22.57 24.92
N TYR B 136 25.70 -22.58 26.19
CA TYR B 136 25.81 -23.78 27.02
C TYR B 136 24.83 -24.85 26.54
N GLY B 137 25.30 -26.09 26.48
CA GLY B 137 24.47 -27.21 26.09
C GLY B 137 24.45 -27.50 24.60
N SER B 138 25.04 -26.63 23.78
CA SER B 138 25.07 -26.85 22.35
C SER B 138 26.15 -27.87 21.98
N THR B 139 25.93 -28.55 20.85
CA THR B 139 26.86 -29.55 20.36
C THR B 139 27.53 -29.06 19.08
N SER B 140 28.79 -29.42 18.90
CA SER B 140 29.54 -28.98 17.73
C SER B 140 29.01 -29.65 16.47
N SER B 141 28.77 -28.83 15.44
CA SER B 141 28.24 -29.32 14.19
C SER B 141 29.37 -29.62 13.20
N TYR B 142 28.99 -30.16 12.05
CA TYR B 142 29.98 -30.45 11.00
C TYR B 142 30.66 -29.21 10.44
N PRO B 143 29.95 -28.10 10.10
CA PRO B 143 30.69 -26.92 9.63
C PRO B 143 31.66 -26.36 10.65
N GLN B 144 31.33 -26.39 11.94
CA GLN B 144 32.24 -25.90 12.96
C GLN B 144 33.48 -26.77 13.07
N SER B 145 33.32 -28.10 12.99
CA SER B 145 34.46 -28.99 13.00
C SER B 145 35.33 -28.80 11.76
N ALA B 146 34.70 -28.62 10.60
CA ALA B 146 35.47 -28.36 9.38
C ALA B 146 36.23 -27.05 9.46
N PHE B 147 35.61 -26.02 10.02
CA PHE B 147 36.29 -24.74 10.21
C PHE B 147 37.47 -24.89 11.18
N MET B 148 37.28 -25.66 12.25
CA MET B 148 38.36 -25.87 13.21
C MET B 148 39.53 -26.61 12.57
N TYR B 149 39.24 -27.64 11.77
CA TYR B 149 40.29 -28.38 11.09
C TYR B 149 41.02 -27.49 10.08
N ASP B 150 40.28 -26.68 9.33
CA ASP B 150 40.90 -25.79 8.35
C ASP B 150 41.77 -24.74 9.04
N LEU B 151 41.29 -24.20 10.16
CA LEU B 151 42.07 -23.20 10.90
C LEU B 151 43.34 -23.83 11.47
N GLN B 152 43.25 -25.06 11.98
CA GLN B 152 44.43 -25.75 12.48
C GLN B 152 45.43 -25.99 11.37
N GLY B 153 44.95 -26.42 10.19
CA GLY B 153 45.84 -26.66 9.07
C GLY B 153 46.51 -25.38 8.56
N LYS B 154 45.77 -24.28 8.54
CA LYS B 154 46.34 -23.03 8.06
C LYS B 154 47.33 -22.44 9.08
N LEU B 155 47.03 -22.56 10.36
CA LEU B 155 47.90 -21.98 11.39
C LEU B 155 49.15 -22.83 11.62
N GLN B 156 49.05 -24.15 11.44
CA GLN B 156 50.22 -25.01 11.65
C GLN B 156 51.27 -24.79 10.57
N GLN B 157 50.87 -24.33 9.39
CA GLN B 157 51.80 -24.08 8.30
C GLN B 157 52.66 -22.84 8.58
N SER B 165 54.35 -13.56 2.98
CA SER B 165 53.97 -14.10 4.28
C SER B 165 52.80 -13.32 4.88
N LEU B 166 51.98 -14.01 5.67
CA LEU B 166 50.83 -13.40 6.30
C LEU B 166 50.84 -13.66 7.80
N PRO B 167 50.42 -12.68 8.61
CA PRO B 167 50.39 -12.88 10.06
C PRO B 167 49.32 -13.85 10.53
N TYR B 168 49.22 -13.98 11.85
CA TYR B 168 48.32 -14.96 12.47
C TYR B 168 46.86 -14.55 12.30
N GLU B 169 46.54 -13.29 12.60
CA GLU B 169 45.15 -12.83 12.58
C GLU B 169 44.60 -12.80 11.16
N PHE B 170 45.44 -12.46 10.18
CA PHE B 170 44.97 -12.45 8.79
C PHE B 170 44.67 -13.85 8.30
N ARG B 171 45.47 -14.84 8.72
CA ARG B 171 45.18 -16.23 8.37
C ARG B 171 43.88 -16.71 9.01
N ALA B 172 43.66 -16.34 10.28
CA ALA B 172 42.40 -16.69 10.93
C ALA B 172 41.20 -16.05 10.24
N LEU B 173 41.33 -14.78 9.86
CA LEU B 173 40.25 -14.10 9.15
C LEU B 173 39.99 -14.73 7.80
N GLU B 174 41.06 -15.13 7.09
CA GLU B 174 40.91 -15.80 5.81
C GLU B 174 40.16 -17.12 5.97
N ALA B 175 40.48 -17.89 7.00
CA ALA B 175 39.78 -19.15 7.24
C ALA B 175 38.31 -18.92 7.55
N VAL B 176 38.01 -17.91 8.37
CA VAL B 176 36.62 -17.61 8.72
C VAL B 176 35.82 -17.22 7.48
N LEU B 177 36.41 -16.33 6.65
CA LEU B 177 35.70 -15.87 5.47
C LEU B 177 35.51 -17.00 4.46
N MET B 178 36.50 -17.88 4.32
CA MET B 178 36.37 -19.02 3.41
C MET B 178 35.24 -19.94 3.85
N SER B 179 35.17 -20.23 5.16
CA SER B 179 34.11 -21.09 5.66
C SER B 179 32.73 -20.47 5.44
N VAL B 180 32.61 -19.16 5.70
CA VAL B 180 31.33 -18.48 5.54
C VAL B 180 30.88 -18.49 4.08
N THR B 181 31.81 -18.20 3.15
CA THR B 181 31.44 -18.19 1.74
C THR B 181 31.06 -19.58 1.24
N ALA B 182 31.77 -20.61 1.70
CA ALA B 182 31.43 -21.98 1.31
C ALA B 182 30.03 -22.36 1.80
N GLU B 183 29.71 -22.00 3.05
CA GLU B 183 28.39 -22.31 3.59
C GLU B 183 27.31 -21.55 2.82
N LEU B 184 27.57 -20.29 2.47
CA LEU B 184 26.60 -19.50 1.71
C LEU B 184 26.32 -20.13 0.35
N GLU B 185 27.39 -20.56 -0.35
CA GLU B 185 27.20 -21.19 -1.66
C GLU B 185 26.43 -22.50 -1.56
N ALA B 186 26.75 -23.32 -0.55
CA ALA B 186 26.04 -24.59 -0.38
C ALA B 186 24.55 -24.35 -0.08
N ASP B 187 24.26 -23.39 0.80
CA ASP B 187 22.86 -23.08 1.10
C ASP B 187 22.13 -22.57 -0.13
N PHE B 188 22.79 -21.74 -0.94
CA PHE B 188 22.15 -21.23 -2.15
C PHE B 188 21.82 -22.36 -3.13
N GLU B 189 22.75 -23.29 -3.32
CA GLU B 189 22.48 -24.41 -4.23
C GLU B 189 21.33 -25.27 -3.72
N ALA B 190 21.33 -25.57 -2.42
CA ALA B 190 20.28 -26.40 -1.83
C ALA B 190 18.92 -25.73 -1.93
N VAL B 191 18.88 -24.39 -1.80
CA VAL B 191 17.62 -23.68 -1.96
C VAL B 191 17.20 -23.66 -3.43
N ARG B 192 18.16 -23.50 -4.34
CA ARG B 192 17.82 -23.23 -5.74
C ARG B 192 17.32 -24.48 -6.46
N ASP B 193 17.84 -25.66 -6.12
CA ASP B 193 17.51 -26.86 -6.89
C ASP B 193 16.01 -27.21 -6.93
N PRO B 194 15.25 -27.26 -5.81
CA PRO B 194 13.83 -27.63 -5.92
C PRO B 194 13.00 -26.66 -6.74
N VAL B 195 13.34 -25.37 -6.73
CA VAL B 195 12.59 -24.40 -7.55
C VAL B 195 12.77 -24.70 -9.03
N ILE B 196 14.00 -25.05 -9.43
CA ILE B 196 14.25 -25.43 -10.82
C ILE B 196 13.48 -26.69 -11.18
N ARG B 197 13.44 -27.68 -10.26
CA ARG B 197 12.68 -28.90 -10.54
C ARG B 197 11.19 -28.60 -10.70
N ILE B 198 10.64 -27.77 -9.83
CA ILE B 198 9.21 -27.44 -9.91
C ILE B 198 8.89 -26.67 -11.19
N LEU B 199 9.75 -25.72 -11.56
CA LEU B 199 9.53 -24.97 -12.79
C LEU B 199 9.65 -25.86 -14.02
N SER B 200 10.52 -26.87 -13.96
CA SER B 200 10.60 -27.85 -15.05
C SER B 200 9.34 -28.68 -15.14
N GLU B 201 8.78 -29.08 -13.99
CA GLU B 201 7.56 -29.88 -14.01
C GLU B 201 6.35 -29.07 -14.45
N LEU B 202 6.36 -27.76 -14.18
CA LEU B 202 5.19 -26.93 -14.48
C LEU B 202 5.07 -26.58 -15.97
N GLU B 203 6.07 -26.92 -16.78
CA GLU B 203 6.02 -26.54 -18.19
C GLU B 203 4.99 -27.37 -18.97
N ASP B 204 4.59 -28.52 -18.44
CA ASP B 204 3.64 -29.37 -19.15
C ASP B 204 2.20 -28.97 -18.87
N ASP B 205 1.81 -28.93 -17.60
CA ASP B 205 0.45 -28.61 -17.23
C ASP B 205 0.43 -27.60 -16.10
N ILE B 206 -0.68 -26.87 -15.98
CA ILE B 206 -0.84 -25.83 -14.97
C ILE B 206 -1.83 -26.32 -13.92
N ASP B 207 -1.43 -26.24 -12.65
CA ASP B 207 -2.27 -26.70 -11.55
C ASP B 207 -2.05 -25.77 -10.36
N ARG B 208 -3.09 -25.64 -9.53
CA ARG B 208 -3.05 -24.68 -8.43
C ARG B 208 -2.10 -25.13 -7.32
N GLU B 209 -2.00 -26.45 -7.09
CA GLU B 209 -1.10 -26.97 -6.07
C GLU B 209 0.34 -26.65 -6.41
N LYS B 210 0.70 -26.74 -7.70
CA LYS B 210 2.05 -26.38 -8.12
C LYS B 210 2.32 -24.90 -7.90
N LEU B 211 1.30 -24.05 -8.11
CA LEU B 211 1.45 -22.63 -7.83
C LEU B 211 1.68 -22.38 -6.34
N ARG B 212 0.95 -23.11 -5.49
CA ARG B 212 1.15 -22.99 -4.05
C ARG B 212 2.57 -23.41 -3.64
N ILE B 213 3.06 -24.51 -4.21
CA ILE B 213 4.43 -24.96 -3.93
C ILE B 213 5.44 -23.94 -4.41
N LEU B 214 5.19 -23.32 -5.58
CA LEU B 214 6.08 -22.31 -6.10
C LEU B 214 6.15 -21.10 -5.18
N LEU B 215 5.00 -20.65 -4.65
CA LEU B 215 5.00 -19.54 -3.71
C LEU B 215 5.73 -19.90 -2.41
N VAL B 216 5.53 -21.12 -1.93
CA VAL B 216 6.20 -21.58 -0.72
C VAL B 216 7.72 -21.55 -0.89
N LEU B 217 8.20 -22.02 -2.05
CA LEU B 217 9.64 -22.01 -2.30
C LEU B 217 10.15 -20.58 -2.51
N SER B 218 9.34 -19.72 -3.12
CA SER B 218 9.76 -18.33 -3.34
C SER B 218 9.96 -17.59 -2.02
N LYS B 219 9.14 -17.92 -1.01
CA LYS B 219 9.34 -17.32 0.31
C LYS B 219 10.71 -17.67 0.89
N ARG B 220 11.13 -18.93 0.75
CA ARG B 220 12.44 -19.35 1.24
C ARG B 220 13.57 -18.70 0.46
N VAL B 221 13.39 -18.56 -0.86
CA VAL B 221 14.40 -17.86 -1.67
C VAL B 221 14.55 -16.41 -1.22
N SER B 222 13.42 -15.75 -0.92
CA SER B 222 13.48 -14.37 -0.45
C SER B 222 14.18 -14.28 0.90
N THR B 223 13.92 -15.24 1.80
CA THR B 223 14.58 -15.24 3.11
C THR B 223 16.09 -15.40 2.96
N PHE B 224 16.52 -16.33 2.10
CA PHE B 224 17.95 -16.53 1.89
C PHE B 224 18.60 -15.29 1.26
N GLU B 225 17.88 -14.64 0.33
CA GLU B 225 18.39 -13.42 -0.28
C GLU B 225 18.58 -12.32 0.77
N GLN B 226 17.63 -12.20 1.69
CA GLN B 226 17.77 -11.21 2.76
C GLN B 226 18.98 -11.52 3.66
N LYS B 227 19.17 -12.80 3.99
CA LYS B 227 20.31 -13.17 4.84
C LYS B 227 21.65 -12.86 4.15
N ALA B 228 21.75 -13.21 2.86
CA ALA B 228 22.98 -12.95 2.13
C ALA B 228 23.23 -11.45 1.98
N LYS B 229 22.17 -10.67 1.77
CA LYS B 229 22.31 -9.22 1.70
C LYS B 229 22.80 -8.65 3.01
N LEU B 230 22.30 -9.17 4.15
CA LEU B 230 22.78 -8.70 5.45
C LEU B 230 24.26 -8.99 5.64
N VAL B 231 24.70 -10.18 5.25
CA VAL B 231 26.12 -10.53 5.40
C VAL B 231 26.99 -9.64 4.52
N ARG B 232 26.55 -9.41 3.26
CA ARG B 232 27.33 -8.56 2.36
C ARG B 232 27.39 -7.12 2.87
N ASP B 233 26.29 -6.61 3.43
CA ASP B 233 26.29 -5.25 3.95
C ASP B 233 27.22 -5.12 5.15
N ALA B 234 27.32 -6.15 5.98
CA ALA B 234 28.26 -6.12 7.10
C ALA B 234 29.71 -6.02 6.61
N ILE B 235 30.06 -6.83 5.60
CA ILE B 235 31.42 -6.79 5.06
C ILE B 235 31.69 -5.44 4.41
N GLU B 236 30.70 -4.90 3.68
CA GLU B 236 30.88 -3.59 3.04
C GLU B 236 31.06 -2.47 4.07
N GLU B 237 30.28 -2.52 5.15
CA GLU B 237 30.41 -1.49 6.19
C GLU B 237 31.76 -1.59 6.89
N LEU B 238 32.28 -2.81 7.05
CA LEU B 238 33.64 -2.93 7.58
C LEU B 238 34.67 -2.38 6.59
N LEU B 239 34.45 -2.59 5.29
CA LEU B 239 35.41 -2.13 4.29
C LEU B 239 35.43 -0.61 4.19
N GLU B 240 34.28 0.04 4.38
CA GLU B 240 34.21 1.49 4.19
C GLU B 240 34.98 2.26 5.26
N ALA B 241 35.09 1.70 6.46
CA ALA B 241 35.83 2.37 7.52
C ALA B 241 37.32 2.37 7.22
N ASP B 242 38.00 3.43 7.67
CA ASP B 242 39.43 3.60 7.42
C ASP B 242 40.29 3.35 8.66
N ASP B 243 39.87 3.83 9.83
CA ASP B 243 40.68 3.64 11.03
C ASP B 243 40.63 2.20 11.52
N ASP B 244 39.54 1.48 11.24
CA ASP B 244 39.45 0.08 11.64
C ASP B 244 40.47 -0.77 10.90
N LEU B 245 40.68 -0.48 9.61
CA LEU B 245 41.68 -1.22 8.83
C LEU B 245 43.08 -0.95 9.36
N ALA B 246 43.32 0.27 9.85
CA ALA B 246 44.61 0.56 10.47
C ALA B 246 44.75 -0.13 11.82
N ALA B 247 43.65 -0.26 12.56
CA ALA B 247 43.66 -0.90 13.87
C ALA B 247 43.61 -2.42 13.79
N MET B 248 43.45 -2.99 12.60
CA MET B 248 43.43 -4.44 12.42
C MET B 248 44.80 -5.08 12.49
N TYR B 249 45.87 -4.29 12.65
CA TYR B 249 47.24 -4.82 12.73
C TYR B 249 47.59 -4.99 14.21
N LEU B 250 47.70 -6.25 14.64
CA LEU B 250 47.95 -6.53 16.05
C LEU B 250 49.42 -6.87 16.30
N THR B 251 50.03 -7.63 15.39
CA THR B 251 51.43 -8.03 15.56
C THR B 251 52.34 -6.81 15.53
N GLU B 252 52.09 -5.87 14.61
CA GLU B 252 52.85 -4.63 14.61
C GLU B 252 52.54 -3.77 15.82
N LYS B 253 51.33 -3.88 16.36
CA LYS B 253 50.98 -3.14 17.57
C LYS B 253 51.75 -3.66 18.78
N THR B 254 52.02 -4.97 18.84
CA THR B 254 52.82 -5.50 19.93
C THR B 254 54.25 -4.97 19.89
N HIS B 255 54.81 -4.79 18.70
CA HIS B 255 56.16 -4.27 18.54
C HIS B 255 56.22 -2.75 18.50
N ASP B 256 55.14 -2.08 18.93
CA ASP B 256 55.06 -0.61 18.98
C ASP B 256 55.25 0.03 17.61
N LEU B 257 54.68 -0.58 16.57
CA LEU B 257 54.65 0.00 15.23
C LEU B 257 53.22 0.30 14.83
N TYR B 258 52.96 1.52 14.38
CA TYR B 258 51.63 1.96 13.98
C TYR B 258 51.60 2.18 12.48
N ARG B 259 50.60 1.59 11.81
CA ARG B 259 50.53 1.64 10.36
C ARG B 259 50.12 3.04 9.88
N GLY B 260 49.22 3.70 10.60
CA GLY B 260 48.69 4.97 10.15
C GLY B 260 47.45 4.81 9.30
N GLU B 261 46.83 5.94 8.98
CA GLU B 261 45.56 5.96 8.26
C GLU B 261 45.74 5.94 6.76
N ASP B 262 46.98 5.85 6.26
CA ASP B 262 47.24 5.86 4.82
C ASP B 262 47.93 4.60 4.34
N ASP B 263 48.14 3.62 5.21
CA ASP B 263 48.85 2.39 4.85
C ASP B 263 48.04 1.17 5.29
N HIS B 264 47.15 0.72 4.41
CA HIS B 264 46.41 -0.53 4.59
C HIS B 264 46.11 -1.15 3.23
N THR B 265 46.95 -2.10 2.82
CA THR B 265 46.82 -2.68 1.48
C THR B 265 46.31 -4.11 1.51
N GLU B 266 46.85 -4.93 2.40
CA GLU B 266 46.51 -6.36 2.45
C GLU B 266 45.06 -6.60 2.86
N VAL B 267 44.57 -5.87 3.86
CA VAL B 267 43.23 -6.08 4.38
C VAL B 267 42.16 -5.71 3.36
N GLU B 268 42.39 -4.64 2.59
CA GLU B 268 41.38 -4.18 1.63
C GLU B 268 41.18 -5.21 0.52
N LEU B 269 42.27 -5.72 -0.04
CA LEU B 269 42.18 -6.75 -1.07
C LEU B 269 41.55 -8.03 -0.51
N LEU B 270 41.95 -8.41 0.70
CA LEU B 270 41.44 -9.63 1.32
C LEU B 270 39.93 -9.55 1.55
N LEU B 271 39.43 -8.38 1.95
CA LEU B 271 37.99 -8.24 2.16
C LEU B 271 37.22 -8.12 0.85
N GLU B 272 37.81 -7.44 -0.15
CA GLU B 272 37.14 -7.30 -1.44
C GLU B 272 36.97 -8.63 -2.14
N SER B 273 37.98 -9.51 -2.01
CA SER B 273 37.94 -10.80 -2.69
C SER B 273 36.79 -11.69 -2.23
N TYR B 274 36.20 -11.41 -1.07
CA TYR B 274 35.02 -12.13 -0.61
C TYR B 274 33.74 -11.31 -0.70
N HIS B 275 33.87 -9.98 -0.66
CA HIS B 275 32.71 -9.12 -0.92
C HIS B 275 32.16 -9.37 -2.32
N LYS B 276 33.04 -9.57 -3.30
CA LYS B 276 32.59 -9.88 -4.65
C LYS B 276 31.81 -11.20 -4.69
N LEU B 277 32.31 -12.21 -3.97
CA LEU B 277 31.66 -13.52 -3.92
C LEU B 277 30.28 -13.44 -3.29
N CYS B 278 30.13 -12.58 -2.27
CA CYS B 278 28.80 -12.39 -1.68
C CYS B 278 27.85 -11.67 -2.65
N ASP B 279 28.38 -10.66 -3.36
CA ASP B 279 27.55 -9.88 -4.27
C ASP B 279 26.99 -10.74 -5.41
N GLU B 280 27.80 -11.68 -5.90
CA GLU B 280 27.33 -12.57 -6.97
C GLU B 280 26.11 -13.39 -6.53
N VAL B 281 26.17 -13.94 -5.31
CA VAL B 281 25.07 -14.74 -4.79
C VAL B 281 23.82 -13.90 -4.61
N VAL B 282 23.98 -12.67 -4.11
CA VAL B 282 22.83 -11.78 -3.94
C VAL B 282 22.16 -11.51 -5.28
N GLN B 283 22.96 -11.21 -6.31
CA GLN B 283 22.40 -10.93 -7.64
C GLN B 283 21.66 -12.14 -8.20
N GLU B 284 22.23 -13.34 -8.03
CA GLU B 284 21.57 -14.54 -8.55
C GLU B 284 20.24 -14.81 -7.84
N ALA B 285 20.20 -14.60 -6.53
CA ALA B 285 18.95 -14.77 -5.80
C ALA B 285 17.88 -13.80 -6.27
N SER B 286 18.26 -12.54 -6.51
CA SER B 286 17.30 -11.55 -7.01
C SER B 286 16.74 -11.96 -8.38
N ASN B 287 17.62 -12.45 -9.26
CA ASN B 287 17.17 -12.90 -10.58
C ASN B 287 16.17 -14.05 -10.47
N LEU B 288 16.45 -15.01 -9.57
CA LEU B 288 15.54 -16.13 -9.38
C LEU B 288 14.17 -15.67 -8.89
N VAL B 289 14.16 -14.71 -7.96
CA VAL B 289 12.89 -14.18 -7.43
C VAL B 289 12.08 -13.53 -8.56
N SER B 290 12.74 -12.75 -9.41
CA SER B 290 12.03 -12.09 -10.51
C SER B 290 11.42 -13.12 -11.48
N SER B 291 12.18 -14.17 -11.80
CA SER B 291 11.67 -15.20 -12.70
C SER B 291 10.44 -15.90 -12.11
N ILE B 292 10.48 -16.18 -10.80
CA ILE B 292 9.34 -16.83 -10.14
C ILE B 292 8.10 -15.94 -10.22
N ARG B 293 8.27 -14.64 -9.99
CA ARG B 293 7.13 -13.73 -10.04
C ARG B 293 6.51 -13.69 -11.44
N ASN B 294 7.36 -13.65 -12.48
CA ASN B 294 6.84 -13.64 -13.85
C ASN B 294 6.05 -14.91 -14.16
N THR B 295 6.57 -16.06 -13.74
CA THR B 295 5.86 -17.33 -13.97
C THR B 295 4.49 -17.34 -13.29
N GLU B 296 4.43 -16.82 -12.05
CA GLU B 296 3.15 -16.77 -11.33
C GLU B 296 2.13 -15.90 -12.06
N GLU B 297 2.58 -14.74 -12.58
CA GLU B 297 1.66 -13.88 -13.32
C GLU B 297 1.11 -14.56 -14.57
N ILE B 298 1.98 -15.27 -15.31
CA ILE B 298 1.53 -15.97 -16.51
C ILE B 298 0.48 -17.03 -16.16
N ILE B 299 0.72 -17.77 -15.08
CA ILE B 299 -0.21 -18.82 -14.68
C ILE B 299 -1.58 -18.23 -14.33
N ARG B 300 -1.59 -17.10 -13.61
CA ARG B 300 -2.87 -16.47 -13.24
C ARG B 300 -3.65 -16.03 -14.48
N ALA B 301 -2.95 -15.44 -15.47
CA ALA B 301 -3.64 -15.03 -16.70
C ALA B 301 -4.25 -16.23 -17.42
N ILE B 302 -3.53 -17.34 -17.48
CA ILE B 302 -4.04 -18.55 -18.15
C ILE B 302 -5.31 -19.04 -17.45
N LEU B 303 -5.31 -19.04 -16.11
CA LEU B 303 -6.47 -19.49 -15.37
C LEU B 303 -7.70 -18.62 -15.63
N ASP B 304 -7.50 -17.30 -15.70
CA ASP B 304 -8.63 -16.41 -16.00
C ASP B 304 -9.21 -16.68 -17.39
N ALA B 305 -8.35 -16.90 -18.38
CA ALA B 305 -8.83 -17.22 -19.72
C ALA B 305 -9.64 -18.53 -19.74
N ASN B 306 -9.18 -19.53 -18.98
CA ASN B 306 -9.91 -20.79 -18.89
C ASN B 306 -11.31 -20.59 -18.31
N ARG B 307 -11.41 -19.77 -17.26
CA ARG B 307 -12.72 -19.52 -16.66
C ARG B 307 -13.68 -18.86 -17.65
N ASN B 308 -13.19 -17.89 -18.42
CA ASN B 308 -14.04 -17.24 -19.41
C ASN B 308 -14.52 -18.23 -20.48
N SER B 309 -13.63 -19.12 -20.93
CA SER B 309 -14.02 -20.12 -21.92
C SER B 309 -15.10 -21.06 -21.37
N LEU B 310 -14.99 -21.44 -20.10
CA LEU B 310 -16.00 -22.30 -19.49
C LEU B 310 -17.36 -21.61 -19.46
N MET B 311 -17.39 -20.31 -19.12
CA MET B 311 -18.65 -19.58 -19.12
C MET B 311 -19.29 -19.54 -20.51
N LEU B 312 -18.48 -19.31 -21.55
CA LEU B 312 -19.02 -19.31 -22.91
C LEU B 312 -19.61 -20.67 -23.30
N LEU B 313 -18.93 -21.76 -22.90
CA LEU B 313 -19.45 -23.09 -23.19
C LEU B 313 -20.79 -23.33 -22.51
N ASP B 314 -20.93 -22.87 -21.26
CA ASP B 314 -22.22 -23.02 -20.57
C ASP B 314 -23.33 -22.27 -21.30
N LEU B 315 -23.04 -21.06 -21.79
CA LEU B 315 -24.05 -20.31 -22.54
C LEU B 315 -24.48 -21.06 -23.80
N LYS B 316 -23.51 -21.65 -24.51
CA LYS B 316 -23.85 -22.40 -25.72
C LYS B 316 -24.74 -23.61 -25.40
N PHE B 317 -24.45 -24.29 -24.29
CA PHE B 317 -25.30 -25.41 -23.89
C PHE B 317 -26.72 -24.97 -23.59
N SER B 318 -26.88 -23.80 -22.94
CA SER B 318 -28.22 -23.28 -22.68
C SER B 318 -28.98 -22.99 -23.97
N ILE B 319 -28.29 -22.43 -24.97
CA ILE B 319 -28.93 -22.16 -26.26
C ILE B 319 -29.40 -23.46 -26.91
N GLY B 320 -28.56 -24.51 -26.87
CA GLY B 320 -28.97 -25.79 -27.42
C GLY B 320 -30.18 -26.38 -26.72
N THR B 321 -30.23 -26.25 -25.39
CA THR B 321 -31.38 -26.76 -24.63
C THR B 321 -32.67 -26.07 -25.05
N LEU B 322 -32.63 -24.74 -25.20
CA LEU B 322 -33.82 -24.01 -25.65
C LEU B 322 -34.23 -24.44 -27.06
N GLY B 323 -33.25 -24.63 -27.95
CA GLY B 323 -33.55 -25.04 -29.31
C GLY B 323 -34.24 -26.38 -29.38
N LEU B 324 -33.84 -27.33 -28.52
CA LEU B 324 -34.54 -28.62 -28.49
C LEU B 324 -35.93 -28.48 -27.85
N ALA B 325 -36.05 -27.61 -26.84
CA ALA B 325 -37.31 -27.46 -26.13
C ALA B 325 -38.41 -26.95 -27.04
N MET B 326 -38.07 -26.05 -27.97
CA MET B 326 -39.09 -25.53 -28.89
C MET B 326 -39.70 -26.64 -29.75
N GLY B 327 -38.85 -27.50 -30.33
CA GLY B 327 -39.34 -28.61 -31.13
C GLY B 327 -40.11 -29.62 -30.32
N THR B 328 -39.70 -29.84 -29.06
CA THR B 328 -40.46 -30.72 -28.18
C THR B 328 -41.86 -30.16 -27.92
N PHE B 329 -41.97 -28.84 -27.76
CA PHE B 329 -43.27 -28.22 -27.59
C PHE B 329 -44.16 -28.42 -28.82
N LEU B 330 -43.59 -28.25 -30.02
CA LEU B 330 -44.39 -28.41 -31.22
C LEU B 330 -44.87 -29.86 -31.39
N ALA B 331 -44.00 -30.83 -31.12
CA ALA B 331 -44.43 -32.23 -31.17
C ALA B 331 -45.51 -32.52 -30.15
N GLY B 332 -45.41 -31.93 -28.95
CA GLY B 332 -46.46 -32.10 -27.96
C GLY B 332 -47.79 -31.50 -28.39
N LEU B 333 -47.75 -30.40 -29.15
CA LEU B 333 -48.99 -29.81 -29.66
C LEU B 333 -49.71 -30.76 -30.61
N TYR B 334 -48.98 -31.43 -31.50
CA TYR B 334 -49.61 -32.36 -32.42
C TYR B 334 -49.79 -33.77 -31.83
N GLY B 335 -49.33 -34.00 -30.60
CA GLY B 335 -49.56 -35.27 -29.94
C GLY B 335 -50.85 -35.36 -29.14
N MET B 336 -51.74 -34.38 -29.25
CA MET B 336 -52.94 -34.37 -28.42
C MET B 336 -54.01 -35.31 -28.96
N ASN B 337 -54.98 -35.63 -28.10
CA ASN B 337 -56.09 -36.51 -28.45
C ASN B 337 -57.31 -35.70 -28.92
N LEU B 338 -57.12 -34.98 -30.02
CA LEU B 338 -58.17 -34.18 -30.63
C LEU B 338 -58.16 -34.43 -32.13
N GLU B 339 -58.95 -33.63 -32.85
CA GLU B 339 -59.05 -33.76 -34.31
C GLU B 339 -57.99 -32.89 -34.97
N ASN B 340 -57.06 -33.53 -35.68
CA ASN B 340 -55.97 -32.83 -36.35
C ASN B 340 -56.31 -32.45 -37.78
N PHE B 341 -57.34 -33.06 -38.37
CA PHE B 341 -57.86 -32.84 -39.72
C PHE B 341 -56.90 -33.29 -40.82
N ILE B 342 -55.71 -33.78 -40.48
CA ILE B 342 -54.76 -34.28 -41.47
C ILE B 342 -54.40 -35.74 -41.20
N GLU B 343 -55.21 -36.43 -40.39
CA GLU B 343 -55.01 -37.84 -40.11
C GLU B 343 -55.28 -38.67 -41.35
N GLU B 344 -54.66 -39.86 -41.40
CA GLU B 344 -54.77 -40.80 -42.52
C GLU B 344 -54.30 -40.20 -43.83
N THR B 345 -53.31 -39.29 -43.76
CA THR B 345 -52.68 -38.70 -44.92
C THR B 345 -51.19 -39.01 -44.91
N ASN B 346 -50.62 -39.17 -46.10
CA ASN B 346 -49.22 -39.59 -46.21
C ASN B 346 -48.24 -38.48 -45.91
N TRP B 347 -48.59 -37.22 -46.21
CA TRP B 347 -47.66 -36.12 -46.10
C TRP B 347 -47.62 -35.48 -44.72
N GLY B 348 -48.54 -35.83 -43.82
CA GLY B 348 -48.63 -35.15 -42.54
C GLY B 348 -47.42 -35.38 -41.66
N PHE B 349 -46.97 -36.63 -41.57
CA PHE B 349 -45.84 -36.97 -40.71
C PHE B 349 -44.57 -36.25 -41.14
N GLY B 350 -44.25 -36.34 -42.44
CA GLY B 350 -43.07 -35.67 -42.95
C GLY B 350 -43.17 -34.16 -42.84
N ALA B 351 -44.37 -33.61 -43.08
CA ALA B 351 -44.56 -32.17 -42.99
C ALA B 351 -44.30 -31.66 -41.58
N ILE B 352 -44.90 -32.31 -40.57
CA ILE B 352 -44.73 -31.85 -39.19
C ILE B 352 -43.30 -32.08 -38.72
N THR B 353 -42.68 -33.20 -39.10
CA THR B 353 -41.30 -33.45 -38.72
C THR B 353 -40.36 -32.39 -39.31
N GLY B 354 -40.53 -32.08 -40.60
CA GLY B 354 -39.71 -31.05 -41.21
C GLY B 354 -39.93 -29.68 -40.61
N LEU B 355 -41.19 -29.34 -40.31
CA LEU B 355 -41.48 -28.04 -39.71
C LEU B 355 -40.85 -27.91 -38.33
N SER B 356 -40.96 -28.95 -37.50
CA SER B 356 -40.37 -28.91 -36.16
C SER B 356 -38.86 -28.82 -36.22
N THR B 357 -38.23 -29.61 -37.10
CA THR B 357 -36.76 -29.55 -37.23
C THR B 357 -36.31 -28.19 -37.74
N LEU B 358 -37.04 -27.63 -38.71
CA LEU B 358 -36.67 -26.32 -39.24
C LEU B 358 -36.80 -25.24 -38.18
N LEU B 359 -37.86 -25.27 -37.38
CA LEU B 359 -38.03 -24.25 -36.34
C LEU B 359 -36.96 -24.39 -35.24
N SER B 360 -36.61 -25.63 -34.88
CA SER B 360 -35.53 -25.82 -33.91
C SER B 360 -34.20 -25.27 -34.44
N LEU B 361 -33.91 -25.54 -35.71
CA LEU B 361 -32.67 -25.04 -36.31
C LEU B 361 -32.67 -23.51 -36.38
N VAL B 362 -33.83 -22.92 -36.70
CA VAL B 362 -33.93 -21.46 -36.76
C VAL B 362 -33.69 -20.83 -35.38
N VAL B 363 -34.27 -21.43 -34.34
CA VAL B 363 -34.07 -20.92 -32.99
C VAL B 363 -32.61 -21.02 -32.58
N CYS B 364 -31.98 -22.16 -32.87
CA CYS B 364 -30.56 -22.33 -32.55
C CYS B 364 -29.69 -21.32 -33.30
N TRP B 365 -29.99 -21.09 -34.59
CA TRP B 365 -29.22 -20.14 -35.38
C TRP B 365 -29.37 -18.72 -34.86
N TYR B 366 -30.59 -18.33 -34.49
CA TYR B 366 -30.81 -16.99 -33.95
C TYR B 366 -30.09 -16.81 -32.62
N GLY B 367 -30.15 -17.82 -31.75
CA GLY B 367 -29.43 -17.75 -30.49
C GLY B 367 -27.93 -17.63 -30.67
N LEU B 368 -27.36 -18.42 -31.58
CA LEU B 368 -25.93 -18.34 -31.84
C LEU B 368 -25.54 -16.99 -32.43
N ALA B 369 -26.38 -16.45 -33.33
CA ALA B 369 -26.08 -15.15 -33.93
C ALA B 369 -26.09 -14.05 -32.89
N LYS B 370 -27.07 -14.07 -31.98
CA LYS B 370 -27.10 -13.03 -30.95
C LYS B 370 -25.99 -13.22 -29.93
N LEU B 371 -25.60 -14.47 -29.65
CA LEU B 371 -24.44 -14.70 -28.79
C LEU B 371 -23.16 -14.14 -29.41
N ARG B 372 -22.99 -14.32 -30.72
CA ARG B 372 -21.84 -13.72 -31.40
C ARG B 372 -21.91 -12.20 -31.38
N LYS B 373 -23.12 -11.64 -31.54
CA LYS B 373 -23.25 -10.18 -31.62
C LYS B 373 -23.02 -9.52 -30.27
N VAL B 374 -23.38 -10.19 -29.17
CA VAL B 374 -23.27 -9.56 -27.86
C VAL B 374 -21.81 -9.35 -27.46
N GLN B 375 -20.98 -10.37 -27.63
CA GLN B 375 -19.59 -10.32 -27.19
C GLN B 375 -18.64 -9.75 -28.24
N ARG B 376 -19.14 -8.94 -29.17
CA ARG B 376 -18.28 -8.38 -30.20
C ARG B 376 -17.34 -7.32 -29.62
N VAL B 377 -17.80 -6.59 -28.62
CA VAL B 377 -16.98 -5.53 -28.01
C VAL B 377 -15.84 -6.13 -27.20
N ALA C 56 -11.81 21.09 35.52
CA ALA C 56 -11.23 21.43 36.81
C ALA C 56 -10.30 20.33 37.30
N ALA C 57 -10.45 19.97 38.59
CA ALA C 57 -9.67 18.92 39.24
C ALA C 57 -8.17 19.19 39.14
N LEU C 58 -7.75 20.28 39.78
CA LEU C 58 -6.33 20.65 39.79
C LEU C 58 -5.51 19.63 40.55
N ASP C 59 -6.02 19.12 41.67
CA ASP C 59 -5.33 18.12 42.48
C ASP C 59 -6.12 16.82 42.45
N PRO C 60 -5.56 15.73 41.92
CA PRO C 60 -6.34 14.50 41.75
C PRO C 60 -6.36 13.56 42.94
N ARG C 61 -5.55 13.79 43.97
CA ARG C 61 -5.54 13.01 45.21
C ARG C 61 -5.27 11.53 44.93
N LEU C 62 -4.04 11.28 44.46
CA LEU C 62 -3.64 9.93 44.08
C LEU C 62 -3.59 8.99 45.27
N ARG C 63 -3.84 7.71 45.01
CA ARG C 63 -3.80 6.67 46.03
C ARG C 63 -2.37 6.15 46.16
N CYS C 64 -1.90 6.01 47.39
CA CYS C 64 -0.50 5.70 47.63
C CYS C 64 -0.33 4.66 48.73
N THR C 65 0.78 3.92 48.64
CA THR C 65 1.23 3.00 49.67
C THR C 65 2.75 3.14 49.79
N GLU C 66 3.26 3.06 51.01
CA GLU C 66 4.68 3.36 51.28
C GLU C 66 5.31 2.28 52.13
N VAL C 67 6.62 2.10 51.94
CA VAL C 67 7.43 1.15 52.72
C VAL C 67 8.74 1.84 53.08
N ASP C 68 9.12 1.76 54.35
CA ASP C 68 10.29 2.46 54.86
C ASP C 68 11.56 1.62 54.68
N GLY C 69 12.64 2.02 55.37
CA GLY C 69 13.92 1.38 55.16
C GLY C 69 13.97 -0.04 55.69
N ASN C 70 13.32 -0.32 56.81
CA ASN C 70 13.36 -1.65 57.40
C ASN C 70 12.37 -2.61 56.75
N GLY C 71 11.59 -2.16 55.77
CA GLY C 71 10.63 -3.01 55.10
C GLY C 71 9.25 -3.05 55.71
N ASN C 72 9.06 -2.42 56.87
CA ASN C 72 7.74 -2.40 57.50
C ASN C 72 6.80 -1.49 56.72
N VAL C 73 5.50 -1.80 56.78
CA VAL C 73 4.49 -0.98 56.14
C VAL C 73 4.27 0.25 57.03
N ILE C 74 4.94 1.35 56.69
CA ILE C 74 4.84 2.56 57.50
C ILE C 74 3.52 3.27 57.23
N MET C 75 2.91 2.98 56.08
CA MET C 75 1.65 3.60 55.70
C MET C 75 0.91 2.65 54.78
N VAL C 76 -0.41 2.57 54.99
CA VAL C 76 -1.26 1.64 54.24
C VAL C 76 -2.00 2.51 53.24
N ASP C 77 -2.78 1.91 52.34
CA ASP C 77 -3.46 2.57 51.22
C ASP C 77 -4.17 3.86 51.64
N GLY C 78 -3.69 4.99 51.12
CA GLY C 78 -4.20 6.28 51.53
C GLY C 78 -4.30 7.23 50.34
N GLU C 79 -4.79 8.43 50.62
CA GLU C 79 -5.01 9.45 49.61
C GLU C 79 -4.07 10.62 49.86
N LEU C 80 -3.17 10.87 48.92
CA LEU C 80 -2.22 11.97 49.02
C LEU C 80 -2.35 12.86 47.79
N LYS C 81 -2.27 14.17 48.01
CA LYS C 81 -2.36 15.13 46.92
C LYS C 81 -1.07 15.12 46.11
N LYS C 82 -1.16 15.66 44.89
CA LYS C 82 0.01 15.75 44.03
C LYS C 82 1.03 16.73 44.59
N SER C 83 0.55 17.84 45.15
CA SER C 83 1.47 18.84 45.70
C SER C 83 2.24 18.29 46.90
N GLU C 84 1.56 17.54 47.77
CA GLU C 84 2.24 16.96 48.92
C GLU C 84 3.28 15.93 48.48
N LEU C 85 2.96 15.12 47.47
CA LEU C 85 3.90 14.14 46.96
C LEU C 85 5.13 14.83 46.36
N ILE C 86 4.90 15.90 45.59
CA ILE C 86 6.00 16.64 44.97
C ILE C 86 6.88 17.28 46.04
N ALA C 87 6.27 17.86 47.07
CA ALA C 87 7.03 18.47 48.15
C ALA C 87 7.82 17.44 48.94
N LYS C 88 7.23 16.27 49.19
CA LYS C 88 7.90 15.25 49.98
C LYS C 88 9.06 14.63 49.23
N TYR C 89 8.85 14.24 47.97
CA TYR C 89 9.87 13.53 47.22
C TYR C 89 10.78 14.44 46.41
N GLY C 90 10.48 15.74 46.34
CA GLY C 90 11.31 16.67 45.58
C GLY C 90 11.33 16.38 44.09
N LEU C 91 10.18 16.07 43.51
CA LEU C 91 10.10 15.70 42.11
C LEU C 91 9.88 16.94 41.24
N LEU C 92 9.56 16.70 39.97
CA LEU C 92 9.24 17.76 39.01
C LEU C 92 7.92 17.42 38.34
N PRO C 93 7.14 18.43 37.95
CA PRO C 93 5.86 18.15 37.28
C PRO C 93 6.00 17.39 35.97
N ARG C 94 7.10 17.61 35.23
CA ARG C 94 7.28 16.94 33.95
C ARG C 94 7.48 15.44 34.12
N ASP C 95 8.24 15.03 35.14
CA ASP C 95 8.46 13.61 35.39
C ASP C 95 7.17 12.90 35.77
N LEU C 96 6.36 13.53 36.63
CA LEU C 96 5.09 12.93 37.03
C LEU C 96 4.11 12.90 35.85
N ARG C 97 4.14 13.92 34.99
CA ARG C 97 3.31 13.89 33.79
C ARG C 97 3.74 12.79 32.84
N LYS C 98 5.04 12.56 32.72
CA LYS C 98 5.53 11.45 31.89
C LYS C 98 5.12 10.10 32.47
N ILE C 99 5.14 9.98 33.80
CA ILE C 99 4.75 8.74 34.45
C ILE C 99 3.26 8.48 34.26
N ASP C 100 2.43 9.52 34.41
CA ASP C 100 0.98 9.35 34.42
C ASP C 100 0.43 8.85 33.09
N SER C 101 1.19 8.96 32.01
CA SER C 101 0.78 8.36 30.74
C SER C 101 0.79 6.84 30.86
N SER C 102 -0.29 6.21 30.41
CA SER C 102 -0.47 4.77 30.55
C SER C 102 -0.27 4.04 29.23
N ASN C 103 0.49 4.62 28.30
CA ASN C 103 0.74 4.00 27.01
C ASN C 103 2.20 3.65 26.76
N LEU C 104 3.14 4.38 27.34
CA LEU C 104 4.56 4.15 27.14
C LEU C 104 5.25 3.85 28.46
N PRO C 105 5.91 2.71 28.61
CA PRO C 105 6.67 2.46 29.84
C PRO C 105 7.88 3.37 29.93
N HIS C 106 8.30 3.65 31.16
CA HIS C 106 9.40 4.58 31.38
C HIS C 106 10.21 4.16 32.59
N ILE C 107 11.53 4.21 32.45
CA ILE C 107 12.46 4.04 33.56
C ILE C 107 13.34 5.28 33.59
N LEU C 108 13.11 6.17 34.54
CA LEU C 108 13.82 7.44 34.64
C LEU C 108 14.67 7.46 35.90
N VAL C 109 15.82 8.11 35.82
CA VAL C 109 16.71 8.27 36.96
C VAL C 109 16.89 9.76 37.24
N ARG C 110 16.84 10.11 38.51
CA ARG C 110 17.05 11.48 38.99
C ARG C 110 18.03 11.40 40.15
N PRO C 111 18.78 12.50 40.43
CA PRO C 111 19.86 12.44 41.43
C PRO C 111 19.47 11.98 42.83
N SER C 112 18.17 11.82 43.09
CA SER C 112 17.74 11.25 44.37
C SER C 112 16.57 10.28 44.23
N ALA C 113 16.26 9.81 43.01
CA ALA C 113 15.09 8.95 42.86
C ALA C 113 15.22 8.09 41.61
N ILE C 114 14.47 6.99 41.60
CA ILE C 114 14.26 6.17 40.42
C ILE C 114 12.77 6.05 40.19
N LEU C 115 12.32 6.33 38.97
CA LEU C 115 10.91 6.41 38.62
C LEU C 115 10.61 5.30 37.62
N ILE C 116 9.63 4.46 37.94
CA ILE C 116 9.28 3.32 37.09
C ILE C 116 7.80 3.37 36.79
N ASN C 117 7.46 3.35 35.49
CA ASN C 117 6.09 3.24 35.01
C ASN C 117 6.09 2.10 33.98
N LEU C 118 5.95 0.89 34.48
CA LEU C 118 5.86 -0.33 33.69
C LEU C 118 4.38 -0.67 33.46
N LEU C 119 4.11 -1.92 33.08
CA LEU C 119 2.77 -2.35 32.69
C LEU C 119 1.72 -2.05 33.75
N HIS C 120 1.96 -2.46 34.99
CA HIS C 120 0.98 -2.26 36.06
C HIS C 120 1.60 -1.69 37.33
N LEU C 121 2.79 -1.11 37.26
CA LEU C 121 3.48 -0.61 38.44
C LEU C 121 3.85 0.86 38.23
N LYS C 122 3.52 1.69 39.21
CA LYS C 122 3.94 3.09 39.26
C LYS C 122 4.72 3.26 40.56
N VAL C 123 6.04 3.14 40.46
CA VAL C 123 6.91 2.97 41.62
C VAL C 123 7.92 4.10 41.67
N LEU C 124 8.10 4.65 42.87
CA LEU C 124 9.13 5.65 43.17
C LEU C 124 10.07 5.02 44.19
N ILE C 125 11.33 4.80 43.79
CA ILE C 125 12.33 4.17 44.65
C ILE C 125 13.35 5.23 45.07
N LYS C 126 13.55 5.35 46.38
CA LYS C 126 14.59 6.19 46.94
C LYS C 126 15.59 5.30 47.68
N HIS C 127 16.59 5.93 48.29
CA HIS C 127 17.58 5.18 49.04
C HIS C 127 17.06 4.71 50.40
N ASP C 128 15.88 5.17 50.81
CA ASP C 128 15.35 4.79 52.12
C ASP C 128 13.89 4.35 52.03
N ARG C 129 13.15 4.86 51.05
CA ARG C 129 11.71 4.62 50.97
C ARG C 129 11.34 4.08 49.60
N VAL C 130 10.23 3.34 49.55
CA VAL C 130 9.63 2.86 48.31
C VAL C 130 8.15 3.20 48.33
N LEU C 131 7.68 3.85 47.26
CA LEU C 131 6.28 4.25 47.17
C LEU C 131 5.66 3.64 45.92
N LEU C 132 4.47 3.07 46.08
CA LEU C 132 3.68 2.57 44.95
C LEU C 132 2.38 3.36 44.91
N PHE C 133 2.08 3.98 43.76
CA PHE C 133 0.93 4.84 43.68
C PHE C 133 0.09 4.52 42.45
N ASP C 134 -1.15 5.01 42.48
CA ASP C 134 -2.13 4.77 41.42
C ASP C 134 -3.18 5.87 41.47
N VAL C 135 -4.13 5.81 40.54
CA VAL C 135 -5.15 6.83 40.43
C VAL C 135 -6.15 6.72 41.58
N TYR C 136 -6.87 7.81 41.83
CA TYR C 136 -7.87 7.83 42.89
C TYR C 136 -9.06 6.95 42.53
N GLY C 137 -9.53 6.19 43.53
CA GLY C 137 -10.67 5.31 43.34
C GLY C 137 -10.34 3.92 42.87
N SER C 138 -9.10 3.65 42.50
CA SER C 138 -8.70 2.32 42.06
C SER C 138 -8.52 1.39 43.24
N THR C 139 -8.71 0.10 42.98
CA THR C 139 -8.57 -0.94 43.99
C THR C 139 -7.34 -1.79 43.70
N SER C 140 -6.67 -2.24 44.75
CA SER C 140 -5.47 -3.05 44.60
C SER C 140 -5.81 -4.41 44.02
N SER C 141 -5.07 -4.82 43.00
CA SER C 141 -5.29 -6.09 42.35
C SER C 141 -4.39 -7.17 42.94
N TYR C 142 -4.59 -8.41 42.48
CA TYR C 142 -3.74 -9.52 42.92
C TYR C 142 -2.28 -9.38 42.54
N PRO C 143 -1.91 -9.01 41.29
CA PRO C 143 -0.47 -8.82 41.01
C PRO C 143 0.18 -7.74 41.84
N GLN C 144 -0.53 -6.65 42.15
CA GLN C 144 0.05 -5.60 42.98
C GLN C 144 0.27 -6.08 44.40
N SER C 145 -0.68 -6.84 44.95
CA SER C 145 -0.50 -7.41 46.29
C SER C 145 0.65 -8.42 46.32
N ALA C 146 0.77 -9.23 45.27
CA ALA C 146 1.87 -10.19 45.20
C ALA C 146 3.21 -9.48 45.10
N PHE C 147 3.27 -8.40 44.32
CA PHE C 147 4.49 -7.60 44.23
C PHE C 147 4.84 -6.96 45.57
N MET C 148 3.82 -6.46 46.28
CA MET C 148 4.08 -5.86 47.59
C MET C 148 4.60 -6.89 48.58
N TYR C 149 4.01 -8.09 48.59
CA TYR C 149 4.48 -9.14 49.47
C TYR C 149 5.90 -9.57 49.13
N ASP C 150 6.20 -9.71 47.84
CA ASP C 150 7.55 -10.10 47.42
C ASP C 150 8.57 -9.02 47.78
N LEU C 151 8.21 -7.74 47.60
CA LEU C 151 9.11 -6.65 47.95
C LEU C 151 9.36 -6.62 49.46
N GLN C 152 8.31 -6.84 50.25
CA GLN C 152 8.47 -6.90 51.71
C GLN C 152 9.38 -8.04 52.12
N GLY C 153 9.20 -9.21 51.50
CA GLY C 153 10.04 -10.34 51.83
C GLY C 153 11.49 -10.15 51.44
N LYS C 154 11.73 -9.50 50.29
CA LYS C 154 13.10 -9.28 49.85
C LYS C 154 13.78 -8.19 50.68
N LEU C 155 13.04 -7.14 51.05
CA LEU C 155 13.64 -6.05 51.81
C LEU C 155 13.84 -6.42 53.28
N GLN C 156 12.98 -7.27 53.85
CA GLN C 156 13.14 -7.64 55.24
C GLN C 156 14.35 -8.52 55.47
N GLN C 157 14.81 -9.22 54.43
CA GLN C 157 15.99 -10.08 54.54
C GLN C 157 17.26 -9.24 54.63
N SER C 165 26.45 -9.07 48.63
CA SER C 165 25.37 -8.25 49.17
C SER C 165 24.88 -7.24 48.13
N LEU C 166 23.61 -6.88 48.23
CA LEU C 166 23.01 -5.93 47.31
C LEU C 166 22.32 -4.81 48.07
N PRO C 167 22.39 -3.57 47.57
CA PRO C 167 21.72 -2.46 48.25
C PRO C 167 20.21 -2.50 48.17
N TYR C 168 19.58 -1.46 48.72
CA TYR C 168 18.12 -1.39 48.82
C TYR C 168 17.48 -1.20 47.45
N GLU C 169 17.97 -0.24 46.67
CA GLU C 169 17.35 0.09 45.40
C GLU C 169 17.51 -1.03 44.38
N PHE C 170 18.64 -1.75 44.43
CA PHE C 170 18.83 -2.86 43.50
C PHE C 170 17.88 -4.00 43.82
N ARG C 171 17.62 -4.26 45.11
CA ARG C 171 16.65 -5.27 45.49
C ARG C 171 15.24 -4.88 45.06
N ALA C 172 14.89 -3.60 45.21
CA ALA C 172 13.57 -3.15 44.74
C ALA C 172 13.44 -3.29 43.24
N LEU C 173 14.49 -2.93 42.49
CA LEU C 173 14.46 -3.07 41.04
C LEU C 173 14.36 -4.53 40.62
N GLU C 174 15.06 -5.42 41.33
CA GLU C 174 14.97 -6.85 41.05
C GLU C 174 13.56 -7.37 41.26
N ALA C 175 12.91 -6.94 42.35
CA ALA C 175 11.53 -7.36 42.60
C ALA C 175 10.58 -6.86 41.51
N VAL C 176 10.74 -5.61 41.09
CA VAL C 176 9.89 -5.04 40.05
C VAL C 176 10.06 -5.80 38.74
N LEU C 177 11.32 -6.07 38.35
CA LEU C 177 11.58 -6.76 37.09
C LEU C 177 11.07 -8.19 37.14
N MET C 178 11.21 -8.86 38.29
CA MET C 178 10.70 -10.23 38.42
C MET C 178 9.18 -10.27 38.26
N SER C 179 8.48 -9.33 38.91
CA SER C 179 7.02 -9.28 38.79
C SER C 179 6.59 -9.01 37.34
N VAL C 180 7.28 -8.09 36.67
CA VAL C 180 6.92 -7.76 35.29
C VAL C 180 7.13 -8.95 34.36
N THR C 181 8.27 -9.64 34.51
CA THR C 181 8.54 -10.80 33.66
C THR C 181 7.55 -11.93 33.91
N ALA C 182 7.18 -12.17 35.18
CA ALA C 182 6.21 -13.20 35.49
C ALA C 182 4.85 -12.88 34.86
N GLU C 183 4.42 -11.62 34.96
CA GLU C 183 3.15 -11.23 34.36
C GLU C 183 3.19 -11.37 32.83
N LEU C 184 4.32 -11.00 32.22
CA LEU C 184 4.45 -11.14 30.77
C LEU C 184 4.34 -12.61 30.34
N GLU C 185 5.01 -13.52 31.06
CA GLU C 185 4.95 -14.93 30.71
C GLU C 185 3.54 -15.49 30.89
N ALA C 186 2.87 -15.11 31.97
CA ALA C 186 1.50 -15.59 32.20
C ALA C 186 0.55 -15.10 31.10
N ASP C 187 0.67 -13.82 30.72
CA ASP C 187 -0.16 -13.29 29.66
C ASP C 187 0.12 -13.98 28.33
N PHE C 188 1.39 -14.28 28.05
CA PHE C 188 1.72 -14.97 26.81
C PHE C 188 1.11 -16.36 26.76
N GLU C 189 1.19 -17.11 27.87
CA GLU C 189 0.61 -18.45 27.88
C GLU C 189 -0.91 -18.39 27.71
N ALA C 190 -1.57 -17.45 28.41
CA ALA C 190 -3.01 -17.33 28.32
C ALA C 190 -3.45 -16.94 26.90
N VAL C 191 -2.66 -16.11 26.22
CA VAL C 191 -2.97 -15.76 24.84
C VAL C 191 -2.73 -16.95 23.92
N ARG C 192 -1.65 -17.71 24.16
CA ARG C 192 -1.20 -18.71 23.20
C ARG C 192 -2.10 -19.95 23.19
N ASP C 193 -2.64 -20.34 24.35
CA ASP C 193 -3.39 -21.60 24.42
C ASP C 193 -4.59 -21.71 23.48
N PRO C 194 -5.52 -20.74 23.41
CA PRO C 194 -6.67 -20.91 22.51
C PRO C 194 -6.32 -21.00 21.04
N VAL C 195 -5.25 -20.34 20.61
CA VAL C 195 -4.83 -20.43 19.21
C VAL C 195 -4.38 -21.86 18.90
N ILE C 196 -3.65 -22.48 19.82
CA ILE C 196 -3.23 -23.87 19.64
C ILE C 196 -4.44 -24.79 19.60
N ARG C 197 -5.43 -24.55 20.46
CA ARG C 197 -6.64 -25.38 20.44
C ARG C 197 -7.39 -25.24 19.11
N ILE C 198 -7.52 -24.01 18.62
CA ILE C 198 -8.23 -23.78 17.36
C ILE C 198 -7.48 -24.43 16.19
N LEU C 199 -6.16 -24.30 16.17
CA LEU C 199 -5.38 -24.90 15.09
C LEU C 199 -5.45 -26.42 15.15
N SER C 200 -5.55 -26.99 16.36
CA SER C 200 -5.74 -28.43 16.49
C SER C 200 -7.10 -28.86 15.95
N GLU C 201 -8.14 -28.07 16.23
CA GLU C 201 -9.48 -28.42 15.76
C GLU C 201 -9.59 -28.25 14.25
N LEU C 202 -8.83 -27.32 13.66
CA LEU C 202 -8.96 -27.03 12.23
C LEU C 202 -8.29 -28.08 11.35
N GLU C 203 -7.55 -29.03 11.93
CA GLU C 203 -6.84 -30.00 11.11
C GLU C 203 -7.78 -31.02 10.47
N ASP C 204 -9.00 -31.16 11.01
CA ASP C 204 -9.93 -32.15 10.47
C ASP C 204 -10.73 -31.58 9.31
N ASP C 205 -11.42 -30.46 9.51
CA ASP C 205 -12.26 -29.87 8.48
C ASP C 205 -12.00 -28.38 8.40
N ILE C 206 -12.32 -27.79 7.24
CA ILE C 206 -12.11 -26.37 6.98
C ILE C 206 -13.46 -25.68 6.95
N ASP C 207 -13.60 -24.60 7.73
CA ASP C 207 -14.84 -23.86 7.80
C ASP C 207 -14.51 -22.38 7.96
N ARG C 208 -15.43 -21.53 7.47
CA ARG C 208 -15.17 -20.09 7.44
C ARG C 208 -15.22 -19.47 8.84
N GLU C 209 -16.09 -20.00 9.71
CA GLU C 209 -16.19 -19.50 11.07
C GLU C 209 -14.89 -19.73 11.83
N LYS C 210 -14.26 -20.88 11.62
CA LYS C 210 -12.97 -21.15 12.24
C LYS C 210 -11.90 -20.19 11.74
N LEU C 211 -11.95 -19.83 10.45
CA LEU C 211 -11.02 -18.83 9.92
C LEU C 211 -11.24 -17.48 10.56
N ARG C 212 -12.50 -17.10 10.77
CA ARG C 212 -12.81 -15.84 11.45
C ARG C 212 -12.27 -15.84 12.88
N ILE C 213 -12.46 -16.95 13.60
CA ILE C 213 -11.95 -17.07 14.96
C ILE C 213 -10.42 -16.99 14.97
N LEU C 214 -9.78 -17.61 13.98
CA LEU C 214 -8.33 -17.58 13.88
C LEU C 214 -7.82 -16.16 13.66
N LEU C 215 -8.50 -15.40 12.80
CA LEU C 215 -8.10 -13.99 12.59
C LEU C 215 -8.30 -13.17 13.85
N VAL C 216 -9.42 -13.40 14.56
CA VAL C 216 -9.69 -12.68 15.80
C VAL C 216 -8.60 -12.95 16.84
N LEU C 217 -8.17 -14.20 16.97
CA LEU C 217 -7.10 -14.52 17.91
C LEU C 217 -5.76 -13.97 17.45
N SER C 218 -5.52 -13.94 16.13
CA SER C 218 -4.26 -13.41 15.62
C SER C 218 -4.12 -11.93 15.91
N LYS C 219 -5.23 -11.19 15.90
CA LYS C 219 -5.17 -9.77 16.27
C LYS C 219 -4.68 -9.60 17.71
N ARG C 220 -5.19 -10.43 18.64
CA ARG C 220 -4.76 -10.34 20.03
C ARG C 220 -3.30 -10.73 20.19
N VAL C 221 -2.85 -11.75 19.44
CA VAL C 221 -1.44 -12.13 19.48
C VAL C 221 -0.56 -10.98 19.01
N SER C 222 -0.98 -10.29 17.94
CA SER C 222 -0.21 -9.15 17.45
C SER C 222 -0.16 -8.03 18.48
N THR C 223 -1.28 -7.77 19.15
CA THR C 223 -1.30 -6.73 20.19
C THR C 223 -0.35 -7.05 21.33
N PHE C 224 -0.36 -8.31 21.79
CA PHE C 224 0.55 -8.70 22.86
C PHE C 224 2.01 -8.62 22.42
N GLU C 225 2.28 -8.99 21.16
CA GLU C 225 3.64 -8.89 20.64
C GLU C 225 4.11 -7.43 20.63
N GLN C 226 3.22 -6.51 20.23
CA GLN C 226 3.57 -5.09 20.25
C GLN C 226 3.87 -4.62 21.67
N LYS C 227 3.04 -5.03 22.64
CA LYS C 227 3.26 -4.62 24.03
C LYS C 227 4.60 -5.14 24.56
N ALA C 228 4.90 -6.41 24.31
CA ALA C 228 6.16 -6.98 24.77
C ALA C 228 7.35 -6.31 24.09
N LYS C 229 7.22 -5.99 22.81
CA LYS C 229 8.28 -5.28 22.10
C LYS C 229 8.53 -3.91 22.71
N LEU C 230 7.45 -3.20 23.08
CA LEU C 230 7.61 -1.90 23.71
C LEU C 230 8.34 -2.01 25.04
N VAL C 231 7.99 -3.02 25.85
CA VAL C 231 8.67 -3.19 27.14
C VAL C 231 10.15 -3.51 26.94
N ARG C 232 10.46 -4.40 25.99
CA ARG C 232 11.85 -4.76 25.74
C ARG C 232 12.64 -3.57 25.22
N ASP C 233 12.04 -2.74 24.37
CA ASP C 233 12.74 -1.57 23.86
C ASP C 233 13.03 -0.57 24.97
N ALA C 234 12.11 -0.43 25.94
CA ALA C 234 12.38 0.45 27.08
C ALA C 234 13.58 -0.03 27.89
N ILE C 235 13.64 -1.33 28.17
CA ILE C 235 14.78 -1.87 28.93
C ILE C 235 16.07 -1.71 28.14
N GLU C 236 16.02 -1.95 26.82
CA GLU C 236 17.22 -1.80 25.99
C GLU C 236 17.70 -0.36 25.95
N GLU C 237 16.77 0.60 25.85
CA GLU C 237 17.16 2.01 25.83
C GLU C 237 17.75 2.44 27.16
N LEU C 238 17.25 1.88 28.26
CA LEU C 238 17.89 2.14 29.56
C LEU C 238 19.28 1.54 29.60
N LEU C 239 19.46 0.34 29.03
CA LEU C 239 20.76 -0.32 29.07
C LEU C 239 21.80 0.40 28.24
N GLU C 240 21.39 1.01 27.12
CA GLU C 240 22.36 1.63 26.22
C GLU C 240 23.00 2.88 26.82
N ALA C 241 22.27 3.59 27.69
CA ALA C 241 22.83 4.78 28.32
C ALA C 241 23.93 4.41 29.30
N ASP C 242 24.92 5.31 29.42
CA ASP C 242 26.07 5.07 30.28
C ASP C 242 26.05 5.90 31.56
N ASP C 243 25.66 7.18 31.48
CA ASP C 243 25.66 8.03 32.66
C ASP C 243 24.51 7.67 33.60
N ASP C 244 23.41 7.13 33.07
CA ASP C 244 22.29 6.71 33.90
C ASP C 244 22.68 5.55 34.81
N LEU C 245 23.47 4.61 34.28
CA LEU C 245 23.93 3.49 35.09
C LEU C 245 24.87 3.96 36.20
N ALA C 246 25.64 5.01 35.93
CA ALA C 246 26.48 5.59 36.98
C ALA C 246 25.64 6.33 38.02
N ALA C 247 24.56 6.97 37.57
CA ALA C 247 23.67 7.72 38.46
C ALA C 247 22.67 6.83 39.21
N MET C 248 22.63 5.54 38.89
CA MET C 248 21.73 4.62 39.58
C MET C 248 22.21 4.22 40.96
N TYR C 249 23.37 4.70 41.40
CA TYR C 249 23.92 4.38 42.72
C TYR C 249 23.51 5.49 43.68
N LEU C 250 22.61 5.17 44.62
CA LEU C 250 22.10 6.18 45.54
C LEU C 250 22.77 6.09 46.90
N THR C 251 22.99 4.87 47.39
CA THR C 251 23.62 4.69 48.70
C THR C 251 25.03 5.25 48.71
N GLU C 252 25.81 5.00 47.65
CA GLU C 252 27.13 5.60 47.54
C GLU C 252 27.05 7.10 47.36
N LYS C 253 25.97 7.60 46.74
CA LYS C 253 25.80 9.04 46.59
C LYS C 253 25.54 9.72 47.93
N THR C 254 24.86 9.04 48.86
CA THR C 254 24.64 9.60 50.18
C THR C 254 25.97 9.74 50.94
N HIS C 255 26.88 8.80 50.76
CA HIS C 255 28.18 8.83 51.42
C HIS C 255 29.23 9.61 50.64
N ASP C 256 28.80 10.42 49.66
CA ASP C 256 29.67 11.25 48.84
C ASP C 256 30.70 10.44 48.07
N LEU C 257 30.30 9.28 47.54
CA LEU C 257 31.14 8.48 46.67
C LEU C 257 30.51 8.41 45.28
N TYR C 258 31.30 8.71 44.25
CA TYR C 258 30.84 8.72 42.87
C TYR C 258 31.49 7.58 42.12
N ARG C 259 30.68 6.78 41.42
CA ARG C 259 31.18 5.61 40.73
C ARG C 259 31.99 5.98 39.49
N GLY C 260 31.56 7.01 38.77
CA GLY C 260 32.19 7.37 37.52
C GLY C 260 31.56 6.66 36.34
N GLU C 261 32.00 7.05 35.14
CA GLU C 261 31.42 6.56 33.91
C GLU C 261 32.06 5.27 33.42
N ASP C 262 33.01 4.71 34.18
CA ASP C 262 33.70 3.50 33.78
C ASP C 262 33.51 2.35 34.76
N ASP C 263 32.70 2.53 35.80
CA ASP C 263 32.51 1.51 36.83
C ASP C 263 31.01 1.30 37.06
N HIS C 264 30.43 0.38 36.27
CA HIS C 264 29.06 -0.08 36.47
C HIS C 264 28.93 -1.53 36.03
N THR C 265 29.03 -2.46 36.98
CA THR C 265 29.04 -3.89 36.64
C THR C 265 27.75 -4.58 37.03
N GLU C 266 27.26 -4.33 38.25
CA GLU C 266 26.09 -5.03 38.76
C GLU C 266 24.81 -4.69 38.00
N VAL C 267 24.61 -3.43 37.66
CA VAL C 267 23.39 -2.99 36.99
C VAL C 267 23.28 -3.56 35.59
N GLU C 268 24.40 -3.65 34.87
CA GLU C 268 24.36 -4.14 33.49
C GLU C 268 23.95 -5.60 33.42
N LEU C 269 24.55 -6.43 34.27
CA LEU C 269 24.17 -7.85 34.33
C LEU C 269 22.73 -8.02 34.78
N LEU C 270 22.32 -7.23 35.77
CA LEU C 270 20.95 -7.33 36.30
C LEU C 270 19.92 -6.98 35.24
N LEU C 271 20.21 -5.97 34.41
CA LEU C 271 19.26 -5.61 33.37
C LEU C 271 19.29 -6.58 32.19
N GLU C 272 20.48 -7.10 31.85
CA GLU C 272 20.59 -8.04 30.74
C GLU C 272 19.85 -9.35 31.05
N SER C 273 19.90 -9.79 32.31
CA SER C 273 19.28 -11.05 32.70
C SER C 273 17.77 -11.05 32.51
N TYR C 274 17.14 -9.88 32.41
CA TYR C 274 15.71 -9.79 32.11
C TYR C 274 15.43 -9.32 30.68
N HIS C 275 16.37 -8.58 30.08
CA HIS C 275 16.26 -8.25 28.66
C HIS C 275 16.22 -9.51 27.81
N LYS C 276 17.03 -10.51 28.16
CA LYS C 276 16.99 -11.78 27.44
C LYS C 276 15.63 -12.46 27.55
N LEU C 277 15.05 -12.43 28.76
CA LEU C 277 13.74 -13.05 28.99
C LEU C 277 12.65 -12.36 28.19
N CYS C 278 12.74 -11.04 28.04
CA CYS C 278 11.77 -10.34 27.20
C CYS C 278 11.95 -10.69 25.72
N ASP C 279 13.22 -10.78 25.28
CA ASP C 279 13.50 -11.06 23.87
C ASP C 279 12.96 -12.42 23.46
N GLU C 280 13.06 -13.42 24.34
CA GLU C 280 12.55 -14.75 24.03
C GLU C 280 11.05 -14.72 23.75
N VAL C 281 10.29 -14.00 24.59
CA VAL C 281 8.85 -13.92 24.43
C VAL C 281 8.49 -13.21 23.12
N VAL C 282 9.23 -12.14 22.79
CA VAL C 282 8.97 -11.43 21.53
C VAL C 282 9.18 -12.35 20.33
N GLN C 283 10.27 -13.12 20.35
CA GLN C 283 10.55 -14.04 19.24
C GLN C 283 9.47 -15.10 19.11
N GLU C 284 9.01 -15.65 20.23
CA GLU C 284 7.98 -16.69 20.18
C GLU C 284 6.66 -16.14 19.64
N ALA C 285 6.30 -14.91 20.02
CA ALA C 285 5.09 -14.29 19.50
C ALA C 285 5.17 -14.08 17.99
N SER C 286 6.34 -13.64 17.50
CA SER C 286 6.51 -13.44 16.06
C SER C 286 6.36 -14.76 15.30
N ASN C 287 6.94 -15.84 15.85
CA ASN C 287 6.82 -17.15 15.21
C ASN C 287 5.36 -17.60 15.14
N LEU C 288 4.61 -17.39 16.22
CA LEU C 288 3.19 -17.77 16.22
C LEU C 288 2.41 -16.98 15.17
N VAL C 289 2.69 -15.69 15.04
CA VAL C 289 2.01 -14.87 14.03
C VAL C 289 2.28 -15.40 12.63
N SER C 290 3.54 -15.74 12.34
CA SER C 290 3.88 -16.26 11.01
C SER C 290 3.16 -17.57 10.71
N SER C 291 3.08 -18.46 11.70
CA SER C 291 2.39 -19.74 11.50
C SER C 291 0.90 -19.51 11.21
N ILE C 292 0.28 -18.58 11.93
CA ILE C 292 -1.13 -18.29 11.71
C ILE C 292 -1.36 -17.78 10.28
N ARG C 293 -0.48 -16.89 9.81
CA ARG C 293 -0.63 -16.35 8.45
C ARG C 293 -0.52 -17.46 7.40
N ASN C 294 0.44 -18.37 7.58
CA ASN C 294 0.59 -19.48 6.62
C ASN C 294 -0.66 -20.36 6.59
N THR C 295 -1.22 -20.67 7.76
CA THR C 295 -2.43 -21.49 7.81
C THR C 295 -3.59 -20.81 7.09
N GLU C 296 -3.74 -19.50 7.29
CA GLU C 296 -4.81 -18.76 6.61
C GLU C 296 -4.67 -18.83 5.09
N GLU C 297 -3.43 -18.67 4.59
CA GLU C 297 -3.22 -18.76 3.14
C GLU C 297 -3.59 -20.12 2.58
N ILE C 298 -3.21 -21.19 3.30
CA ILE C 298 -3.54 -22.55 2.85
C ILE C 298 -5.06 -22.74 2.78
N ILE C 299 -5.77 -22.25 3.80
CA ILE C 299 -7.22 -22.40 3.83
C ILE C 299 -7.87 -21.68 2.65
N ARG C 300 -7.40 -20.47 2.34
CA ARG C 300 -7.97 -19.73 1.21
C ARG C 300 -7.76 -20.46 -0.11
N ALA C 301 -6.57 -21.03 -0.31
CA ALA C 301 -6.32 -21.79 -1.54
C ALA C 301 -7.25 -22.99 -1.67
N ILE C 302 -7.47 -23.71 -0.55
CA ILE C 302 -8.36 -24.86 -0.57
C ILE C 302 -9.78 -24.44 -0.95
N LEU C 303 -10.25 -23.31 -0.40
CA LEU C 303 -11.60 -22.85 -0.71
C LEU C 303 -11.76 -22.51 -2.20
N ASP C 304 -10.74 -21.87 -2.79
CA ASP C 304 -10.80 -21.56 -4.22
C ASP C 304 -10.89 -22.81 -5.07
N ALA C 305 -10.09 -23.84 -4.72
CA ALA C 305 -10.15 -25.09 -5.46
C ALA C 305 -11.53 -25.74 -5.37
N ASN C 306 -12.15 -25.68 -4.18
CA ASN C 306 -13.49 -26.23 -4.01
C ASN C 306 -14.51 -25.52 -4.91
N ARG C 307 -14.41 -24.19 -5.00
CA ARG C 307 -15.34 -23.44 -5.85
C ARG C 307 -15.20 -23.86 -7.32
N ASN C 308 -13.96 -24.01 -7.79
CA ASN C 308 -13.75 -24.43 -9.18
C ASN C 308 -14.34 -25.82 -9.45
N SER C 309 -14.17 -26.75 -8.49
CA SER C 309 -14.73 -28.08 -8.66
C SER C 309 -16.25 -28.05 -8.74
N LEU C 310 -16.87 -27.20 -7.92
CA LEU C 310 -18.33 -27.07 -7.97
C LEU C 310 -18.81 -26.56 -9.33
N MET C 311 -18.09 -25.58 -9.89
CA MET C 311 -18.47 -25.08 -11.22
C MET C 311 -18.38 -26.18 -12.28
N LEU C 312 -17.32 -26.99 -12.23
CA LEU C 312 -17.19 -28.08 -13.19
C LEU C 312 -18.33 -29.09 -13.07
N LEU C 313 -18.73 -29.40 -11.82
CA LEU C 313 -19.85 -30.33 -11.61
C LEU C 313 -21.14 -29.77 -12.19
N ASP C 314 -21.38 -28.47 -12.03
CA ASP C 314 -22.58 -27.86 -12.61
C ASP C 314 -22.59 -27.98 -14.14
N LEU C 315 -21.43 -27.77 -14.76
CA LEU C 315 -21.34 -27.91 -16.22
C LEU C 315 -21.67 -29.34 -16.66
N LYS C 316 -21.15 -30.34 -15.93
CA LYS C 316 -21.44 -31.73 -16.27
C LYS C 316 -22.94 -32.04 -16.15
N PHE C 317 -23.59 -31.50 -15.12
CA PHE C 317 -25.03 -31.69 -14.98
C PHE C 317 -25.80 -31.09 -16.15
N SER C 318 -25.37 -29.91 -16.61
CA SER C 318 -26.02 -29.30 -17.78
C SER C 318 -25.88 -30.17 -19.03
N ILE C 319 -24.69 -30.76 -19.22
CA ILE C 319 -24.48 -31.65 -20.37
C ILE C 319 -25.42 -32.85 -20.30
N GLY C 320 -25.56 -33.45 -19.11
CA GLY C 320 -26.47 -34.57 -18.94
C GLY C 320 -27.92 -34.20 -19.23
N THR C 321 -28.34 -33.02 -18.79
CA THR C 321 -29.71 -32.56 -19.06
C THR C 321 -29.97 -32.44 -20.57
N LEU C 322 -29.03 -31.85 -21.30
CA LEU C 322 -29.18 -31.74 -22.75
C LEU C 322 -29.23 -33.13 -23.42
N GLY C 323 -28.38 -34.04 -22.95
CA GLY C 323 -28.37 -35.39 -23.50
C GLY C 323 -29.69 -36.12 -23.34
N LEU C 324 -30.34 -35.94 -22.18
CA LEU C 324 -31.66 -36.54 -22.00
C LEU C 324 -32.73 -35.83 -22.83
N ALA C 325 -32.59 -34.50 -22.97
CA ALA C 325 -33.60 -33.72 -23.69
C ALA C 325 -33.68 -34.13 -25.16
N MET C 326 -32.54 -34.45 -25.77
CA MET C 326 -32.55 -34.86 -27.18
C MET C 326 -33.37 -36.14 -27.39
N GLY C 327 -33.16 -37.14 -26.53
CA GLY C 327 -33.93 -38.38 -26.64
C GLY C 327 -35.40 -38.18 -26.33
N THR C 328 -35.71 -37.28 -25.39
CA THR C 328 -37.11 -36.96 -25.13
C THR C 328 -37.77 -36.33 -26.35
N PHE C 329 -37.04 -35.46 -27.07
CA PHE C 329 -37.57 -34.88 -28.30
C PHE C 329 -37.85 -35.96 -29.35
N LEU C 330 -36.93 -36.92 -29.51
CA LEU C 330 -37.15 -37.95 -30.51
C LEU C 330 -38.35 -38.83 -30.17
N ALA C 331 -38.50 -39.19 -28.88
CA ALA C 331 -39.68 -39.96 -28.48
C ALA C 331 -40.97 -39.17 -28.71
N GLY C 332 -40.94 -37.86 -28.46
CA GLY C 332 -42.10 -37.04 -28.73
C GLY C 332 -42.45 -36.97 -30.21
N LEU C 333 -41.43 -37.02 -31.08
CA LEU C 333 -41.69 -37.03 -32.52
C LEU C 333 -42.45 -38.28 -32.94
N TYR C 334 -42.08 -39.44 -32.41
CA TYR C 334 -42.80 -40.67 -32.75
C TYR C 334 -44.03 -40.93 -31.90
N GLY C 335 -44.32 -40.06 -30.93
CA GLY C 335 -45.54 -40.15 -30.16
C GLY C 335 -46.75 -39.44 -30.73
N MET C 336 -46.67 -38.92 -31.95
CA MET C 336 -47.76 -38.13 -32.50
C MET C 336 -48.89 -39.00 -33.02
N ASN C 337 -50.06 -38.38 -33.20
CA ASN C 337 -51.25 -39.07 -33.70
C ASN C 337 -51.37 -38.92 -35.22
N LEU C 338 -50.38 -39.47 -35.92
CA LEU C 338 -50.34 -39.46 -37.38
C LEU C 338 -49.96 -40.86 -37.86
N GLU C 339 -49.71 -40.97 -39.16
CA GLU C 339 -49.35 -42.25 -39.76
C GLU C 339 -47.83 -42.43 -39.72
N ASN C 340 -47.39 -43.44 -38.97
CA ASN C 340 -45.96 -43.71 -38.83
C ASN C 340 -45.42 -44.67 -39.88
N PHE C 341 -46.30 -45.43 -40.55
CA PHE C 341 -46.02 -46.39 -41.60
C PHE C 341 -45.28 -47.64 -41.10
N ILE C 342 -44.92 -47.71 -39.83
CA ILE C 342 -44.27 -48.88 -39.26
C ILE C 342 -45.08 -49.48 -38.11
N GLU C 343 -46.36 -49.10 -38.02
CA GLU C 343 -47.23 -49.64 -36.99
C GLU C 343 -47.53 -51.11 -37.26
N GLU C 344 -47.87 -51.84 -36.20
CA GLU C 344 -48.15 -53.28 -36.24
C GLU C 344 -46.97 -54.09 -36.74
N THR C 345 -45.76 -53.63 -36.46
CA THR C 345 -44.53 -54.33 -36.80
C THR C 345 -43.74 -54.60 -35.52
N ASN C 346 -43.04 -55.73 -35.50
CA ASN C 346 -42.34 -56.17 -34.30
C ASN C 346 -41.06 -55.38 -34.04
N TRP C 347 -40.39 -54.94 -35.10
CA TRP C 347 -39.07 -54.32 -34.95
C TRP C 347 -39.11 -52.82 -34.69
N GLY C 348 -40.29 -52.19 -34.82
CA GLY C 348 -40.35 -50.73 -34.72
C GLY C 348 -40.01 -50.22 -33.33
N PHE C 349 -40.56 -50.86 -32.30
CA PHE C 349 -40.33 -50.39 -30.93
C PHE C 349 -38.86 -50.48 -30.56
N GLY C 350 -38.24 -51.64 -30.79
CA GLY C 350 -36.83 -51.80 -30.51
C GLY C 350 -35.95 -50.89 -31.33
N ALA C 351 -36.31 -50.69 -32.61
CA ALA C 351 -35.52 -49.83 -33.48
C ALA C 351 -35.52 -48.39 -32.99
N ILE C 352 -36.71 -47.86 -32.65
CA ILE C 352 -36.79 -46.47 -32.21
C ILE C 352 -36.15 -46.30 -30.83
N THR C 353 -36.32 -47.29 -29.94
CA THR C 353 -35.69 -47.20 -28.63
C THR C 353 -34.17 -47.19 -28.74
N GLY C 354 -33.62 -48.09 -29.57
CA GLY C 354 -32.19 -48.12 -29.77
C GLY C 354 -31.65 -46.86 -30.41
N LEU C 355 -32.38 -46.32 -31.39
CA LEU C 355 -31.95 -45.10 -32.06
C LEU C 355 -31.92 -43.92 -31.09
N SER C 356 -32.97 -43.77 -30.27
CA SER C 356 -33.02 -42.68 -29.32
C SER C 356 -31.93 -42.80 -28.26
N THR C 357 -31.71 -44.01 -27.73
CA THR C 357 -30.66 -44.20 -26.74
C THR C 357 -29.28 -43.93 -27.34
N LEU C 358 -29.05 -44.39 -28.58
CA LEU C 358 -27.77 -44.16 -29.23
C LEU C 358 -27.52 -42.68 -29.46
N LEU C 359 -28.54 -41.93 -29.90
CA LEU C 359 -28.36 -40.50 -30.12
C LEU C 359 -28.12 -39.75 -28.83
N SER C 360 -28.82 -40.13 -27.75
CA SER C 360 -28.57 -39.51 -26.45
C SER C 360 -27.14 -39.77 -25.98
N LEU C 361 -26.66 -41.01 -26.14
CA LEU C 361 -25.29 -41.33 -25.75
C LEU C 361 -24.28 -40.57 -26.59
N VAL C 362 -24.55 -40.42 -27.89
CA VAL C 362 -23.64 -39.68 -28.77
C VAL C 362 -23.57 -38.21 -28.37
N VAL C 363 -24.71 -37.61 -28.05
CA VAL C 363 -24.73 -36.22 -27.61
C VAL C 363 -23.97 -36.05 -26.31
N CYS C 364 -24.17 -36.96 -25.36
CA CYS C 364 -23.45 -36.89 -24.08
C CYS C 364 -21.95 -37.05 -24.29
N TRP C 365 -21.54 -37.97 -25.16
CA TRP C 365 -20.12 -38.18 -25.42
C TRP C 365 -19.48 -36.97 -26.07
N TYR C 366 -20.17 -36.35 -27.04
CA TYR C 366 -19.64 -35.16 -27.69
C TYR C 366 -19.52 -34.01 -26.71
N GLY C 367 -20.52 -33.83 -25.85
CA GLY C 367 -20.44 -32.77 -24.84
C GLY C 367 -19.30 -32.99 -23.86
N LEU C 368 -19.11 -34.22 -23.41
CA LEU C 368 -18.01 -34.51 -22.49
C LEU C 368 -16.66 -34.32 -23.17
N ALA C 369 -16.54 -34.71 -24.44
CA ALA C 369 -15.29 -34.54 -25.17
C ALA C 369 -14.94 -33.07 -25.33
N LYS C 370 -15.93 -32.23 -25.67
CA LYS C 370 -15.64 -30.81 -25.82
C LYS C 370 -15.38 -30.14 -24.47
N LEU C 371 -16.03 -30.61 -23.40
CA LEU C 371 -15.72 -30.11 -22.08
C LEU C 371 -14.28 -30.42 -21.69
N ARG C 372 -13.82 -31.63 -22.01
CA ARG C 372 -12.42 -31.98 -21.75
C ARG C 372 -11.48 -31.13 -22.61
N LYS C 373 -11.86 -30.87 -23.86
CA LYS C 373 -10.97 -30.14 -24.77
C LYS C 373 -10.86 -28.67 -24.40
N VAL C 374 -11.93 -28.08 -23.85
CA VAL C 374 -11.92 -26.65 -23.57
C VAL C 374 -10.94 -26.31 -22.44
N GLN C 375 -10.99 -27.08 -21.35
CA GLN C 375 -10.19 -26.80 -20.16
C GLN C 375 -8.80 -27.44 -20.20
N ARG C 376 -8.28 -27.74 -21.39
CA ARG C 376 -6.97 -28.37 -21.48
C ARG C 376 -5.86 -27.39 -21.11
N VAL C 377 -6.04 -26.11 -21.42
CA VAL C 377 -5.03 -25.11 -21.13
C VAL C 377 -4.95 -24.84 -19.64
N ALA D 56 -6.70 42.07 -5.38
CA ALA D 56 -6.55 43.29 -4.60
C ALA D 56 -6.84 43.04 -3.13
N ALA D 57 -7.62 43.94 -2.52
CA ALA D 57 -8.03 43.85 -1.11
C ALA D 57 -6.80 43.80 -0.19
N LEU D 58 -6.03 44.89 -0.20
CA LEU D 58 -4.86 44.99 0.66
C LEU D 58 -5.25 45.00 2.14
N ASP D 59 -6.32 45.72 2.48
CA ASP D 59 -6.80 45.80 3.85
C ASP D 59 -8.16 45.14 3.95
N PRO D 60 -8.31 44.07 4.73
CA PRO D 60 -9.58 43.32 4.74
C PRO D 60 -10.64 43.81 5.71
N ARG D 61 -10.30 44.75 6.61
CA ARG D 61 -11.25 45.37 7.54
C ARG D 61 -11.93 44.32 8.42
N LEU D 62 -11.12 43.70 9.27
CA LEU D 62 -11.58 42.61 10.13
C LEU D 62 -12.60 43.11 11.15
N ARG D 63 -13.51 42.22 11.55
CA ARG D 63 -14.52 42.52 12.55
C ARG D 63 -13.95 42.22 13.93
N CYS D 64 -14.17 43.16 14.86
CA CYS D 64 -13.52 43.08 16.17
C CYS D 64 -14.48 43.42 17.29
N THR D 65 -14.20 42.87 18.47
CA THR D 65 -14.85 43.21 19.72
C THR D 65 -13.79 43.27 20.81
N GLU D 66 -13.93 44.21 21.74
CA GLU D 66 -12.89 44.48 22.73
C GLU D 66 -13.48 44.56 24.13
N VAL D 67 -12.65 44.20 25.12
CA VAL D 67 -13.02 44.28 26.54
C VAL D 67 -11.81 44.84 27.29
N ASP D 68 -12.06 45.83 28.14
CA ASP D 68 -11.01 46.56 28.84
C ASP D 68 -10.64 45.85 30.15
N GLY D 69 -9.90 46.57 31.01
CA GLY D 69 -9.39 45.95 32.23
C GLY D 69 -10.46 45.61 33.24
N ASN D 70 -11.48 46.47 33.36
CA ASN D 70 -12.55 46.24 34.34
C ASN D 70 -13.60 45.25 33.86
N GLY D 71 -13.48 44.74 32.64
CA GLY D 71 -14.43 43.79 32.10
C GLY D 71 -15.60 44.40 31.36
N ASN D 72 -15.73 45.73 31.35
CA ASN D 72 -16.81 46.36 30.63
C ASN D 72 -16.58 46.27 29.12
N VAL D 73 -17.67 46.27 28.35
CA VAL D 73 -17.57 46.24 26.90
C VAL D 73 -17.23 47.66 26.46
N ILE D 74 -15.95 47.92 26.23
CA ILE D 74 -15.52 49.26 25.84
C ILE D 74 -15.84 49.52 24.37
N MET D 75 -16.03 48.45 23.61
CA MET D 75 -16.33 48.56 22.19
C MET D 75 -17.11 47.33 21.75
N VAL D 76 -18.13 47.57 20.91
CA VAL D 76 -19.03 46.52 20.47
C VAL D 76 -18.60 46.19 19.05
N ASP D 77 -19.20 45.18 18.43
CA ASP D 77 -18.82 44.65 17.12
C ASP D 77 -18.59 45.74 16.08
N GLY D 78 -17.36 45.88 15.61
CA GLY D 78 -17.00 46.95 14.71
C GLY D 78 -16.03 46.47 13.65
N GLU D 79 -15.67 47.39 12.76
CA GLU D 79 -14.79 47.11 11.63
C GLU D 79 -13.49 47.87 11.82
N LEU D 80 -12.38 47.14 11.97
CA LEU D 80 -11.06 47.75 12.12
C LEU D 80 -10.13 47.21 11.04
N LYS D 81 -9.30 48.09 10.49
CA LYS D 81 -8.35 47.70 9.47
C LYS D 81 -7.20 46.91 10.10
N LYS D 82 -6.48 46.18 9.24
CA LYS D 82 -5.33 45.41 9.71
C LYS D 82 -4.21 46.33 10.17
N SER D 83 -4.00 47.44 9.45
CA SER D 83 -2.93 48.37 9.83
C SER D 83 -3.20 49.02 11.18
N GLU D 84 -4.45 49.40 11.43
CA GLU D 84 -4.79 49.99 12.72
C GLU D 84 -4.62 48.99 13.86
N LEU D 85 -4.99 47.73 13.64
CA LEU D 85 -4.82 46.70 14.65
C LEU D 85 -3.34 46.46 14.94
N ILE D 86 -2.52 46.41 13.88
CA ILE D 86 -1.09 46.20 14.05
C ILE D 86 -0.46 47.38 14.80
N ALA D 87 -0.86 48.60 14.46
CA ALA D 87 -0.32 49.78 15.14
C ALA D 87 -0.75 49.83 16.60
N LYS D 88 -2.00 49.46 16.89
CA LYS D 88 -2.50 49.53 18.25
C LYS D 88 -1.86 48.46 19.14
N TYR D 89 -1.81 47.22 18.67
CA TYR D 89 -1.32 46.12 19.50
C TYR D 89 0.17 45.86 19.35
N GLY D 90 0.84 46.52 18.41
CA GLY D 90 2.27 46.30 18.21
C GLY D 90 2.62 44.90 17.77
N LEU D 91 1.86 44.34 16.85
CA LEU D 91 2.05 42.96 16.41
C LEU D 91 3.03 42.92 15.24
N LEU D 92 3.12 41.76 14.60
CA LEU D 92 3.93 41.55 13.41
C LEU D 92 3.07 40.91 12.33
N PRO D 93 3.34 41.18 11.05
CA PRO D 93 2.54 40.57 9.99
C PRO D 93 2.61 39.04 9.96
N ARG D 94 3.75 38.47 10.34
CA ARG D 94 3.88 37.01 10.31
C ARG D 94 2.98 36.34 11.34
N ASP D 95 2.85 36.91 12.53
CA ASP D 95 1.98 36.33 13.56
C ASP D 95 0.52 36.38 13.12
N LEU D 96 0.10 37.51 12.54
CA LEU D 96 -1.29 37.61 12.08
C LEU D 96 -1.55 36.69 10.90
N ARG D 97 -0.55 36.51 10.03
CA ARG D 97 -0.70 35.55 8.93
C ARG D 97 -0.80 34.12 9.44
N LYS D 98 -0.03 33.80 10.49
CA LYS D 98 -0.14 32.47 11.10
C LYS D 98 -1.50 32.27 11.75
N ILE D 99 -2.04 33.33 12.38
CA ILE D 99 -3.34 33.23 13.02
C ILE D 99 -4.45 33.05 11.98
N ASP D 100 -4.37 33.80 10.87
CA ASP D 100 -5.46 33.83 9.90
C ASP D 100 -5.68 32.49 9.20
N SER D 101 -4.70 31.57 9.27
CA SER D 101 -4.92 30.23 8.76
C SER D 101 -5.95 29.50 9.63
N SER D 102 -6.93 28.88 8.97
CA SER D 102 -8.05 28.23 9.67
C SER D 102 -7.92 26.71 9.67
N ASN D 103 -6.70 26.19 9.54
CA ASN D 103 -6.48 24.75 9.52
C ASN D 103 -5.65 24.24 10.68
N LEU D 104 -4.75 25.05 11.23
CA LEU D 104 -3.88 24.63 12.32
C LEU D 104 -4.09 25.54 13.53
N PRO D 105 -4.44 24.99 14.68
CA PRO D 105 -4.53 25.83 15.89
C PRO D 105 -3.16 26.30 16.34
N HIS D 106 -3.13 27.45 17.00
CA HIS D 106 -1.87 28.05 17.41
C HIS D 106 -2.04 28.78 18.73
N ILE D 107 -1.07 28.58 19.62
CA ILE D 107 -0.96 29.35 20.86
C ILE D 107 0.44 29.96 20.87
N LEU D 108 0.52 31.26 20.61
CA LEU D 108 1.79 31.97 20.50
C LEU D 108 1.93 32.97 21.64
N VAL D 109 3.15 33.17 22.10
CA VAL D 109 3.45 34.13 23.15
C VAL D 109 4.44 35.15 22.61
N ARG D 110 4.19 36.42 22.89
CA ARG D 110 5.04 37.54 22.52
C ARG D 110 5.24 38.39 23.77
N PRO D 111 6.36 39.15 23.85
CA PRO D 111 6.69 39.87 25.09
C PRO D 111 5.62 40.84 25.62
N SER D 112 4.56 41.07 24.85
CA SER D 112 3.46 41.88 25.35
C SER D 112 2.09 41.32 24.96
N ALA D 113 2.00 40.08 24.48
CA ALA D 113 0.71 39.58 24.02
C ALA D 113 0.69 38.06 24.05
N ILE D 114 -0.53 37.52 24.07
CA ILE D 114 -0.79 36.10 23.88
C ILE D 114 -1.78 35.97 22.73
N LEU D 115 -1.46 35.12 21.75
CA LEU D 115 -2.24 34.99 20.53
C LEU D 115 -2.80 33.58 20.48
N ILE D 116 -4.13 33.47 20.34
CA ILE D 116 -4.80 32.18 20.34
C ILE D 116 -5.64 32.06 19.09
N ASN D 117 -5.42 30.99 18.32
CA ASN D 117 -6.24 30.63 17.16
C ASN D 117 -6.62 29.16 17.35
N LEU D 118 -7.69 28.94 18.10
CA LEU D 118 -8.26 27.63 18.36
C LEU D 118 -9.39 27.36 17.36
N LEU D 119 -10.26 26.40 17.66
CA LEU D 119 -11.29 25.94 16.73
C LEU D 119 -12.17 27.09 16.23
N HIS D 120 -12.73 27.89 17.14
CA HIS D 120 -13.62 28.97 16.74
C HIS D 120 -13.30 30.29 17.43
N LEU D 121 -12.10 30.45 17.97
CA LEU D 121 -11.72 31.66 18.69
C LEU D 121 -10.44 32.24 18.09
N LYS D 122 -10.47 33.54 17.81
CA LYS D 122 -9.29 34.30 17.40
C LYS D 122 -9.12 35.42 18.42
N VAL D 123 -8.28 35.18 19.42
CA VAL D 123 -8.22 35.98 20.63
C VAL D 123 -6.82 36.55 20.81
N LEU D 124 -6.77 37.84 21.13
CA LEU D 124 -5.54 38.54 21.49
C LEU D 124 -5.68 38.98 22.94
N ILE D 125 -4.85 38.44 23.82
CA ILE D 125 -4.90 38.75 25.25
C ILE D 125 -3.68 39.58 25.60
N LYS D 126 -3.92 40.72 26.23
CA LYS D 126 -2.88 41.56 26.78
C LYS D 126 -3.05 41.63 28.30
N HIS D 127 -2.19 42.41 28.95
CA HIS D 127 -2.29 42.54 30.40
C HIS D 127 -3.41 43.48 30.82
N ASP D 128 -4.06 44.17 29.87
CA ASP D 128 -5.12 45.10 30.22
C ASP D 128 -6.36 44.91 29.34
N ARG D 129 -6.17 44.42 28.11
CA ARG D 129 -7.26 44.33 27.14
C ARG D 129 -7.37 42.92 26.58
N VAL D 130 -8.58 42.57 26.14
CA VAL D 130 -8.85 41.32 25.45
C VAL D 130 -9.62 41.64 24.18
N LEU D 131 -9.14 41.13 23.05
CA LEU D 131 -9.77 41.37 21.76
C LEU D 131 -10.14 40.05 21.12
N LEU D 132 -11.37 39.96 20.60
CA LEU D 132 -11.82 38.81 19.82
C LEU D 132 -12.16 39.30 18.42
N PHE D 133 -11.54 38.70 17.41
CA PHE D 133 -11.73 39.18 16.05
C PHE D 133 -12.06 38.05 15.09
N ASP D 134 -12.58 38.43 13.94
CA ASP D 134 -13.01 37.49 12.91
C ASP D 134 -13.01 38.21 11.56
N VAL D 135 -13.36 37.46 10.51
CA VAL D 135 -13.33 38.02 9.16
C VAL D 135 -14.49 39.00 8.95
N TYR D 136 -14.34 39.85 7.94
CA TYR D 136 -15.36 40.83 7.62
C TYR D 136 -16.61 40.14 7.07
N GLY D 137 -17.78 40.60 7.52
CA GLY D 137 -19.05 40.08 7.08
C GLY D 137 -19.58 38.91 7.87
N SER D 138 -18.78 38.36 8.79
CA SER D 138 -19.23 37.23 9.60
C SER D 138 -20.14 37.72 10.72
N THR D 139 -21.02 36.81 11.16
CA THR D 139 -21.96 37.10 12.24
C THR D 139 -21.59 36.30 13.47
N SER D 140 -21.82 36.89 14.65
CA SER D 140 -21.49 36.23 15.90
C SER D 140 -22.41 35.05 16.14
N SER D 141 -21.81 33.90 16.48
CA SER D 141 -22.56 32.69 16.73
C SER D 141 -22.87 32.54 18.22
N TYR D 142 -23.65 31.50 18.54
CA TYR D 142 -23.97 31.22 19.93
C TYR D 142 -22.76 30.84 20.78
N PRO D 143 -21.83 29.97 20.35
CA PRO D 143 -20.65 29.71 21.20
C PRO D 143 -19.79 30.95 21.45
N GLN D 144 -19.67 31.84 20.47
CA GLN D 144 -18.89 33.06 20.68
C GLN D 144 -19.57 33.98 21.68
N SER D 145 -20.89 34.11 21.62
CA SER D 145 -21.62 34.91 22.60
C SER D 145 -21.52 34.31 23.99
N ALA D 146 -21.61 32.98 24.09
CA ALA D 146 -21.47 32.31 25.38
C ALA D 146 -20.07 32.52 25.96
N PHE D 147 -19.05 32.43 25.10
CA PHE D 147 -17.68 32.68 25.54
C PHE D 147 -17.51 34.12 26.00
N MET D 148 -18.10 35.07 25.28
CA MET D 148 -18.01 36.48 25.69
C MET D 148 -18.68 36.71 27.04
N TYR D 149 -19.86 36.12 27.24
CA TYR D 149 -20.56 36.26 28.52
C TYR D 149 -19.76 35.63 29.65
N ASP D 150 -19.20 34.44 29.42
CA ASP D 150 -18.39 33.79 30.45
C ASP D 150 -17.14 34.59 30.78
N LEU D 151 -16.48 35.14 29.76
CA LEU D 151 -15.29 35.96 29.99
C LEU D 151 -15.64 37.22 30.76
N GLN D 152 -16.78 37.86 30.44
CA GLN D 152 -17.21 39.03 31.18
C GLN D 152 -17.50 38.69 32.64
N GLY D 153 -18.17 37.56 32.87
CA GLY D 153 -18.47 37.15 34.24
C GLY D 153 -17.23 36.82 35.04
N LYS D 154 -16.24 36.18 34.40
CA LYS D 154 -15.02 35.82 35.11
C LYS D 154 -14.15 37.05 35.38
N LEU D 155 -14.09 37.98 34.44
CA LEU D 155 -13.24 39.16 34.61
C LEU D 155 -13.87 40.19 35.55
N GLN D 156 -15.20 40.26 35.60
CA GLN D 156 -15.84 41.23 36.48
C GLN D 156 -15.69 40.85 37.94
N GLN D 157 -15.47 39.57 38.23
CA GLN D 157 -15.28 39.11 39.61
C GLN D 157 -13.91 39.53 40.14
N SER D 165 -5.54 33.84 44.38
CA SER D 165 -5.90 34.83 43.37
C SER D 165 -5.21 34.54 42.05
N LEU D 166 -5.86 34.92 40.95
CA LEU D 166 -5.31 34.70 39.62
C LEU D 166 -5.31 36.00 38.83
N PRO D 167 -4.27 36.23 38.01
CA PRO D 167 -4.24 37.46 37.21
C PRO D 167 -5.25 37.49 36.07
N TYR D 168 -5.17 38.56 35.27
CA TYR D 168 -6.14 38.79 34.21
C TYR D 168 -5.97 37.80 33.07
N GLU D 169 -4.73 37.62 32.61
CA GLU D 169 -4.47 36.78 31.44
C GLU D 169 -4.75 35.31 31.74
N PHE D 170 -4.47 34.87 32.97
CA PHE D 170 -4.75 33.48 33.33
C PHE D 170 -6.24 33.21 33.36
N ARG D 171 -7.03 34.18 33.84
CA ARG D 171 -8.48 34.03 33.82
C ARG D 171 -9.01 33.98 32.38
N ALA D 172 -8.47 34.83 31.51
CA ALA D 172 -8.88 34.79 30.10
C ALA D 172 -8.53 33.45 29.46
N LEU D 173 -7.33 32.94 29.74
CA LEU D 173 -6.92 31.65 29.20
C LEU D 173 -7.80 30.52 29.73
N GLU D 174 -8.16 30.59 31.02
CA GLU D 174 -9.05 29.60 31.60
C GLU D 174 -10.41 29.60 30.91
N ALA D 175 -10.95 30.79 30.65
CA ALA D 175 -12.24 30.88 29.96
C ALA D 175 -12.16 30.32 28.55
N VAL D 176 -11.07 30.62 27.82
CA VAL D 176 -10.91 30.12 26.46
C VAL D 176 -10.83 28.59 26.45
N LEU D 177 -10.03 28.03 27.36
CA LEU D 177 -9.86 26.58 27.41
C LEU D 177 -11.16 25.88 27.82
N MET D 178 -11.91 26.48 28.75
CA MET D 178 -13.19 25.90 29.16
C MET D 178 -14.18 25.87 27.99
N SER D 179 -14.25 26.98 27.23
CA SER D 179 -15.15 27.01 26.08
C SER D 179 -14.75 25.98 25.03
N VAL D 180 -13.45 25.85 24.76
CA VAL D 180 -12.98 24.90 23.75
C VAL D 180 -13.29 23.47 24.17
N THR D 181 -13.04 23.13 25.44
CA THR D 181 -13.31 21.76 25.90
C THR D 181 -14.80 21.45 25.88
N ALA D 182 -15.64 22.42 26.25
CA ALA D 182 -17.09 22.19 26.21
C ALA D 182 -17.56 21.96 24.78
N GLU D 183 -17.06 22.74 23.82
CA GLU D 183 -17.43 22.55 22.43
C GLU D 183 -16.96 21.19 21.91
N LEU D 184 -15.75 20.77 22.30
CA LEU D 184 -15.24 19.48 21.88
C LEU D 184 -16.12 18.33 22.40
N GLU D 185 -16.51 18.41 23.67
CA GLU D 185 -17.37 17.36 24.25
C GLU D 185 -18.73 17.31 23.57
N ALA D 186 -19.33 18.49 23.32
CA ALA D 186 -20.62 18.53 22.65
C ALA D 186 -20.55 17.95 21.24
N ASP D 187 -19.50 18.31 20.49
CA ASP D 187 -19.33 17.76 19.15
C ASP D 187 -19.13 16.25 19.18
N PHE D 188 -18.37 15.75 20.17
CA PHE D 188 -18.17 14.31 20.27
C PHE D 188 -19.46 13.58 20.54
N GLU D 189 -20.29 14.10 21.45
CA GLU D 189 -21.57 13.44 21.74
C GLU D 189 -22.48 13.44 20.52
N ALA D 190 -22.55 14.59 19.82
CA ALA D 190 -23.40 14.69 18.64
C ALA D 190 -22.94 13.75 17.54
N VAL D 191 -21.63 13.56 17.39
CA VAL D 191 -21.11 12.61 16.41
C VAL D 191 -21.40 11.17 16.85
N ARG D 192 -21.26 10.89 18.15
CA ARG D 192 -21.28 9.51 18.61
C ARG D 192 -22.69 8.91 18.61
N ASP D 193 -23.72 9.71 18.90
CA ASP D 193 -25.06 9.15 19.05
C ASP D 193 -25.61 8.40 17.83
N PRO D 194 -25.56 8.95 16.59
CA PRO D 194 -26.13 8.18 15.46
C PRO D 194 -25.43 6.87 15.17
N VAL D 195 -24.13 6.78 15.43
CA VAL D 195 -23.41 5.53 15.22
C VAL D 195 -23.93 4.46 16.18
N ILE D 196 -24.18 4.84 17.43
CA ILE D 196 -24.74 3.91 18.41
C ILE D 196 -26.14 3.47 17.98
N ARG D 197 -26.95 4.41 17.48
CA ARG D 197 -28.28 4.05 17.02
C ARG D 197 -28.23 3.06 15.85
N ILE D 198 -27.33 3.31 14.88
CA ILE D 198 -27.22 2.43 13.72
C ILE D 198 -26.73 1.05 14.14
N LEU D 199 -25.74 1.00 15.04
CA LEU D 199 -25.23 -0.30 15.50
C LEU D 199 -26.31 -1.06 16.29
N SER D 200 -27.16 -0.34 17.01
CA SER D 200 -28.28 -0.99 17.69
C SER D 200 -29.28 -1.56 16.69
N GLU D 201 -29.56 -0.82 15.62
CA GLU D 201 -30.51 -1.31 14.62
C GLU D 201 -29.94 -2.47 13.81
N LEU D 202 -28.62 -2.53 13.65
CA LEU D 202 -28.01 -3.56 12.82
C LEU D 202 -27.93 -4.92 13.50
N GLU D 203 -28.27 -5.00 14.80
CA GLU D 203 -28.14 -6.27 15.51
C GLU D 203 -29.21 -7.27 15.09
N ASP D 204 -30.29 -6.81 14.48
CA ASP D 204 -31.37 -7.70 14.10
C ASP D 204 -31.13 -8.32 12.72
N ASP D 205 -30.92 -7.48 11.70
CA ASP D 205 -30.73 -7.96 10.34
C ASP D 205 -29.55 -7.25 9.71
N ILE D 206 -28.99 -7.89 8.69
CA ILE D 206 -27.82 -7.37 7.98
C ILE D 206 -28.25 -6.90 6.59
N ASP D 207 -27.91 -5.67 6.24
CA ASP D 207 -28.28 -5.11 4.95
C ASP D 207 -27.16 -4.21 4.47
N ARG D 208 -27.03 -4.09 3.14
CA ARG D 208 -25.92 -3.36 2.55
C ARG D 208 -26.03 -1.86 2.76
N GLU D 209 -27.27 -1.34 2.75
CA GLU D 209 -27.49 0.08 2.96
C GLU D 209 -27.05 0.50 4.37
N LYS D 210 -27.31 -0.35 5.36
CA LYS D 210 -26.84 -0.08 6.71
C LYS D 210 -25.32 -0.07 6.78
N LEU D 211 -24.66 -0.95 6.03
CA LEU D 211 -23.21 -0.94 5.97
C LEU D 211 -22.69 0.36 5.35
N ARG D 212 -23.36 0.83 4.30
CA ARG D 212 -22.98 2.11 3.68
C ARG D 212 -23.14 3.26 4.67
N ILE D 213 -24.24 3.28 5.41
CA ILE D 213 -24.46 4.33 6.41
C ILE D 213 -23.38 4.25 7.51
N LEU D 214 -23.02 3.03 7.90
CA LEU D 214 -21.98 2.85 8.92
C LEU D 214 -20.65 3.40 8.45
N LEU D 215 -20.29 3.13 7.19
CA LEU D 215 -19.03 3.67 6.65
C LEU D 215 -19.07 5.19 6.58
N VAL D 216 -20.22 5.75 6.17
CA VAL D 216 -20.37 7.21 6.09
C VAL D 216 -20.19 7.84 7.46
N LEU D 217 -20.77 7.24 8.50
CA LEU D 217 -20.60 7.78 9.85
C LEU D 217 -19.17 7.59 10.36
N SER D 218 -18.53 6.48 9.98
CA SER D 218 -17.16 6.23 10.42
C SER D 218 -16.21 7.26 9.86
N LYS D 219 -16.46 7.74 8.64
CA LYS D 219 -15.63 8.81 8.08
C LYS D 219 -15.70 10.08 8.93
N ARG D 220 -16.90 10.44 9.37
CA ARG D 220 -17.05 11.62 10.22
C ARG D 220 -16.39 11.43 11.58
N VAL D 221 -16.50 10.22 12.15
CA VAL D 221 -15.81 9.93 13.41
C VAL D 221 -14.31 10.08 13.25
N SER D 222 -13.75 9.59 12.14
CA SER D 222 -12.32 9.74 11.90
C SER D 222 -11.92 11.20 11.76
N THR D 223 -12.74 11.99 11.07
CA THR D 223 -12.44 13.42 10.92
C THR D 223 -12.42 14.13 12.27
N PHE D 224 -13.41 13.83 13.12
CA PHE D 224 -13.44 14.46 14.44
C PHE D 224 -12.26 14.01 15.29
N GLU D 225 -11.87 12.73 15.18
CA GLU D 225 -10.70 12.25 15.92
C GLU D 225 -9.44 12.98 15.49
N GLN D 226 -9.29 13.22 14.18
CA GLN D 226 -8.13 13.97 13.69
C GLN D 226 -8.13 15.39 14.23
N LYS D 227 -9.30 16.05 14.24
CA LYS D 227 -9.37 17.42 14.75
C LYS D 227 -9.01 17.49 16.24
N ALA D 228 -9.55 16.56 17.03
CA ALA D 228 -9.24 16.55 18.46
C ALA D 228 -7.77 16.24 18.71
N LYS D 229 -7.18 15.34 17.91
CA LYS D 229 -5.77 15.05 18.03
C LYS D 229 -4.92 16.27 17.73
N LEU D 230 -5.31 17.05 16.71
CA LEU D 230 -4.58 18.27 16.39
C LEU D 230 -4.63 19.27 17.54
N VAL D 231 -5.81 19.44 18.15
CA VAL D 231 -5.93 20.37 19.27
C VAL D 231 -5.08 19.92 20.45
N ARG D 232 -5.13 18.62 20.77
CA ARG D 232 -4.34 18.09 21.88
C ARG D 232 -2.85 18.24 21.63
N ASP D 233 -2.40 18.01 20.39
CA ASP D 233 -0.99 18.17 20.07
C ASP D 233 -0.54 19.62 20.20
N ALA D 234 -1.41 20.57 19.86
CA ALA D 234 -1.06 21.98 20.05
C ALA D 234 -0.85 22.31 21.52
N ILE D 235 -1.77 21.84 22.39
CA ILE D 235 -1.63 22.10 23.82
C ILE D 235 -0.38 21.41 24.37
N GLU D 236 -0.09 20.19 23.92
CA GLU D 236 1.09 19.47 24.39
C GLU D 236 2.37 20.18 23.96
N GLU D 237 2.42 20.68 22.72
CA GLU D 237 3.60 21.39 22.24
C GLU D 237 3.80 22.69 22.99
N LEU D 238 2.72 23.36 23.38
CA LEU D 238 2.85 24.52 24.24
C LEU D 238 3.37 24.13 25.62
N LEU D 239 2.91 23.00 26.15
CA LEU D 239 3.33 22.57 27.48
C LEU D 239 4.81 22.18 27.53
N GLU D 240 5.32 21.60 26.44
CA GLU D 240 6.69 21.10 26.44
C GLU D 240 7.71 22.23 26.51
N ALA D 241 7.40 23.39 25.96
CA ALA D 241 8.31 24.52 25.98
C ALA D 241 8.47 25.05 27.40
N ASP D 242 9.67 25.56 27.71
CA ASP D 242 9.98 26.07 29.04
C ASP D 242 10.05 27.58 29.10
N ASP D 243 10.66 28.23 28.11
CA ASP D 243 10.78 29.68 28.12
C ASP D 243 9.45 30.37 27.86
N ASP D 244 8.56 29.72 27.11
CA ASP D 244 7.24 30.29 26.85
C ASP D 244 6.42 30.40 28.14
N LEU D 245 6.51 29.39 28.99
CA LEU D 245 5.80 29.43 30.27
C LEU D 245 6.34 30.53 31.17
N ALA D 246 7.64 30.82 31.07
CA ALA D 246 8.21 31.94 31.81
C ALA D 246 7.76 33.27 31.21
N ALA D 247 7.61 33.33 29.89
CA ALA D 247 7.20 34.55 29.21
C ALA D 247 5.69 34.78 29.25
N MET D 248 4.93 33.82 29.78
CA MET D 248 3.48 33.97 29.88
C MET D 248 3.05 34.89 31.02
N TYR D 249 3.98 35.42 31.80
CA TYR D 249 3.66 36.31 32.92
C TYR D 249 3.78 37.75 32.42
N LEU D 250 2.65 38.43 32.31
CA LEU D 250 2.64 39.78 31.76
C LEU D 250 2.54 40.83 32.87
N THR D 251 1.72 40.57 33.89
CA THR D 251 1.55 41.52 34.98
C THR D 251 2.85 41.73 35.75
N GLU D 252 3.59 40.63 36.01
CA GLU D 252 4.90 40.76 36.63
C GLU D 252 5.90 41.42 35.69
N LYS D 253 5.72 41.25 34.38
CA LYS D 253 6.60 41.92 33.41
C LYS D 253 6.39 43.43 33.41
N THR D 254 5.16 43.89 33.64
CA THR D 254 4.92 45.33 33.74
C THR D 254 5.62 45.94 34.94
N HIS D 255 5.69 45.20 36.06
CA HIS D 255 6.34 45.67 37.28
C HIS D 255 7.82 45.35 37.30
N ASP D 256 8.42 45.01 36.16
CA ASP D 256 9.84 44.68 36.02
C ASP D 256 10.27 43.52 36.91
N LEU D 257 9.43 42.49 37.01
CA LEU D 257 9.77 41.25 37.69
C LEU D 257 9.80 40.11 36.70
N TYR D 258 10.89 39.35 36.71
CA TYR D 258 11.07 38.22 35.79
C TYR D 258 11.04 36.92 36.57
N ARG D 259 10.22 35.97 36.10
CA ARG D 259 10.03 34.73 36.83
C ARG D 259 11.25 33.82 36.71
N GLY D 260 11.90 33.80 35.55
CA GLY D 260 13.00 32.89 35.31
C GLY D 260 12.53 31.57 34.74
N GLU D 261 13.51 30.74 34.37
CA GLU D 261 13.23 29.48 33.68
C GLU D 261 12.99 28.33 34.65
N ASP D 262 12.98 28.60 35.96
CA ASP D 262 12.81 27.55 36.95
C ASP D 262 11.58 27.78 37.84
N ASP D 263 10.79 28.81 37.56
CA ASP D 263 9.62 29.16 38.38
C ASP D 263 8.40 29.33 37.48
N HIS D 264 7.70 28.23 37.22
CA HIS D 264 6.41 28.26 36.53
C HIS D 264 5.53 27.12 37.03
N THR D 265 4.65 27.41 37.98
CA THR D 265 3.85 26.35 38.61
C THR D 265 2.39 26.42 38.19
N GLU D 266 1.80 27.62 38.19
CA GLU D 266 0.37 27.77 37.91
C GLU D 266 0.01 27.41 36.47
N VAL D 267 0.83 27.82 35.50
CA VAL D 267 0.53 27.58 34.10
C VAL D 267 0.58 26.11 33.75
N GLU D 268 1.52 25.37 34.33
CA GLU D 268 1.68 23.95 33.99
C GLU D 268 0.46 23.14 34.44
N LEU D 269 0.02 23.36 35.68
CA LEU D 269 -1.18 22.68 36.18
C LEU D 269 -2.41 23.08 35.38
N LEU D 270 -2.53 24.37 35.07
CA LEU D 270 -3.69 24.87 34.33
C LEU D 270 -3.77 24.25 32.93
N LEU D 271 -2.63 24.07 32.28
CA LEU D 271 -2.65 23.46 30.94
C LEU D 271 -2.84 21.95 31.01
N GLU D 272 -2.28 21.29 32.03
CA GLU D 272 -2.43 19.85 32.16
C GLU D 272 -3.87 19.46 32.43
N SER D 273 -4.58 20.28 33.22
CA SER D 273 -5.96 19.98 33.59
C SER D 273 -6.91 19.94 32.40
N TYR D 274 -6.52 20.52 31.26
CA TYR D 274 -7.31 20.44 30.04
C TYR D 274 -6.67 19.52 28.99
N HIS D 275 -5.36 19.33 29.05
CA HIS D 275 -4.71 18.34 28.21
C HIS D 275 -5.26 16.93 28.50
N LYS D 276 -5.50 16.63 29.78
CA LYS D 276 -6.10 15.34 30.13
C LYS D 276 -7.49 15.19 29.52
N LEU D 277 -8.29 16.26 29.58
CA LEU D 277 -9.64 16.22 29.05
C LEU D 277 -9.65 16.01 27.53
N CYS D 278 -8.67 16.59 26.83
CA CYS D 278 -8.56 16.33 25.39
C CYS D 278 -8.13 14.89 25.12
N ASP D 279 -7.20 14.37 25.91
CA ASP D 279 -6.69 13.02 25.69
C ASP D 279 -7.80 11.98 25.86
N GLU D 280 -8.70 12.18 26.82
CA GLU D 280 -9.80 11.24 27.03
C GLU D 280 -10.68 11.14 25.79
N VAL D 281 -11.01 12.29 25.19
CA VAL D 281 -11.87 12.30 24.01
C VAL D 281 -11.17 11.63 22.83
N VAL D 282 -9.86 11.87 22.67
CA VAL D 282 -9.13 11.21 21.58
C VAL D 282 -9.16 9.69 21.74
N GLN D 283 -8.94 9.21 22.97
CA GLN D 283 -8.96 7.76 23.20
C GLN D 283 -10.34 7.16 22.90
N GLU D 284 -11.40 7.85 23.33
CA GLU D 284 -12.75 7.33 23.10
C GLU D 284 -13.07 7.27 21.61
N ALA D 285 -12.65 8.29 20.84
CA ALA D 285 -12.87 8.27 19.40
C ALA D 285 -12.13 7.12 18.73
N SER D 286 -10.89 6.86 19.16
CA SER D 286 -10.15 5.73 18.59
C SER D 286 -10.83 4.40 18.87
N ASN D 287 -11.35 4.22 20.10
CA ASN D 287 -12.06 2.99 20.44
C ASN D 287 -13.31 2.81 19.57
N LEU D 288 -14.05 3.89 19.35
CA LEU D 288 -15.24 3.81 18.51
C LEU D 288 -14.89 3.40 17.08
N VAL D 289 -13.80 3.97 16.54
CA VAL D 289 -13.36 3.62 15.19
C VAL D 289 -13.03 2.13 15.09
N SER D 290 -12.30 1.60 16.09
CA SER D 290 -11.95 0.19 16.07
C SER D 290 -13.19 -0.71 16.11
N SER D 291 -14.16 -0.36 16.94
CA SER D 291 -15.39 -1.16 17.02
C SER D 291 -16.13 -1.16 15.69
N ILE D 292 -16.20 -0.01 15.02
CA ILE D 292 -16.87 0.08 13.72
C ILE D 292 -16.18 -0.83 12.71
N ARG D 293 -14.85 -0.82 12.68
CA ARG D 293 -14.12 -1.66 11.74
C ARG D 293 -14.39 -3.14 11.97
N ASN D 294 -14.41 -3.57 13.25
CA ASN D 294 -14.69 -4.96 13.55
C ASN D 294 -16.10 -5.38 13.08
N THR D 295 -17.09 -4.51 13.32
CA THR D 295 -18.44 -4.81 12.88
C THR D 295 -18.53 -4.96 11.36
N GLU D 296 -17.83 -4.08 10.63
CA GLU D 296 -17.83 -4.17 9.17
C GLU D 296 -17.23 -5.49 8.68
N GLU D 297 -16.14 -5.93 9.31
CA GLU D 297 -15.52 -7.20 8.92
C GLU D 297 -16.48 -8.38 9.15
N ILE D 298 -17.17 -8.38 10.29
CA ILE D 298 -18.11 -9.46 10.58
C ILE D 298 -19.23 -9.50 9.53
N ILE D 299 -19.75 -8.33 9.17
CA ILE D 299 -20.83 -8.26 8.19
C ILE D 299 -20.38 -8.82 6.84
N ARG D 300 -19.16 -8.46 6.41
CA ARG D 300 -18.65 -8.96 5.13
C ARG D 300 -18.53 -10.49 5.13
N ALA D 301 -18.02 -11.06 6.23
CA ALA D 301 -17.92 -12.52 6.31
C ALA D 301 -19.28 -13.19 6.22
N ILE D 302 -20.29 -12.63 6.90
CA ILE D 302 -21.64 -13.18 6.84
C ILE D 302 -22.18 -13.17 5.40
N LEU D 303 -21.96 -12.07 4.69
CA LEU D 303 -22.43 -11.98 3.31
C LEU D 303 -21.79 -13.03 2.41
N ASP D 304 -20.48 -13.26 2.58
CA ASP D 304 -19.81 -14.29 1.78
C ASP D 304 -20.39 -15.67 2.04
N ALA D 305 -20.64 -15.99 3.31
CA ALA D 305 -21.25 -17.29 3.64
C ALA D 305 -22.63 -17.44 2.99
N ASN D 306 -23.42 -16.36 3.00
CA ASN D 306 -24.74 -16.42 2.36
C ASN D 306 -24.63 -16.70 0.87
N ARG D 307 -23.67 -16.07 0.19
CA ARG D 307 -23.50 -16.32 -1.24
C ARG D 307 -23.15 -17.78 -1.52
N ASN D 308 -22.26 -18.36 -0.71
CA ASN D 308 -21.90 -19.76 -0.91
C ASN D 308 -23.11 -20.68 -0.71
N SER D 309 -23.93 -20.40 0.31
CA SER D 309 -25.12 -21.21 0.53
C SER D 309 -26.09 -21.14 -0.66
N LEU D 310 -26.25 -19.95 -1.24
CA LEU D 310 -27.12 -19.80 -2.40
C LEU D 310 -26.62 -20.62 -3.58
N MET D 311 -25.30 -20.64 -3.80
CA MET D 311 -24.75 -21.45 -4.89
C MET D 311 -25.03 -22.93 -4.68
N LEU D 312 -24.87 -23.41 -3.44
CA LEU D 312 -25.16 -24.83 -3.15
C LEU D 312 -26.63 -25.16 -3.40
N LEU D 313 -27.53 -24.26 -3.02
CA LEU D 313 -28.96 -24.49 -3.28
C LEU D 313 -29.26 -24.58 -4.77
N ASP D 314 -28.63 -23.73 -5.57
CA ASP D 314 -28.82 -23.80 -7.02
C ASP D 314 -28.37 -25.13 -7.59
N LEU D 315 -27.22 -25.64 -7.10
CA LEU D 315 -26.74 -26.95 -7.56
C LEU D 315 -27.74 -28.06 -7.22
N LYS D 316 -28.31 -28.02 -6.01
CA LYS D 316 -29.29 -29.03 -5.62
C LYS D 316 -30.53 -28.98 -6.51
N PHE D 317 -30.98 -27.76 -6.86
CA PHE D 317 -32.12 -27.64 -7.76
C PHE D 317 -31.82 -28.24 -9.14
N SER D 318 -30.60 -28.03 -9.65
CA SER D 318 -30.23 -28.63 -10.93
C SER D 318 -30.26 -30.16 -10.86
N ILE D 319 -29.78 -30.74 -9.76
CA ILE D 319 -29.82 -32.20 -9.61
C ILE D 319 -31.26 -32.69 -9.62
N GLY D 320 -32.16 -32.00 -8.92
CA GLY D 320 -33.56 -32.40 -8.92
C GLY D 320 -34.18 -32.34 -10.32
N THR D 321 -33.84 -31.30 -11.08
CA THR D 321 -34.37 -31.17 -12.44
C THR D 321 -33.94 -32.34 -13.31
N LEU D 322 -32.65 -32.72 -13.24
CA LEU D 322 -32.17 -33.87 -14.00
C LEU D 322 -32.87 -35.17 -13.58
N GLY D 323 -33.08 -35.33 -12.27
CA GLY D 323 -33.75 -36.52 -11.78
C GLY D 323 -35.17 -36.66 -12.29
N LEU D 324 -35.89 -35.55 -12.38
CA LEU D 324 -37.23 -35.62 -12.97
C LEU D 324 -37.19 -35.84 -14.48
N ALA D 325 -36.18 -35.26 -15.15
CA ALA D 325 -36.09 -35.37 -16.60
C ALA D 325 -35.88 -36.81 -17.05
N MET D 326 -35.11 -37.59 -16.27
CA MET D 326 -34.89 -38.99 -16.65
C MET D 326 -36.20 -39.79 -16.66
N GLY D 327 -37.02 -39.62 -15.62
CA GLY D 327 -38.30 -40.32 -15.58
C GLY D 327 -39.26 -39.84 -16.65
N THR D 328 -39.21 -38.54 -16.97
CA THR D 328 -40.03 -38.03 -18.07
C THR D 328 -39.63 -38.67 -19.39
N PHE D 329 -38.32 -38.87 -19.61
CA PHE D 329 -37.85 -39.55 -20.81
C PHE D 329 -38.37 -40.98 -20.88
N LEU D 330 -38.33 -41.71 -19.75
CA LEU D 330 -38.80 -43.09 -19.78
C LEU D 330 -40.30 -43.17 -20.06
N ALA D 331 -41.09 -42.28 -19.45
CA ALA D 331 -42.52 -42.26 -19.74
C ALA D 331 -42.79 -41.92 -21.21
N GLY D 332 -42.00 -41.02 -21.78
CA GLY D 332 -42.14 -40.72 -23.20
C GLY D 332 -41.81 -41.88 -24.09
N LEU D 333 -40.85 -42.72 -23.68
CA LEU D 333 -40.52 -43.92 -24.45
C LEU D 333 -41.70 -44.88 -24.52
N TYR D 334 -42.40 -45.09 -23.41
CA TYR D 334 -43.55 -45.98 -23.42
C TYR D 334 -44.84 -45.30 -23.85
N GLY D 335 -44.81 -44.00 -24.13
CA GLY D 335 -45.97 -43.30 -24.66
C GLY D 335 -46.10 -43.30 -26.17
N MET D 336 -45.28 -44.06 -26.89
CA MET D 336 -45.28 -44.02 -28.34
C MET D 336 -46.44 -44.82 -28.93
N ASN D 337 -46.74 -44.56 -30.20
CA ASN D 337 -47.81 -45.25 -30.92
C ASN D 337 -47.25 -46.43 -31.71
N LEU D 338 -46.70 -47.39 -30.97
CA LEU D 338 -46.16 -48.62 -31.55
C LEU D 338 -46.65 -49.80 -30.72
N GLU D 339 -46.09 -50.98 -31.01
CA GLU D 339 -46.47 -52.20 -30.31
C GLU D 339 -45.60 -52.38 -29.08
N ASN D 340 -46.22 -52.33 -27.90
CA ASN D 340 -45.49 -52.47 -26.64
C ASN D 340 -45.40 -53.90 -26.15
N PHE D 341 -46.23 -54.80 -26.69
CA PHE D 341 -46.31 -56.24 -26.39
C PHE D 341 -46.80 -56.54 -24.98
N ILE D 342 -47.06 -55.54 -24.15
CA ILE D 342 -47.59 -55.74 -22.81
C ILE D 342 -48.93 -55.03 -22.63
N GLU D 343 -49.57 -54.65 -23.73
CA GLU D 343 -50.87 -54.00 -23.67
C GLU D 343 -51.94 -55.00 -23.21
N GLU D 344 -53.01 -54.47 -22.64
CA GLU D 344 -54.14 -55.25 -22.11
C GLU D 344 -53.70 -56.21 -21.00
N THR D 345 -52.68 -55.82 -20.24
CA THR D 345 -52.21 -56.57 -19.09
C THR D 345 -52.31 -55.72 -17.84
N ASN D 346 -52.59 -56.37 -16.71
CA ASN D 346 -52.83 -55.64 -15.47
C ASN D 346 -51.56 -55.10 -14.83
N TRP D 347 -50.43 -55.80 -15.00
CA TRP D 347 -49.20 -55.45 -14.29
C TRP D 347 -48.34 -54.42 -15.02
N GLY D 348 -48.67 -54.09 -16.27
CA GLY D 348 -47.80 -53.24 -17.06
C GLY D 348 -47.73 -51.82 -16.51
N PHE D 349 -48.87 -51.25 -16.15
CA PHE D 349 -48.91 -49.87 -15.66
C PHE D 349 -48.11 -49.72 -14.38
N GLY D 350 -48.38 -50.60 -13.40
CA GLY D 350 -47.63 -50.55 -12.15
C GLY D 350 -46.16 -50.83 -12.34
N ALA D 351 -45.82 -51.76 -13.23
CA ALA D 351 -44.43 -52.09 -13.46
C ALA D 351 -43.66 -50.90 -14.02
N ILE D 352 -44.22 -50.25 -15.05
CA ILE D 352 -43.52 -49.11 -15.67
C ILE D 352 -43.47 -47.92 -14.72
N THR D 353 -44.54 -47.68 -13.96
CA THR D 353 -44.54 -46.58 -12.99
C THR D 353 -43.48 -46.80 -11.92
N GLY D 354 -43.41 -48.02 -11.38
CA GLY D 354 -42.39 -48.31 -10.38
C GLY D 354 -40.99 -48.22 -10.91
N LEU D 355 -40.77 -48.71 -12.15
CA LEU D 355 -39.44 -48.64 -12.74
C LEU D 355 -39.01 -47.20 -12.96
N SER D 356 -39.90 -46.35 -13.48
CA SER D 356 -39.55 -44.95 -13.72
C SER D 356 -39.28 -44.22 -12.41
N THR D 357 -40.11 -44.44 -11.39
CA THR D 357 -39.88 -43.79 -10.09
C THR D 357 -38.57 -44.26 -9.46
N LEU D 358 -38.29 -45.56 -9.56
CA LEU D 358 -37.04 -46.08 -9.00
C LEU D 358 -35.83 -45.51 -9.70
N LEU D 359 -35.87 -45.39 -11.03
CA LEU D 359 -34.73 -44.84 -11.75
C LEU D 359 -34.54 -43.35 -11.44
N SER D 360 -35.64 -42.60 -11.31
CA SER D 360 -35.53 -41.19 -10.93
C SER D 360 -34.90 -41.06 -9.54
N LEU D 361 -35.34 -41.89 -8.59
CA LEU D 361 -34.78 -41.83 -7.24
C LEU D 361 -33.30 -42.22 -7.25
N VAL D 362 -32.93 -43.21 -8.06
CA VAL D 362 -31.52 -43.62 -8.14
C VAL D 362 -30.66 -42.49 -8.70
N VAL D 363 -31.14 -41.81 -9.75
CA VAL D 363 -30.39 -40.70 -10.32
C VAL D 363 -30.24 -39.57 -9.31
N CYS D 364 -31.31 -39.25 -8.58
CA CYS D 364 -31.23 -38.21 -7.56
C CYS D 364 -30.25 -38.58 -6.45
N TRP D 365 -30.29 -39.84 -6.02
CA TRP D 365 -29.39 -40.28 -4.96
C TRP D 365 -27.93 -40.23 -5.40
N TYR D 366 -27.64 -40.67 -6.64
CA TYR D 366 -26.28 -40.61 -7.15
C TYR D 366 -25.79 -39.16 -7.27
N GLY D 367 -26.64 -38.27 -7.76
CA GLY D 367 -26.26 -36.87 -7.85
C GLY D 367 -25.98 -36.25 -6.49
N LEU D 368 -26.83 -36.55 -5.50
CA LEU D 368 -26.61 -36.02 -4.15
C LEU D 368 -25.33 -36.59 -3.54
N ALA D 369 -25.06 -37.89 -3.76
CA ALA D 369 -23.85 -38.49 -3.22
C ALA D 369 -22.60 -37.87 -3.82
N LYS D 370 -22.60 -37.64 -5.14
CA LYS D 370 -21.42 -37.02 -5.73
C LYS D 370 -21.29 -35.54 -5.35
N LEU D 371 -22.41 -34.85 -5.14
CA LEU D 371 -22.35 -33.48 -4.63
C LEU D 371 -21.73 -33.44 -3.24
N ARG D 372 -22.10 -34.40 -2.38
CA ARG D 372 -21.47 -34.48 -1.06
C ARG D 372 -20.00 -34.82 -1.17
N LYS D 373 -19.63 -35.70 -2.10
CA LYS D 373 -18.25 -36.15 -2.21
C LYS D 373 -17.33 -35.05 -2.76
N VAL D 374 -17.85 -34.19 -3.64
CA VAL D 374 -17.01 -33.18 -4.28
C VAL D 374 -16.55 -32.14 -3.27
N GLN D 375 -17.47 -31.62 -2.45
CA GLN D 375 -17.16 -30.54 -1.52
C GLN D 375 -16.65 -31.03 -0.17
N ARG D 376 -16.08 -32.23 -0.11
CA ARG D 376 -15.57 -32.74 1.16
C ARG D 376 -14.33 -32.01 1.61
N VAL D 377 -13.50 -31.56 0.67
CA VAL D 377 -12.27 -30.86 1.00
C VAL D 377 -12.57 -29.47 1.53
N ALA E 56 24.91 18.64 -29.60
CA ALA E 56 25.53 19.94 -29.82
C ALA E 56 24.64 21.07 -29.29
N ALA E 57 24.49 22.12 -30.09
CA ALA E 57 23.66 23.29 -29.76
C ALA E 57 24.12 23.94 -28.45
N LEU E 58 25.35 24.45 -28.48
CA LEU E 58 25.90 25.14 -27.31
C LEU E 58 25.13 26.41 -27.00
N ASP E 59 24.76 27.17 -28.03
CA ASP E 59 24.00 28.40 -27.85
C ASP E 59 22.62 28.25 -28.47
N PRO E 60 21.55 28.33 -27.69
CA PRO E 60 20.21 28.04 -28.23
C PRO E 60 19.47 29.20 -28.87
N ARG E 61 19.99 30.44 -28.75
CA ARG E 61 19.43 31.63 -29.41
C ARG E 61 17.97 31.85 -28.98
N LEU E 62 17.81 32.16 -27.69
CA LEU E 62 16.49 32.34 -27.12
C LEU E 62 15.77 33.54 -27.71
N ARG E 63 14.45 33.46 -27.74
CA ARG E 63 13.61 34.55 -28.23
C ARG E 63 13.30 35.51 -27.09
N CYS E 64 13.43 36.81 -27.36
CA CYS E 64 13.36 37.81 -26.30
C CYS E 64 12.54 39.01 -26.75
N THR E 65 11.95 39.68 -25.75
CA THR E 65 11.29 40.97 -25.90
C THR E 65 11.65 41.83 -24.69
N GLU E 66 11.83 43.13 -24.92
CA GLU E 66 12.36 44.02 -23.89
C GLU E 66 11.51 45.29 -23.79
N VAL E 67 11.48 45.86 -22.59
CA VAL E 67 10.79 47.11 -22.30
C VAL E 67 11.70 47.95 -21.41
N ASP E 68 11.87 49.23 -21.78
CA ASP E 68 12.81 50.12 -21.08
C ASP E 68 12.12 50.81 -19.91
N GLY E 69 12.78 51.86 -19.38
CA GLY E 69 12.29 52.51 -18.18
C GLY E 69 10.99 53.26 -18.37
N ASN E 70 10.82 53.90 -19.53
CA ASN E 70 9.61 54.68 -19.79
C ASN E 70 8.43 53.84 -20.24
N GLY E 71 8.62 52.53 -20.39
CA GLY E 71 7.55 51.64 -20.81
C GLY E 71 7.42 51.44 -22.30
N ASN E 72 8.21 52.16 -23.10
CA ASN E 72 8.16 51.97 -24.55
C ASN E 72 8.80 50.65 -24.94
N VAL E 73 8.33 50.08 -26.05
CA VAL E 73 8.89 48.85 -26.58
C VAL E 73 10.21 49.20 -27.26
N ILE E 74 11.31 49.05 -26.54
CA ILE E 74 12.61 49.42 -27.11
C ILE E 74 13.09 48.34 -28.08
N MET E 75 12.54 47.14 -27.96
CA MET E 75 12.91 46.03 -28.83
C MET E 75 11.74 45.08 -28.94
N VAL E 76 11.51 44.57 -30.14
CA VAL E 76 10.38 43.71 -30.44
C VAL E 76 10.96 42.31 -30.54
N ASP E 77 10.12 41.29 -30.70
CA ASP E 77 10.49 39.88 -30.68
C ASP E 77 11.72 39.58 -31.52
N GLY E 78 12.81 39.15 -30.86
CA GLY E 78 14.07 38.95 -31.55
C GLY E 78 14.78 37.72 -31.00
N GLU E 79 15.94 37.44 -31.61
CA GLU E 79 16.74 36.27 -31.26
C GLU E 79 18.05 36.73 -30.64
N LEU E 80 18.26 36.38 -29.37
CA LEU E 80 19.47 36.73 -28.64
C LEU E 80 20.13 35.46 -28.11
N LYS E 81 21.46 35.41 -28.20
CA LYS E 81 22.20 34.27 -27.71
C LYS E 81 22.24 34.27 -26.18
N LYS E 82 22.54 33.11 -25.61
CA LYS E 82 22.64 32.99 -24.16
C LYS E 82 23.83 33.78 -23.62
N SER E 83 24.95 33.76 -24.35
CA SER E 83 26.14 34.49 -23.90
C SER E 83 25.90 36.00 -23.89
N GLU E 84 25.22 36.51 -24.92
CA GLU E 84 24.92 37.94 -24.96
C GLU E 84 23.98 38.34 -23.82
N LEU E 85 22.98 37.51 -23.53
CA LEU E 85 22.08 37.79 -22.43
C LEU E 85 22.81 37.79 -21.10
N ILE E 86 23.70 36.81 -20.90
CA ILE E 86 24.46 36.73 -19.66
C ILE E 86 25.38 37.94 -19.50
N ALA E 87 26.03 38.35 -20.60
CA ALA E 87 26.92 39.51 -20.55
C ALA E 87 26.15 40.80 -20.29
N LYS E 88 24.96 40.93 -20.90
CA LYS E 88 24.19 42.16 -20.74
C LYS E 88 23.61 42.27 -19.33
N TYR E 89 23.00 41.21 -18.83
CA TYR E 89 22.31 41.27 -17.54
C TYR E 89 23.20 40.89 -16.36
N GLY E 90 24.41 40.40 -16.61
CA GLY E 90 25.29 40.01 -15.52
C GLY E 90 24.77 38.86 -14.69
N LEU E 91 24.22 37.84 -15.34
CA LEU E 91 23.61 36.72 -14.64
C LEU E 91 24.65 35.63 -14.37
N LEU E 92 24.18 34.46 -13.95
CA LEU E 92 25.00 33.29 -13.73
C LEU E 92 24.39 32.11 -14.46
N PRO E 93 25.20 31.16 -14.94
CA PRO E 93 24.64 30.00 -15.64
C PRO E 93 23.71 29.16 -14.79
N ARG E 94 23.95 29.06 -13.48
CA ARG E 94 23.11 28.25 -12.61
C ARG E 94 21.70 28.83 -12.51
N ASP E 95 21.56 30.15 -12.41
CA ASP E 95 20.24 30.76 -12.33
C ASP E 95 19.45 30.55 -13.62
N LEU E 96 20.10 30.69 -14.77
CA LEU E 96 19.41 30.48 -16.03
C LEU E 96 19.06 29.01 -16.22
N ARG E 97 19.90 28.10 -15.75
CA ARG E 97 19.58 26.68 -15.79
C ARG E 97 18.39 26.35 -14.90
N LYS E 98 18.32 26.98 -13.73
CA LYS E 98 17.17 26.79 -12.85
C LYS E 98 15.90 27.34 -13.48
N ILE E 99 16.01 28.48 -14.18
CA ILE E 99 14.84 29.06 -14.83
C ILE E 99 14.36 28.18 -15.98
N ASP E 100 15.29 27.65 -16.77
CA ASP E 100 14.93 26.93 -18.00
C ASP E 100 14.16 25.65 -17.73
N SER E 101 14.18 25.13 -16.50
CA SER E 101 13.33 24.00 -16.16
C SER E 101 11.87 24.41 -16.17
N SER E 102 11.03 23.61 -16.83
CA SER E 102 9.63 23.94 -17.02
C SER E 102 8.72 23.10 -16.12
N ASN E 103 9.23 22.62 -14.99
CA ASN E 103 8.45 21.81 -14.06
C ASN E 103 8.26 22.46 -12.70
N LEU E 104 9.20 23.27 -12.24
CA LEU E 104 9.12 23.90 -10.92
C LEU E 104 9.14 25.41 -11.06
N PRO E 105 8.14 26.13 -10.56
CA PRO E 105 8.20 27.59 -10.58
C PRO E 105 9.26 28.11 -9.63
N HIS E 106 9.80 29.29 -9.96
CA HIS E 106 10.88 29.85 -9.16
C HIS E 106 10.78 31.36 -9.14
N ILE E 107 10.99 31.93 -7.96
CA ILE E 107 11.12 33.37 -7.77
C ILE E 107 12.45 33.60 -7.06
N LEU E 108 13.46 34.07 -7.80
CA LEU E 108 14.80 34.25 -7.28
C LEU E 108 15.13 35.73 -7.25
N VAL E 109 15.93 36.14 -6.26
CA VAL E 109 16.38 37.52 -6.12
C VAL E 109 17.90 37.53 -6.16
N ARG E 110 18.46 38.47 -6.90
CA ARG E 110 19.89 38.69 -7.02
C ARG E 110 20.14 40.18 -6.81
N PRO E 111 21.35 40.57 -6.36
CA PRO E 111 21.60 41.98 -5.98
C PRO E 111 21.33 43.02 -7.08
N SER E 112 21.04 42.59 -8.30
CA SER E 112 20.65 43.52 -9.35
C SER E 112 19.52 43.01 -10.23
N ALA E 113 18.82 41.95 -9.82
CA ALA E 113 17.80 41.38 -10.69
C ALA E 113 16.77 40.60 -9.88
N ILE E 114 15.60 40.43 -10.49
CA ILE E 114 14.57 39.52 -10.01
C ILE E 114 14.23 38.57 -11.14
N LEU E 115 14.24 37.27 -10.86
CA LEU E 115 14.06 36.23 -11.86
C LEU E 115 12.78 35.48 -11.55
N ILE E 116 11.88 35.40 -12.52
CA ILE E 116 10.58 34.76 -12.33
C ILE E 116 10.38 33.71 -13.42
N ASN E 117 10.11 32.47 -13.00
CA ASN E 117 9.73 31.37 -13.88
C ASN E 117 8.46 30.78 -13.30
N LEU E 118 7.33 31.37 -13.66
CA LEU E 118 6.00 30.93 -13.29
C LEU E 118 5.43 30.04 -14.39
N LEU E 119 4.11 29.84 -14.39
CA LEU E 119 3.45 28.90 -15.29
C LEU E 119 3.78 29.15 -16.76
N HIS E 120 3.61 30.40 -17.22
CA HIS E 120 3.86 30.71 -18.62
C HIS E 120 4.70 31.97 -18.81
N LEU E 121 5.42 32.42 -17.79
CA LEU E 121 6.20 33.64 -17.85
C LEU E 121 7.64 33.36 -17.46
N LYS E 122 8.58 33.82 -18.29
CA LYS E 122 10.01 33.79 -17.99
C LYS E 122 10.49 35.24 -18.05
N VAL E 123 10.53 35.87 -16.88
CA VAL E 123 10.67 37.33 -16.77
C VAL E 123 11.92 37.66 -15.97
N LEU E 124 12.69 38.62 -16.49
CA LEU E 124 13.83 39.20 -15.79
C LEU E 124 13.51 40.67 -15.54
N ILE E 125 13.40 41.05 -14.28
CA ILE E 125 13.07 42.42 -13.88
C ILE E 125 14.30 43.07 -13.28
N LYS E 126 14.65 44.24 -13.82
CA LYS E 126 15.71 45.07 -13.26
C LYS E 126 15.11 46.39 -12.81
N HIS E 127 15.95 47.28 -12.31
CA HIS E 127 15.46 48.58 -11.87
C HIS E 127 15.17 49.52 -13.02
N ASP E 128 15.53 49.15 -14.25
CA ASP E 128 15.30 50.03 -15.40
C ASP E 128 14.67 49.28 -16.57
N ARG E 129 14.90 47.98 -16.67
CA ARG E 129 14.46 47.20 -17.83
C ARG E 129 13.66 45.99 -17.39
N VAL E 130 12.78 45.53 -18.28
CA VAL E 130 12.03 44.29 -18.09
C VAL E 130 12.17 43.45 -19.36
N LEU E 131 12.56 42.19 -19.20
CA LEU E 131 12.76 41.29 -20.33
C LEU E 131 11.87 40.07 -20.16
N LEU E 132 11.18 39.69 -21.24
CA LEU E 132 10.40 38.45 -21.27
C LEU E 132 10.99 37.56 -22.36
N PHE E 133 11.37 36.34 -22.01
CA PHE E 133 12.05 35.48 -22.96
C PHE E 133 11.42 34.09 -22.98
N ASP E 134 11.74 33.36 -24.05
CA ASP E 134 11.20 32.03 -24.30
C ASP E 134 12.15 31.29 -25.23
N VAL E 135 11.80 30.03 -25.52
CA VAL E 135 12.66 29.19 -26.35
C VAL E 135 12.60 29.64 -27.81
N TYR E 136 13.61 29.23 -28.58
CA TYR E 136 13.68 29.57 -29.98
C TYR E 136 12.60 28.84 -30.78
N GLY E 137 11.96 29.56 -31.69
CA GLY E 137 10.92 29.01 -32.53
C GLY E 137 9.52 29.09 -31.97
N SER E 138 9.37 29.50 -30.72
CA SER E 138 8.05 29.61 -30.12
C SER E 138 7.35 30.88 -30.59
N THR E 139 6.02 30.84 -30.57
CA THR E 139 5.20 31.97 -30.98
C THR E 139 4.48 32.55 -29.77
N SER E 140 4.30 33.87 -29.77
CA SER E 140 3.65 34.54 -28.66
C SER E 140 2.17 34.17 -28.60
N SER E 141 1.70 33.80 -27.42
CA SER E 141 0.32 33.41 -27.22
C SER E 141 -0.52 34.61 -26.76
N TYR E 142 -1.83 34.38 -26.64
CA TYR E 142 -2.73 35.43 -26.15
C TYR E 142 -2.46 35.84 -24.71
N PRO E 143 -2.25 34.93 -23.73
CA PRO E 143 -1.93 35.41 -22.38
C PRO E 143 -0.65 36.22 -22.30
N GLN E 144 0.37 35.86 -23.10
CA GLN E 144 1.62 36.63 -23.08
C GLN E 144 1.41 38.03 -23.66
N SER E 145 0.62 38.15 -24.73
CA SER E 145 0.32 39.46 -25.29
C SER E 145 -0.50 40.30 -24.32
N ALA E 146 -1.47 39.67 -23.65
CA ALA E 146 -2.27 40.39 -22.65
C ALA E 146 -1.40 40.86 -21.49
N PHE E 147 -0.47 40.02 -21.03
CA PHE E 147 0.44 40.43 -19.98
C PHE E 147 1.34 41.57 -20.43
N MET E 148 1.82 41.52 -21.68
CA MET E 148 2.65 42.61 -22.19
C MET E 148 1.89 43.92 -22.26
N TYR E 149 0.64 43.87 -22.73
CA TYR E 149 -0.19 45.07 -22.80
C TYR E 149 -0.48 45.61 -21.41
N ASP E 150 -0.79 44.74 -20.45
CA ASP E 150 -1.05 45.20 -19.08
C ASP E 150 0.20 45.79 -18.44
N LEU E 151 1.36 45.19 -18.68
CA LEU E 151 2.60 45.73 -18.14
C LEU E 151 2.92 47.09 -18.75
N GLN E 152 2.70 47.23 -20.06
CA GLN E 152 2.91 48.53 -20.70
C GLN E 152 1.98 49.59 -20.13
N GLY E 153 0.70 49.23 -19.93
CA GLY E 153 -0.25 50.18 -19.37
C GLY E 153 0.08 50.58 -17.94
N LYS E 154 0.55 49.62 -17.14
CA LYS E 154 0.87 49.94 -15.75
C LYS E 154 2.17 50.75 -15.65
N LEU E 155 3.15 50.45 -16.50
CA LEU E 155 4.42 51.17 -16.43
C LEU E 155 4.35 52.55 -17.05
N GLN E 156 3.49 52.74 -18.05
CA GLN E 156 3.37 54.05 -18.69
C GLN E 156 2.71 55.06 -17.75
N GLN E 157 1.91 54.60 -16.80
CA GLN E 157 1.26 55.49 -15.85
C GLN E 157 2.26 56.06 -14.84
N SER E 165 2.64 55.90 -3.88
CA SER E 165 3.40 55.61 -5.08
C SER E 165 4.14 54.28 -4.96
N LEU E 166 4.35 53.61 -6.10
CA LEU E 166 5.05 52.34 -6.12
C LEU E 166 6.17 52.37 -7.14
N PRO E 167 7.31 51.74 -6.84
CA PRO E 167 8.42 51.71 -7.79
C PRO E 167 8.17 50.86 -9.03
N TYR E 168 9.20 50.76 -9.87
CA TYR E 168 9.08 50.07 -11.15
C TYR E 168 8.95 48.56 -10.96
N GLU E 169 9.82 47.97 -10.14
CA GLU E 169 9.87 46.52 -9.97
C GLU E 169 8.61 46.01 -9.27
N PHE E 170 8.08 46.78 -8.33
CA PHE E 170 6.85 46.36 -7.64
C PHE E 170 5.66 46.37 -8.59
N ARG E 171 5.61 47.34 -9.50
CA ARG E 171 4.54 47.36 -10.50
C ARG E 171 4.67 46.18 -11.46
N ALA E 172 5.90 45.86 -11.87
CA ALA E 172 6.09 44.68 -12.72
C ALA E 172 5.68 43.40 -12.02
N LEU E 173 6.05 43.26 -10.74
CA LEU E 173 5.67 42.07 -9.97
C LEU E 173 4.16 41.99 -9.79
N GLU E 174 3.51 43.13 -9.58
CA GLU E 174 2.05 43.16 -9.46
C GLU E 174 1.39 42.68 -10.76
N ALA E 175 1.90 43.15 -11.90
CA ALA E 175 1.34 42.73 -13.18
C ALA E 175 1.53 41.23 -13.40
N VAL E 176 2.71 40.70 -13.06
CA VAL E 176 2.97 39.28 -13.24
C VAL E 176 2.03 38.45 -12.36
N LEU E 177 1.89 38.84 -11.10
CA LEU E 177 1.03 38.09 -10.18
C LEU E 177 -0.44 38.16 -10.60
N MET E 178 -0.88 39.32 -11.09
CA MET E 178 -2.26 39.45 -11.57
C MET E 178 -2.52 38.53 -12.75
N SER E 179 -1.58 38.49 -13.71
CA SER E 179 -1.76 37.61 -14.87
C SER E 179 -1.79 36.14 -14.45
N VAL E 180 -0.90 35.75 -13.53
CA VAL E 180 -0.85 34.36 -13.10
C VAL E 180 -2.15 33.96 -12.38
N THR E 181 -2.65 34.82 -11.50
CA THR E 181 -3.89 34.50 -10.78
C THR E 181 -5.08 34.44 -11.73
N ALA E 182 -5.14 35.34 -12.71
CA ALA E 182 -6.24 35.30 -13.68
C ALA E 182 -6.21 34.01 -14.49
N GLU E 183 -5.01 33.59 -14.93
CA GLU E 183 -4.90 32.34 -15.68
C GLU E 183 -5.28 31.14 -14.82
N LEU E 184 -4.89 31.14 -13.54
CA LEU E 184 -5.25 30.05 -12.64
C LEU E 184 -6.76 29.94 -12.47
N GLU E 185 -7.43 31.09 -12.28
CA GLU E 185 -8.88 31.06 -12.11
C GLU E 185 -9.59 30.59 -13.38
N ALA E 186 -9.13 31.05 -14.54
CA ALA E 186 -9.74 30.61 -15.80
C ALA E 186 -9.57 29.12 -16.02
N ASP E 187 -8.36 28.59 -15.74
CA ASP E 187 -8.13 27.16 -15.88
C ASP E 187 -8.99 26.36 -14.91
N PHE E 188 -9.15 26.85 -13.68
CA PHE E 188 -9.99 26.15 -12.71
C PHE E 188 -11.44 26.09 -13.17
N GLU E 189 -11.98 27.21 -13.68
CA GLU E 189 -13.37 27.19 -14.16
C GLU E 189 -13.54 26.24 -15.34
N ALA E 190 -12.59 26.27 -16.29
CA ALA E 190 -12.68 25.41 -17.46
C ALA E 190 -12.59 23.93 -17.07
N VAL E 191 -11.79 23.61 -16.06
CA VAL E 191 -11.72 22.23 -15.58
C VAL E 191 -13.00 21.85 -14.84
N ARG E 192 -13.56 22.78 -14.06
CA ARG E 192 -14.64 22.43 -13.14
C ARG E 192 -15.96 22.22 -13.86
N ASP E 193 -16.22 22.97 -14.93
CA ASP E 193 -17.55 22.91 -15.56
C ASP E 193 -17.96 21.52 -16.07
N PRO E 194 -17.14 20.77 -16.84
CA PRO E 194 -17.62 19.45 -17.32
C PRO E 194 -17.91 18.45 -16.22
N VAL E 195 -17.19 18.52 -15.09
CA VAL E 195 -17.46 17.60 -13.98
C VAL E 195 -18.84 17.88 -13.41
N ILE E 196 -19.20 19.16 -13.27
CA ILE E 196 -20.53 19.52 -12.79
C ILE E 196 -21.60 19.04 -13.77
N ARG E 197 -21.35 19.18 -15.07
CA ARG E 197 -22.33 18.71 -16.06
C ARG E 197 -22.51 17.19 -15.98
N ILE E 198 -21.41 16.45 -15.84
CA ILE E 198 -21.49 14.99 -15.77
C ILE E 198 -22.21 14.55 -14.49
N LEU E 199 -21.91 15.20 -13.37
CA LEU E 199 -22.58 14.86 -12.12
C LEU E 199 -24.07 15.19 -12.17
N SER E 200 -24.43 16.25 -12.89
CA SER E 200 -25.84 16.56 -13.09
C SER E 200 -26.52 15.49 -13.94
N GLU E 201 -25.84 15.01 -14.99
CA GLU E 201 -26.45 13.99 -15.83
C GLU E 201 -26.54 12.65 -15.13
N LEU E 202 -25.63 12.37 -14.19
CA LEU E 202 -25.61 11.06 -13.53
C LEU E 202 -26.69 10.91 -12.47
N GLU E 203 -27.42 11.97 -12.13
CA GLU E 203 -28.41 11.88 -11.07
C GLU E 203 -29.63 11.07 -11.50
N ASP E 204 -29.84 10.91 -12.81
CA ASP E 204 -31.02 10.18 -13.28
C ASP E 204 -30.77 8.68 -13.33
N ASP E 205 -29.73 8.25 -14.04
CA ASP E 205 -29.43 6.84 -14.21
C ASP E 205 -27.95 6.59 -13.99
N ILE E 206 -27.62 5.35 -13.65
CA ILE E 206 -26.24 4.95 -13.35
C ILE E 206 -25.75 4.06 -14.49
N ASP E 207 -24.58 4.41 -15.04
CA ASP E 207 -24.01 3.66 -16.15
C ASP E 207 -22.50 3.65 -15.99
N ARG E 208 -21.86 2.59 -16.51
CA ARG E 208 -20.43 2.40 -16.31
C ARG E 208 -19.61 3.39 -17.12
N GLU E 209 -20.09 3.75 -18.31
CA GLU E 209 -19.39 4.73 -19.14
C GLU E 209 -19.31 6.09 -18.46
N LYS E 210 -20.40 6.48 -17.79
CA LYS E 210 -20.39 7.73 -17.03
C LYS E 210 -19.39 7.67 -15.88
N LEU E 211 -19.26 6.50 -15.24
CA LEU E 211 -18.25 6.35 -14.20
C LEU E 211 -16.84 6.48 -14.75
N ARG E 212 -16.60 5.92 -15.94
CA ARG E 212 -15.30 6.06 -16.59
C ARG E 212 -15.00 7.51 -16.91
N ILE E 213 -15.99 8.24 -17.44
CA ILE E 213 -15.81 9.66 -17.74
C ILE E 213 -15.53 10.44 -16.47
N LEU E 214 -16.23 10.10 -15.38
CA LEU E 214 -16.01 10.76 -14.10
C LEU E 214 -14.60 10.55 -13.59
N LEU E 215 -14.07 9.33 -13.70
CA LEU E 215 -12.70 9.07 -13.29
C LEU E 215 -11.71 9.83 -14.17
N VAL E 216 -11.96 9.88 -15.47
CA VAL E 216 -11.08 10.61 -16.39
C VAL E 216 -11.02 12.08 -16.03
N LEU E 217 -12.17 12.68 -15.71
CA LEU E 217 -12.19 14.08 -15.32
C LEU E 217 -11.54 14.30 -13.95
N SER E 218 -11.72 13.34 -13.04
CA SER E 218 -11.12 13.46 -11.72
C SER E 218 -9.59 13.47 -11.79
N LYS E 219 -9.02 12.72 -12.73
CA LYS E 219 -7.58 12.75 -12.92
C LYS E 219 -7.10 14.16 -13.29
N ARG E 220 -7.81 14.83 -14.20
CA ARG E 220 -7.45 16.19 -14.60
C ARG E 220 -7.61 17.17 -13.45
N VAL E 221 -8.67 17.00 -12.64
CA VAL E 221 -8.85 17.87 -11.47
C VAL E 221 -7.69 17.69 -10.49
N SER E 222 -7.25 16.44 -10.28
CA SER E 222 -6.12 16.20 -9.40
C SER E 222 -4.84 16.83 -9.94
N THR E 223 -4.62 16.75 -11.25
CA THR E 223 -3.44 17.37 -11.85
C THR E 223 -3.44 18.89 -11.66
N PHE E 224 -4.59 19.52 -11.89
CA PHE E 224 -4.67 20.97 -11.70
C PHE E 224 -4.48 21.35 -10.24
N GLU E 225 -5.02 20.54 -9.32
CA GLU E 225 -4.82 20.79 -7.90
C GLU E 225 -3.34 20.73 -7.53
N GLN E 226 -2.62 19.75 -8.07
CA GLN E 226 -1.18 19.65 -7.82
C GLN E 226 -0.43 20.87 -8.36
N LYS E 227 -0.79 21.33 -9.56
CA LYS E 227 -0.13 22.50 -10.14
C LYS E 227 -0.37 23.75 -9.30
N ALA E 228 -1.62 23.97 -8.88
CA ALA E 228 -1.94 25.13 -8.05
C ALA E 228 -1.23 25.06 -6.70
N LYS E 229 -1.15 23.86 -6.13
CA LYS E 229 -0.43 23.69 -4.86
C LYS E 229 1.04 24.03 -5.02
N LEU E 230 1.65 23.62 -6.14
CA LEU E 230 3.05 23.95 -6.38
C LEU E 230 3.26 25.46 -6.48
N VAL E 231 2.37 26.15 -7.19
CA VAL E 231 2.50 27.60 -7.31
C VAL E 231 2.34 28.28 -5.96
N ARG E 232 1.35 27.85 -5.17
CA ARG E 232 1.14 28.44 -3.85
C ARG E 232 2.33 28.20 -2.92
N ASP E 233 2.92 27.00 -2.99
CA ASP E 233 4.08 26.70 -2.15
C ASP E 233 5.28 27.56 -2.54
N ALA E 234 5.45 27.85 -3.83
CA ALA E 234 6.53 28.73 -4.25
C ALA E 234 6.36 30.14 -3.66
N ILE E 235 5.14 30.68 -3.73
CA ILE E 235 4.88 32.01 -3.18
C ILE E 235 5.07 32.01 -1.66
N GLU E 236 4.62 30.95 -0.99
CA GLU E 236 4.79 30.86 0.46
C GLU E 236 6.26 30.78 0.86
N GLU E 237 7.06 30.00 0.11
CA GLU E 237 8.48 29.88 0.41
C GLU E 237 9.20 31.21 0.17
N LEU E 238 8.77 31.96 -0.83
CA LEU E 238 9.32 33.32 -0.99
C LEU E 238 8.92 34.22 0.16
N LEU E 239 7.68 34.09 0.65
CA LEU E 239 7.21 34.94 1.74
C LEU E 239 7.93 34.66 3.06
N GLU E 240 8.27 33.39 3.30
CA GLU E 240 8.86 33.02 4.59
C GLU E 240 10.26 33.60 4.76
N ALA E 241 11.00 33.78 3.67
CA ALA E 241 12.35 34.34 3.77
C ALA E 241 12.30 35.81 4.17
N ASP E 242 13.32 36.24 4.93
CA ASP E 242 13.39 37.60 5.44
C ASP E 242 14.41 38.47 4.70
N ASP E 243 15.58 37.92 4.40
CA ASP E 243 16.61 38.72 3.72
C ASP E 243 16.26 38.97 2.26
N ASP E 244 15.50 38.07 1.64
CA ASP E 244 15.09 38.25 0.26
C ASP E 244 14.17 39.45 0.12
N LEU E 245 13.25 39.63 1.09
CA LEU E 245 12.35 40.77 1.06
C LEU E 245 13.12 42.08 1.23
N ALA E 246 14.21 42.05 2.00
CA ALA E 246 15.06 43.23 2.12
C ALA E 246 15.84 43.48 0.84
N ALA E 247 16.25 42.42 0.16
CA ALA E 247 17.01 42.53 -1.08
C ALA E 247 16.14 42.80 -2.29
N MET E 248 14.81 42.80 -2.14
CA MET E 248 13.91 43.07 -3.25
C MET E 248 13.81 44.56 -3.59
N TYR E 249 14.50 45.43 -2.85
CA TYR E 249 14.48 46.87 -3.10
C TYR E 249 15.67 47.21 -3.98
N LEU E 250 15.39 47.58 -5.24
CA LEU E 250 16.46 47.85 -6.19
C LEU E 250 16.69 49.35 -6.37
N THR E 251 15.61 50.13 -6.41
CA THR E 251 15.73 51.58 -6.60
C THR E 251 16.47 52.22 -5.43
N GLU E 252 16.15 51.79 -4.20
CA GLU E 252 16.89 52.28 -3.04
C GLU E 252 18.33 51.76 -3.04
N LYS E 253 18.57 50.59 -3.62
CA LYS E 253 19.92 50.06 -3.72
C LYS E 253 20.77 50.89 -4.67
N THR E 254 20.16 51.44 -5.74
CA THR E 254 20.91 52.31 -6.65
C THR E 254 21.35 53.59 -5.95
N HIS E 255 20.52 54.12 -5.06
CA HIS E 255 20.83 55.35 -4.33
C HIS E 255 21.61 55.08 -3.04
N ASP E 256 22.18 53.88 -2.90
CA ASP E 256 22.98 53.49 -1.73
C ASP E 256 22.18 53.57 -0.42
N LEU E 257 20.92 53.17 -0.46
CA LEU E 257 20.09 53.05 0.74
C LEU E 257 19.72 51.60 0.97
N TYR E 258 19.94 51.10 2.18
CA TYR E 258 19.66 49.72 2.53
C TYR E 258 18.52 49.67 3.52
N ARG E 259 17.51 48.84 3.23
CA ARG E 259 16.31 48.80 4.06
C ARG E 259 16.58 48.11 5.40
N GLY E 260 17.41 47.08 5.40
CA GLY E 260 17.64 46.30 6.61
C GLY E 260 16.67 45.14 6.73
N GLU E 261 16.91 44.31 7.73
CA GLU E 261 16.15 43.08 7.92
C GLU E 261 14.89 43.30 8.76
N ASP E 262 14.60 44.53 9.15
CA ASP E 262 13.44 44.82 9.98
C ASP E 262 12.45 45.77 9.32
N ASP E 263 12.69 46.17 8.07
CA ASP E 263 11.84 47.13 7.36
C ASP E 263 11.47 46.57 5.99
N HIS E 264 10.37 45.82 5.95
CA HIS E 264 9.77 45.36 4.71
C HIS E 264 8.26 45.23 4.87
N THR E 265 7.52 46.26 4.45
CA THR E 265 6.08 46.29 4.68
C THR E 265 5.29 46.08 3.40
N GLU E 266 5.68 46.77 2.32
CA GLU E 266 4.92 46.73 1.08
C GLU E 266 4.96 45.35 0.41
N VAL E 267 6.11 44.70 0.40
CA VAL E 267 6.26 43.42 -0.28
C VAL E 267 5.45 42.32 0.40
N GLU E 268 5.40 42.34 1.73
CA GLU E 268 4.69 41.29 2.46
C GLU E 268 3.20 41.32 2.17
N LEU E 269 2.59 42.52 2.24
CA LEU E 269 1.18 42.66 1.93
C LEU E 269 0.90 42.30 0.47
N LEU E 270 1.77 42.75 -0.43
CA LEU E 270 1.58 42.49 -1.86
C LEU E 270 1.62 40.99 -2.16
N LEU E 271 2.50 40.25 -1.49
CA LEU E 271 2.56 38.81 -1.74
C LEU E 271 1.42 38.06 -1.04
N GLU E 272 1.01 38.52 0.15
CA GLU E 272 -0.09 37.86 0.86
C GLU E 272 -1.41 38.00 0.11
N SER E 273 -1.62 39.16 -0.53
CA SER E 273 -2.87 39.41 -1.23
C SER E 273 -3.10 38.47 -2.40
N TYR E 274 -2.06 37.79 -2.89
CA TYR E 274 -2.21 36.79 -3.93
C TYR E 274 -2.02 35.37 -3.41
N HIS E 275 -1.28 35.21 -2.31
CA HIS E 275 -1.20 33.91 -1.65
C HIS E 275 -2.58 33.45 -1.19
N LYS E 276 -3.39 34.38 -0.68
CA LYS E 276 -4.75 34.02 -0.28
C LYS E 276 -5.58 33.55 -1.48
N LEU E 277 -5.43 34.23 -2.63
CA LEU E 277 -6.17 33.87 -3.82
C LEU E 277 -5.77 32.49 -4.33
N CYS E 278 -4.49 32.13 -4.21
CA CYS E 278 -4.07 30.78 -4.58
C CYS E 278 -4.63 29.74 -3.62
N ASP E 279 -4.63 30.05 -2.31
CA ASP E 279 -5.10 29.10 -1.31
C ASP E 279 -6.58 28.76 -1.51
N GLU E 280 -7.39 29.76 -1.88
CA GLU E 280 -8.81 29.51 -2.11
C GLU E 280 -9.03 28.49 -3.22
N VAL E 281 -8.28 28.63 -4.32
CA VAL E 281 -8.42 27.71 -5.46
C VAL E 281 -7.99 26.30 -5.06
N VAL E 282 -6.91 26.20 -4.29
CA VAL E 282 -6.45 24.88 -3.84
C VAL E 282 -7.52 24.19 -2.99
N GLN E 283 -8.13 24.94 -2.07
CA GLN E 283 -9.17 24.36 -1.21
C GLN E 283 -10.37 23.90 -2.03
N GLU E 284 -10.78 24.71 -3.01
CA GLU E 284 -11.93 24.34 -3.83
C GLU E 284 -11.67 23.08 -4.65
N ALA E 285 -10.45 22.96 -5.19
CA ALA E 285 -10.09 21.76 -5.94
C ALA E 285 -10.12 20.52 -5.06
N SER E 286 -9.61 20.64 -3.82
CA SER E 286 -9.64 19.49 -2.90
C SER E 286 -11.08 19.07 -2.58
N ASN E 287 -11.97 20.05 -2.37
CA ASN E 287 -13.37 19.73 -2.10
C ASN E 287 -14.01 19.00 -3.27
N LEU E 288 -13.73 19.46 -4.50
CA LEU E 288 -14.28 18.79 -5.68
C LEU E 288 -13.79 17.35 -5.79
N VAL E 289 -12.51 17.12 -5.50
CA VAL E 289 -11.97 15.75 -5.56
C VAL E 289 -12.68 14.85 -4.55
N SER E 290 -12.90 15.34 -3.33
CA SER E 290 -13.58 14.54 -2.31
C SER E 290 -15.00 14.19 -2.73
N SER E 291 -15.73 15.16 -3.30
CA SER E 291 -17.09 14.89 -3.75
C SER E 291 -17.12 13.82 -4.86
N ILE E 292 -16.17 13.90 -5.79
CA ILE E 292 -16.10 12.91 -6.86
C ILE E 292 -15.88 11.51 -6.30
N ARG E 293 -14.96 11.39 -5.32
CA ARG E 293 -14.69 10.08 -4.71
C ARG E 293 -15.93 9.51 -4.03
N ASN E 294 -16.67 10.35 -3.29
CA ASN E 294 -17.88 9.87 -2.64
C ASN E 294 -18.92 9.37 -3.64
N THR E 295 -19.10 10.11 -4.74
CA THR E 295 -20.06 9.69 -5.77
C THR E 295 -19.66 8.34 -6.37
N GLU E 296 -18.37 8.14 -6.63
CA GLU E 296 -17.90 6.88 -7.18
C GLU E 296 -18.19 5.71 -6.23
N GLU E 297 -17.97 5.91 -4.93
CA GLU E 297 -18.26 4.85 -3.96
C GLU E 297 -19.73 4.48 -3.95
N ILE E 298 -20.61 5.50 -3.98
CA ILE E 298 -22.05 5.23 -3.99
C ILE E 298 -22.46 4.42 -5.22
N ILE E 299 -21.90 4.78 -6.39
CA ILE E 299 -22.23 4.08 -7.63
C ILE E 299 -21.81 2.61 -7.55
N ARG E 300 -20.61 2.35 -7.00
CA ARG E 300 -20.15 0.97 -6.90
C ARG E 300 -21.06 0.14 -5.98
N ALA E 301 -21.50 0.72 -4.86
CA ALA E 301 -22.41 -0.01 -3.97
C ALA E 301 -23.72 -0.35 -4.66
N ILE E 302 -24.26 0.61 -5.43
CA ILE E 302 -25.51 0.37 -6.15
C ILE E 302 -25.35 -0.78 -7.14
N LEU E 303 -24.22 -0.81 -7.86
CA LEU E 303 -24.00 -1.88 -8.83
C LEU E 303 -23.93 -3.24 -8.17
N ASP E 304 -23.27 -3.33 -7.01
CA ASP E 304 -23.20 -4.61 -6.30
C ASP E 304 -24.60 -5.09 -5.88
N ALA E 305 -25.43 -4.17 -5.37
CA ALA E 305 -26.79 -4.55 -4.99
C ALA E 305 -27.58 -5.07 -6.19
N ASN E 306 -27.42 -4.43 -7.35
CA ASN E 306 -28.10 -4.88 -8.56
C ASN E 306 -27.70 -6.30 -8.94
N ARG E 307 -26.40 -6.60 -8.84
CA ARG E 307 -25.93 -7.95 -9.18
C ARG E 307 -26.56 -9.00 -8.26
N ASN E 308 -26.62 -8.70 -6.95
CA ASN E 308 -27.23 -9.65 -6.02
C ASN E 308 -28.71 -9.89 -6.35
N SER E 309 -29.44 -8.82 -6.69
CA SER E 309 -30.85 -8.97 -7.04
C SER E 309 -31.02 -9.84 -8.28
N LEU E 310 -30.14 -9.67 -9.27
CA LEU E 310 -30.22 -10.51 -10.47
C LEU E 310 -30.00 -11.98 -10.15
N MET E 311 -29.05 -12.28 -9.26
CA MET E 311 -28.83 -13.67 -8.87
C MET E 311 -30.06 -14.27 -8.20
N LEU E 312 -30.71 -13.50 -7.31
CA LEU E 312 -31.92 -14.00 -6.66
C LEU E 312 -33.03 -14.28 -7.67
N LEU E 313 -33.19 -13.40 -8.66
CA LEU E 313 -34.20 -13.61 -9.69
C LEU E 313 -33.93 -14.90 -10.48
N ASP E 314 -32.66 -15.16 -10.80
CA ASP E 314 -32.33 -16.40 -11.51
C ASP E 314 -32.69 -17.63 -10.68
N LEU E 315 -32.42 -17.58 -9.37
CA LEU E 315 -32.80 -18.71 -8.51
C LEU E 315 -34.31 -18.93 -8.51
N LYS E 316 -35.09 -17.86 -8.46
CA LYS E 316 -36.55 -18.01 -8.48
C LYS E 316 -37.04 -18.62 -9.80
N PHE E 317 -36.42 -18.23 -10.91
CA PHE E 317 -36.78 -18.83 -12.20
C PHE E 317 -36.47 -20.33 -12.22
N SER E 318 -35.35 -20.74 -11.64
CA SER E 318 -35.04 -22.17 -11.57
C SER E 318 -36.08 -22.93 -10.76
N ILE E 319 -36.52 -22.35 -9.63
CA ILE E 319 -37.55 -23.00 -8.82
C ILE E 319 -38.85 -23.18 -9.63
N GLY E 320 -39.24 -22.13 -10.37
CA GLY E 320 -40.43 -22.25 -11.20
C GLY E 320 -40.32 -23.33 -12.26
N THR E 321 -39.14 -23.44 -12.89
CA THR E 321 -38.92 -24.47 -13.90
C THR E 321 -39.09 -25.86 -13.31
N LEU E 322 -38.50 -26.10 -12.12
CA LEU E 322 -38.66 -27.41 -11.48
C LEU E 322 -40.12 -27.69 -11.14
N GLY E 323 -40.84 -26.67 -10.65
CA GLY E 323 -42.24 -26.84 -10.31
C GLY E 323 -43.10 -27.24 -11.50
N LEU E 324 -42.82 -26.67 -12.67
CA LEU E 324 -43.56 -27.09 -13.86
C LEU E 324 -43.13 -28.47 -14.33
N ALA E 325 -41.84 -28.80 -14.17
CA ALA E 325 -41.34 -30.09 -14.65
C ALA E 325 -41.98 -31.26 -13.91
N MET E 326 -42.26 -31.08 -12.61
CA MET E 326 -42.89 -32.17 -11.86
C MET E 326 -44.28 -32.51 -12.39
N GLY E 327 -45.09 -31.48 -12.66
CA GLY E 327 -46.40 -31.72 -13.21
C GLY E 327 -46.36 -32.27 -14.62
N THR E 328 -45.37 -31.85 -15.42
CA THR E 328 -45.20 -32.43 -16.74
C THR E 328 -44.87 -33.92 -16.64
N PHE E 329 -44.05 -34.31 -15.67
CA PHE E 329 -43.76 -35.73 -15.45
C PHE E 329 -45.01 -36.51 -15.10
N LEU E 330 -45.85 -35.96 -14.22
CA LEU E 330 -47.07 -36.69 -13.84
C LEU E 330 -48.03 -36.85 -15.02
N ALA E 331 -48.19 -35.80 -15.83
CA ALA E 331 -49.02 -35.92 -17.02
C ALA E 331 -48.47 -36.95 -18.00
N GLY E 332 -47.14 -37.00 -18.14
CA GLY E 332 -46.52 -38.02 -18.98
C GLY E 332 -46.76 -39.43 -18.48
N LEU E 333 -46.82 -39.60 -17.15
CA LEU E 333 -47.10 -40.92 -16.59
C LEU E 333 -48.49 -41.41 -16.98
N TYR E 334 -49.49 -40.54 -16.93
CA TYR E 334 -50.84 -40.93 -17.31
C TYR E 334 -51.10 -40.82 -18.81
N GLY E 335 -50.14 -40.36 -19.59
CA GLY E 335 -50.26 -40.33 -21.03
C GLY E 335 -49.82 -41.59 -21.75
N MET E 336 -49.52 -42.67 -21.04
CA MET E 336 -48.97 -43.86 -21.67
C MET E 336 -50.06 -44.70 -22.32
N ASN E 337 -49.64 -45.60 -23.22
CA ASN E 337 -50.55 -46.50 -23.94
C ASN E 337 -50.66 -47.84 -23.22
N LEU E 338 -51.18 -47.78 -21.99
CA LEU E 338 -51.42 -48.97 -21.18
C LEU E 338 -52.81 -48.87 -20.56
N GLU E 339 -53.11 -49.79 -19.65
CA GLU E 339 -54.40 -49.82 -18.99
C GLU E 339 -54.38 -48.95 -17.74
N ASN E 340 -55.19 -47.89 -17.73
CA ASN E 340 -55.23 -46.97 -16.61
C ASN E 340 -56.28 -47.33 -15.57
N PHE E 341 -57.23 -48.20 -15.92
CA PHE E 341 -58.32 -48.72 -15.10
C PHE E 341 -59.35 -47.66 -14.72
N ILE E 342 -59.17 -46.40 -15.11
CA ILE E 342 -60.13 -45.34 -14.84
C ILE E 342 -60.63 -44.70 -16.14
N GLU E 343 -60.42 -45.37 -17.27
CA GLU E 343 -60.89 -44.87 -18.54
C GLU E 343 -62.41 -44.94 -18.61
N GLU E 344 -63.00 -44.08 -19.46
CA GLU E 344 -64.44 -43.97 -19.65
C GLU E 344 -65.17 -43.59 -18.36
N THR E 345 -64.50 -42.82 -17.50
CA THR E 345 -65.08 -42.30 -16.28
C THR E 345 -65.03 -40.78 -16.29
N ASN E 346 -66.05 -40.15 -15.68
CA ASN E 346 -66.18 -38.71 -15.75
C ASN E 346 -65.20 -37.99 -14.83
N TRP E 347 -64.84 -38.60 -13.69
CA TRP E 347 -64.05 -37.91 -12.68
C TRP E 347 -62.54 -38.03 -12.90
N GLY E 348 -62.10 -38.89 -13.82
CA GLY E 348 -60.68 -39.14 -13.96
C GLY E 348 -59.89 -37.93 -14.44
N PHE E 349 -60.42 -37.23 -15.45
CA PHE E 349 -59.71 -36.08 -16.00
C PHE E 349 -59.54 -34.98 -14.97
N GLY E 350 -60.63 -34.62 -14.29
CA GLY E 350 -60.55 -33.60 -13.26
C GLY E 350 -59.68 -34.02 -12.09
N ALA E 351 -59.75 -35.30 -11.71
CA ALA E 351 -58.94 -35.79 -10.59
C ALA E 351 -57.45 -35.67 -10.90
N ILE E 352 -57.03 -36.14 -12.09
CA ILE E 352 -55.62 -36.10 -12.43
C ILE E 352 -55.14 -34.67 -12.63
N THR E 353 -55.98 -33.82 -13.24
CA THR E 353 -55.60 -32.42 -13.43
C THR E 353 -55.41 -31.71 -12.08
N GLY E 354 -56.35 -31.92 -11.16
CA GLY E 354 -56.22 -31.32 -9.84
C GLY E 354 -55.03 -31.84 -9.07
N LEU E 355 -54.76 -33.14 -9.17
CA LEU E 355 -53.61 -33.72 -8.47
C LEU E 355 -52.30 -33.16 -9.00
N SER E 356 -52.16 -33.07 -10.32
CA SER E 356 -50.94 -32.54 -10.91
C SER E 356 -50.74 -31.07 -10.56
N THR E 357 -51.80 -30.26 -10.64
CA THR E 357 -51.69 -28.85 -10.28
C THR E 357 -51.34 -28.68 -8.81
N LEU E 358 -51.96 -29.48 -7.94
CA LEU E 358 -51.68 -29.40 -6.50
C LEU E 358 -50.23 -29.77 -6.20
N LEU E 359 -49.71 -30.81 -6.85
CA LEU E 359 -48.33 -31.21 -6.60
C LEU E 359 -47.35 -30.17 -7.13
N SER E 360 -47.64 -29.58 -8.28
CA SER E 360 -46.78 -28.50 -8.79
C SER E 360 -46.77 -27.31 -7.84
N LEU E 361 -47.94 -26.93 -7.32
CA LEU E 361 -48.01 -25.82 -6.37
C LEU E 361 -47.28 -26.14 -5.08
N VAL E 362 -47.37 -27.38 -4.60
CA VAL E 362 -46.68 -27.78 -3.39
C VAL E 362 -45.17 -27.72 -3.57
N VAL E 363 -44.68 -28.19 -4.72
CA VAL E 363 -43.24 -28.14 -5.01
C VAL E 363 -42.76 -26.70 -5.08
N CYS E 364 -43.53 -25.82 -5.75
CA CYS E 364 -43.15 -24.41 -5.83
C CYS E 364 -43.14 -23.76 -4.45
N TRP E 365 -44.14 -24.07 -3.61
CA TRP E 365 -44.20 -23.50 -2.28
C TRP E 365 -43.03 -23.95 -1.42
N TYR E 366 -42.69 -25.24 -1.49
CA TYR E 366 -41.55 -25.75 -0.71
C TYR E 366 -40.24 -25.11 -1.17
N GLY E 367 -40.06 -24.97 -2.48
CA GLY E 367 -38.86 -24.32 -2.98
C GLY E 367 -38.75 -22.87 -2.54
N LEU E 368 -39.86 -22.14 -2.61
CA LEU E 368 -39.85 -20.74 -2.17
C LEU E 368 -39.58 -20.63 -0.67
N ALA E 369 -40.16 -21.53 0.13
CA ALA E 369 -39.95 -21.51 1.57
C ALA E 369 -38.49 -21.77 1.92
N LYS E 370 -37.87 -22.75 1.25
CA LYS E 370 -36.46 -23.02 1.55
C LYS E 370 -35.55 -21.91 1.02
N LEU E 371 -35.93 -21.27 -0.10
CA LEU E 371 -35.17 -20.12 -0.57
C LEU E 371 -35.22 -18.98 0.44
N ARG E 372 -36.40 -18.74 1.03
CA ARG E 372 -36.51 -17.72 2.08
C ARG E 372 -35.70 -18.12 3.31
N LYS E 373 -35.70 -19.40 3.67
CA LYS E 373 -35.02 -19.84 4.88
C LYS E 373 -33.50 -19.78 4.74
N VAL E 374 -32.98 -20.02 3.54
CA VAL E 374 -31.53 -20.08 3.36
C VAL E 374 -30.89 -18.70 3.56
N GLN E 375 -31.47 -17.68 2.95
CA GLN E 375 -30.88 -16.33 2.97
C GLN E 375 -31.34 -15.51 4.17
N ARG E 376 -31.77 -16.15 5.26
CA ARG E 376 -32.21 -15.39 6.42
C ARG E 376 -31.06 -14.72 7.13
N VAL E 377 -29.88 -15.33 7.12
CA VAL E 377 -28.71 -14.78 7.80
C VAL E 377 -28.20 -13.56 7.05
N1 LOP F . -44.96 -15.21 -7.05
C1 LOP F . -44.07 -14.64 -6.03
C2 LOP F . -42.65 -15.24 -6.20
O1 LOP F . -42.31 -15.32 -7.57
P1 LOP F . -41.80 -13.94 -8.34
O2 LOP F . -40.95 -14.32 -9.72
O3 LOP F . -40.92 -13.14 -7.41
O4 LOP F . -43.02 -13.12 -8.72
C3 LOP F . -40.90 -15.67 -10.17
C4 LOP F . -42.23 -16.06 -10.80
C5 LOP F . -42.13 -15.97 -12.34
O5 LOP F . -42.66 -17.33 -10.41
O6 LOP F . -42.77 -17.09 -12.91
C6 LOP F . -41.68 -18.36 -10.23
O7 LOP F . -41.04 -18.75 -11.14
C7 LOP F . -41.45 -18.97 -8.82
C8 LOP F . -42.66 -18.63 -7.89
C9 LOP F . -43.91 -19.46 -8.31
C10 LOP F . -45.19 -18.61 -8.06
C11 LOP F . -46.37 -19.16 -8.93
C12 LOP F . -47.65 -19.27 -8.05
C13 LOP F . -47.42 -20.33 -6.96
C14 LOP F . -47.65 -19.69 -5.57
C15 LOP F . -46.98 -20.33 -4.60
C16 LOP F . -46.55 -20.51 -3.13
C17 LOP F . -47.77 -20.99 -2.28
C18 LOP F . -48.54 -22.10 -3.03
C19 LOP F . -49.79 -22.48 -2.20
C20 LOP F . -49.39 -23.53 -1.10
C21 LOP F . -49.93 -24.93 -1.49
C22 LOP F . -51.46 -24.84 -1.79
C23 LOP F . -51.90 -26.06 -2.64
C24 LOP F . -44.17 -16.92 -13.15
O8 LOP F . -44.62 -15.83 -13.27
C25 LOP F . -45.09 -18.16 -13.27
C26 LOP F . -44.23 -19.42 -13.56
C27 LOP F . -45.14 -20.67 -13.54
C28 LOP F . -45.61 -20.97 -12.09
C29 LOP F . -45.14 -22.38 -11.65
C30 LOP F . -46.22 -23.43 -12.04
C31 LOP F . -47.57 -23.08 -11.33
C32 LOP F . -48.36 -24.38 -11.08
C33 LOP F . -49.14 -24.78 -12.35
C34 LOP F . -50.10 -23.63 -12.76
C35 LOP F . -50.88 -24.03 -14.02
MG MG G . -50.57 -40.31 -26.98
MG MG H . -41.22 -32.85 -21.99
MG MG I . -33.45 -26.66 -17.84
N1 LOP J . -37.53 -10.53 -28.01
C1 LOP J . -36.92 -9.44 -27.25
C2 LOP J . -36.31 -10.00 -25.94
O1 LOP J . -35.65 -11.23 -26.20
P1 LOP J . -34.14 -11.18 -26.90
O2 LOP J . -33.32 -12.61 -26.62
O3 LOP J . -33.35 -10.04 -26.29
O4 LOP J . -34.27 -10.96 -28.39
C3 LOP J . -34.00 -13.71 -26.05
C4 LOP J . -34.92 -14.34 -27.10
C5 LOP J . -34.26 -15.60 -27.70
O5 LOP J . -36.18 -14.67 -26.57
O6 LOP J . -35.21 -16.64 -27.80
C6 LOP J . -36.25 -15.14 -25.22
O7 LOP J . -35.77 -16.18 -24.92
C7 LOP J . -37.00 -14.31 -24.15
C8 LOP J . -37.92 -13.26 -24.83
C9 LOP J . -39.14 -13.96 -25.49
C10 LOP J . -39.55 -13.18 -26.79
C11 LOP J . -40.38 -14.11 -27.73
C12 LOP J . -41.62 -13.33 -28.25
C13 LOP J . -42.56 -13.00 -27.06
C14 LOP J . -42.78 -11.48 -27.01
C15 LOP J . -43.09 -11.06 -25.78
C16 LOP J . -43.45 -9.96 -24.74
C17 LOP J . -44.87 -9.41 -25.04
C18 LOP J . -45.86 -10.57 -25.33
C19 LOP J . -47.23 -9.98 -25.70
C20 LOP J . -48.03 -9.65 -24.40
C21 LOP J . -49.18 -10.69 -24.22
C22 LOP J . -50.03 -10.77 -25.52
C23 LOP J . -50.82 -12.11 -25.54
C24 LOP J . -35.94 -16.64 -29.03
O8 LOP J . -35.49 -16.10 -29.99
C25 LOP J . -37.32 -17.33 -29.10
C26 LOP J . -37.47 -18.31 -27.91
C27 LOP J . -38.91 -18.91 -27.91
C28 LOP J . -39.93 -17.79 -27.51
C29 LOP J . -40.69 -18.23 -26.22
C30 LOP J . -41.97 -19.03 -26.62
C31 LOP J . -42.89 -18.14 -27.51
C32 LOP J . -44.37 -18.57 -27.29
C33 LOP J . -44.69 -19.80 -28.18
C34 LOP J . -44.44 -19.43 -29.67
C35 LOP J . -44.77 -20.65 -30.56
N1 LOP K . -22.00 -26.22 -33.64
C1 LOP K . -21.16 -25.04 -33.45
C2 LOP K . -21.58 -24.29 -32.16
O1 LOP K . -21.85 -25.23 -31.13
P1 LOP K . -20.56 -25.90 -30.32
O2 LOP K . -21.04 -26.50 -28.84
O3 LOP K . -19.51 -24.83 -30.10
O4 LOP K . -19.98 -27.02 -31.14
C3 LOP K . -22.42 -26.56 -28.53
C4 LOP K . -23.08 -27.71 -29.29
C5 LOP K . -23.24 -28.93 -28.38
O5 LOP K . -24.33 -27.34 -29.84
O6 LOP K . -24.51 -29.51 -28.58
C6 LOP K . -25.16 -26.46 -29.07
O7 LOP K . -25.62 -26.80 -28.04
C7 LOP K . -25.50 -25.05 -29.63
C8 LOP K . -25.18 -24.99 -31.15
C9 LOP K . -26.22 -25.81 -31.97
C10 LOP K . -25.52 -26.46 -33.20
C11 LOP K . -26.35 -27.68 -33.71
C12 LOP K . -26.50 -27.61 -35.26
C13 LOP K . -27.33 -26.35 -35.64
C14 LOP K . -26.50 -25.47 -36.60
C15 LOP K . -26.87 -24.18 -36.54
C16 LOP K . -26.76 -22.71 -36.97
C17 LOP K . -27.24 -22.54 -38.43
C18 LOP K . -28.56 -23.32 -38.66
C19 LOP K . -28.97 -23.22 -40.15
C20 LOP K . -29.75 -21.89 -40.38
C21 LOP K . -31.26 -22.20 -40.59
C22 LOP K . -31.42 -23.27 -41.72
C23 LOP K . -32.80 -23.95 -41.59
C24 LOP K . -24.57 -30.48 -29.62
O8 LOP K . -23.58 -31.04 -29.97
C25 LOP K . -25.92 -30.80 -30.30
C26 LOP K . -27.09 -30.32 -29.40
C27 LOP K . -28.43 -30.52 -30.14
C28 LOP K . -28.54 -29.51 -31.32
C29 LOP K . -29.80 -28.61 -31.12
C30 LOP K . -31.02 -29.27 -31.80
C31 LOP K . -30.75 -29.47 -33.33
C32 LOP K . -32.09 -29.40 -34.11
C33 LOP K . -32.79 -30.78 -34.05
C34 LOP K . -31.86 -31.85 -34.67
C35 LOP K . -32.56 -33.22 -34.63
N1 LOP L . -19.87 -40.57 -16.14
C1 LOP L . -18.61 -39.83 -16.07
C2 LOP L . -18.87 -38.33 -16.24
O1 LOP L . -20.03 -37.94 -15.51
P1 LOP L . -19.88 -37.73 -13.87
O2 LOP L . -21.13 -36.78 -13.29
O3 LOP L . -18.56 -37.05 -13.57
O4 LOP L . -19.93 -39.07 -13.17
C3 LOP L . -22.20 -36.43 -14.16
C4 LOP L . -23.12 -37.64 -14.35
C5 LOP L . -24.35 -37.52 -13.42
O5 LOP L . -23.52 -37.79 -15.68
O6 LOP L . -25.51 -37.90 -14.15
C6 LOP L . -23.77 -36.62 -16.46
O7 LOP L . -24.66 -35.90 -16.18
C7 LOP L . -22.88 -36.30 -17.69
C8 LOP L . -22.09 -37.57 -18.12
C9 LOP L . -23.04 -38.62 -18.78
C10 LOP L . -22.55 -40.06 -18.42
C11 LOP L . -23.72 -41.07 -18.61
C12 LOP L . -23.21 -42.32 -19.38
C13 LOP L . -22.82 -41.90 -20.81
C14 LOP L . -21.34 -42.29 -21.08
C15 LOP L . -20.79 -41.52 -22.01
C16 LOP L . -19.59 -41.09 -22.90
C17 LOP L . -19.27 -42.20 -23.94
C18 LOP L . -20.59 -42.70 -24.59
C19 LOP L . -20.27 -43.87 -25.56
C20 LOP L . -19.85 -43.28 -26.94
C21 LOP L . -20.98 -43.51 -27.98
C22 LOP L . -21.38 -45.01 -28.00
C23 LOP L . -22.79 -45.16 -28.60
C24 LOP L . -25.81 -39.30 -14.10
O8 LOP L . -25.38 -39.96 -13.22
C25 LOP L . -26.68 -39.93 -15.21
C26 LOP L . -27.47 -38.82 -15.96
C27 LOP L . -28.23 -39.44 -17.16
C28 LOP L . -27.23 -39.88 -18.26
C29 LOP L . -27.55 -39.13 -19.58
C30 LOP L . -28.56 -39.97 -20.42
C31 LOP L . -27.96 -41.37 -20.74
C32 LOP L . -28.54 -41.87 -22.08
C33 LOP L . -29.92 -42.52 -21.84
C34 LOP L . -29.78 -43.69 -20.84
C35 LOP L . -31.16 -44.34 -20.62
N1 LOP M . -34.07 -33.79 0.30
C1 LOP M . -32.78 -33.43 0.88
C2 LOP M . -31.89 -32.75 -0.19
O1 LOP M . -32.68 -31.84 -0.94
P1 LOP M . -33.03 -30.36 -0.29
O2 LOP M . -33.44 -29.27 -1.48
O3 LOP M . -31.81 -29.84 0.46
O4 LOP M . -34.18 -30.50 0.68
C3 LOP M . -33.62 -29.71 -2.81
C4 LOP M . -34.96 -30.45 -2.92
C5 LOP M . -36.04 -29.53 -3.53
O5 LOP M . -34.86 -31.63 -3.69
O6 LOP M . -36.80 -30.24 -4.47
C6 LOP M . -33.98 -31.63 -4.81
O7 LOP M . -34.20 -30.95 -5.75
C7 LOP M . -32.74 -32.57 -4.83
C8 LOP M . -32.89 -33.67 -3.74
C9 LOP M . -33.97 -34.70 -4.16
C10 LOP M . -34.70 -35.22 -2.89
C11 LOP M . -36.09 -35.82 -3.29
C12 LOP M . -36.30 -37.19 -2.57
C13 LOP M . -35.24 -38.20 -3.09
C14 LOP M . -34.43 -38.74 -1.90
C15 LOP M . -33.21 -39.16 -2.27
C16 LOP M . -31.83 -39.77 -1.98
C17 LOP M . -31.97 -41.26 -1.59
C18 LOP M . -32.95 -41.97 -2.56
C19 LOP M . -33.15 -43.44 -2.09
C20 LOP M . -31.99 -44.31 -2.66
C21 LOP M . -32.52 -45.22 -3.81
C22 LOP M . -33.77 -46.01 -3.31
C23 LOP M . -34.60 -46.49 -4.53
C24 LOP M . -37.92 -30.92 -3.93
O8 LOP M . -38.39 -30.57 -2.90
C25 LOP M . -38.52 -32.13 -4.69
C26 LOP M . -38.07 -32.10 -6.17
C27 LOP M . -38.56 -33.38 -6.90
C28 LOP M . -37.78 -34.62 -6.37
C29 LOP M . -37.03 -35.30 -7.56
C30 LOP M . -37.96 -36.37 -8.20
C31 LOP M . -38.36 -37.44 -7.14
C32 LOP M . -38.60 -38.80 -7.85
C33 LOP M . -40.04 -38.83 -8.43
C34 LOP M . -41.06 -38.63 -7.29
C35 LOP M . -42.49 -38.67 -7.87
#